data_4PXJ
# 
_entry.id   4PXJ 
# 
_audit_conform.dict_name       mmcif_pdbx.dic 
_audit_conform.dict_version    5.387 
_audit_conform.dict_location   http://mmcif.pdb.org/dictionaries/ascii/mmcif_pdbx.dic 
# 
loop_
_database_2.database_id 
_database_2.database_code 
_database_2.pdbx_database_accession 
_database_2.pdbx_DOI 
PDB   4PXJ         pdb_00004pxj 10.2210/pdb4pxj/pdb 
RCSB  RCSB085343   ?            ?                   
WWPDB D_1000085343 ?            ?                   
# 
loop_
_pdbx_audit_revision_history.ordinal 
_pdbx_audit_revision_history.data_content_type 
_pdbx_audit_revision_history.major_revision 
_pdbx_audit_revision_history.minor_revision 
_pdbx_audit_revision_history.revision_date 
1 'Structure model' 1 0 2015-06-10 
2 'Structure model' 1 1 2016-07-20 
3 'Structure model' 1 2 2018-01-24 
4 'Structure model' 1 3 2024-02-28 
# 
_pdbx_audit_revision_details.ordinal             1 
_pdbx_audit_revision_details.revision_ordinal    1 
_pdbx_audit_revision_details.data_content_type   'Structure model' 
_pdbx_audit_revision_details.provider            repository 
_pdbx_audit_revision_details.type                'Initial release' 
_pdbx_audit_revision_details.description         ? 
_pdbx_audit_revision_details.details             ? 
# 
loop_
_pdbx_audit_revision_group.ordinal 
_pdbx_audit_revision_group.revision_ordinal 
_pdbx_audit_revision_group.data_content_type 
_pdbx_audit_revision_group.group 
1 2 'Structure model' 'Database references'  
2 3 'Structure model' 'Structure summary'    
3 4 'Structure model' 'Data collection'      
4 4 'Structure model' 'Database references'  
5 4 'Structure model' 'Derived calculations' 
# 
loop_
_pdbx_audit_revision_category.ordinal 
_pdbx_audit_revision_category.revision_ordinal 
_pdbx_audit_revision_category.data_content_type 
_pdbx_audit_revision_category.category 
1 3 'Structure model' audit_author       
2 4 'Structure model' chem_comp_atom     
3 4 'Structure model' chem_comp_bond     
4 4 'Structure model' database_2         
5 4 'Structure model' struct_ref_seq_dif 
6 4 'Structure model' struct_site        
# 
loop_
_pdbx_audit_revision_item.ordinal 
_pdbx_audit_revision_item.revision_ordinal 
_pdbx_audit_revision_item.data_content_type 
_pdbx_audit_revision_item.item 
1 3 'Structure model' '_audit_author.name'                  
2 4 'Structure model' '_database_2.pdbx_DOI'                
3 4 'Structure model' '_database_2.pdbx_database_accession' 
4 4 'Structure model' '_struct_ref_seq_dif.details'         
5 4 'Structure model' '_struct_site.pdbx_auth_asym_id'      
6 4 'Structure model' '_struct_site.pdbx_auth_comp_id'      
7 4 'Structure model' '_struct_site.pdbx_auth_seq_id'       
# 
_pdbx_database_status.entry_id                        4PXJ 
_pdbx_database_status.status_code                     REL 
_pdbx_database_status.deposit_site                    RCSB 
_pdbx_database_status.process_site                    RCSB 
_pdbx_database_status.recvd_initial_deposition_date   2014-03-24 
_pdbx_database_status.status_code_sf                  REL 
_pdbx_database_status.status_code_mr                  ? 
_pdbx_database_status.SG_entry                        ? 
_pdbx_database_status.status_code_cs                  ? 
_pdbx_database_status.methods_development_category    ? 
_pdbx_database_status.pdb_format_compatible           Y 
_pdbx_database_status.status_code_nmr_data            ? 
# 
loop_
_audit_author.name 
_audit_author.pdbx_ordinal 
'Llinas, P.'   1 
'Menetrey, J.' 2 
# 
_citation.id                        primary 
_citation.title                     
'Structure of a truncated form of leucine zipper II of JIP3 reveals an unexpected antiparallel coiled-coil arrangement.' 
_citation.journal_abbrev            'Acta Crystallogr F Struct Biol Commun' 
_citation.journal_volume            72 
_citation.page_first                198 
_citation.page_last                 206 
_citation.year                      2016 
_citation.journal_id_ASTM           ? 
_citation.country                   ? 
_citation.journal_id_ISSN           ? 
_citation.journal_id_CSD            0353 
_citation.book_publisher            ? 
_citation.pdbx_database_id_PubMed   26919523 
_citation.pdbx_database_id_DOI      10.1107/S2053230X16001576 
# 
loop_
_citation_author.citation_id 
_citation_author.name 
_citation_author.ordinal 
_citation_author.identifier_ORCID 
primary 'Llinas, P.'      1  ? 
primary 'Chenon, M.'      2  ? 
primary 'Nguyen, T.Q.'    3  ? 
primary 'Moreira, C.'     4  ? 
primary 'de Regibus, A.'  5  ? 
primary 'Coquard, A.'     6  ? 
primary 'Ramos, M.J.'     7  ? 
primary 'Guerois, R.'     8  ? 
primary 'Fernandes, P.A.' 9  ? 
primary 'Menetrey, J.'    10 ? 
# 
loop_
_entity.id 
_entity.type 
_entity.src_method 
_entity.pdbx_description 
_entity.formula_weight 
_entity.pdbx_number_of_molecules 
_entity.pdbx_ec 
_entity.pdbx_mutation 
_entity.pdbx_fragment 
_entity.details 
1 polymer     man 'C-Jun-amino-terminal kinase-interacting protein 3' 6887.882 3   ? ? 'Leucine zipper II fragment' ? 
2 non-polymer syn 'SULFATE ION'                                       96.063   2   ? ? ?                            ? 
3 non-polymer syn 1,2-ETHANEDIOL                                      62.068   4   ? ? ?                            ? 
4 non-polymer syn GUANIDINE                                           59.070   2   ? ? ?                            ? 
5 water       nat water                                               18.015   207 ? ? ?                            ? 
# 
_entity_name_com.entity_id   1 
_entity_name_com.name        
'JIP-3, JNK-interacting protein 3, JNK MAP kinase scaffold protein 3, Mitogen-activated protein kinase 8-interacting protein 3' 
# 
_entity_poly.entity_id                      1 
_entity_poly.type                           'polypeptide(L)' 
_entity_poly.nstd_linkage                   no 
_entity_poly.nstd_monomer                   no 
_entity_poly.pdbx_seq_one_letter_code       GAMDPEFTKNALNVVKNDLIAKVDQLSGEQEVLRGELEAAKQAKVKLENRIKELEEELKRV 
_entity_poly.pdbx_seq_one_letter_code_can   GAMDPEFTKNALNVVKNDLIAKVDQLSGEQEVLRGELEAAKQAKVKLENRIKELEEELKRV 
_entity_poly.pdbx_strand_id                 A,B,C 
_entity_poly.pdbx_target_identifier         ? 
# 
loop_
_pdbx_entity_nonpoly.entity_id 
_pdbx_entity_nonpoly.name 
_pdbx_entity_nonpoly.comp_id 
2 'SULFATE ION'  SO4 
3 1,2-ETHANEDIOL EDO 
4 GUANIDINE      GAI 
5 water          HOH 
# 
loop_
_entity_poly_seq.entity_id 
_entity_poly_seq.num 
_entity_poly_seq.mon_id 
_entity_poly_seq.hetero 
1 1  GLY n 
1 2  ALA n 
1 3  MET n 
1 4  ASP n 
1 5  PRO n 
1 6  GLU n 
1 7  PHE n 
1 8  THR n 
1 9  LYS n 
1 10 ASN n 
1 11 ALA n 
1 12 LEU n 
1 13 ASN n 
1 14 VAL n 
1 15 VAL n 
1 16 LYS n 
1 17 ASN n 
1 18 ASP n 
1 19 LEU n 
1 20 ILE n 
1 21 ALA n 
1 22 LYS n 
1 23 VAL n 
1 24 ASP n 
1 25 GLN n 
1 26 LEU n 
1 27 SER n 
1 28 GLY n 
1 29 GLU n 
1 30 GLN n 
1 31 GLU n 
1 32 VAL n 
1 33 LEU n 
1 34 ARG n 
1 35 GLY n 
1 36 GLU n 
1 37 LEU n 
1 38 GLU n 
1 39 ALA n 
1 40 ALA n 
1 41 LYS n 
1 42 GLN n 
1 43 ALA n 
1 44 LYS n 
1 45 VAL n 
1 46 LYS n 
1 47 LEU n 
1 48 GLU n 
1 49 ASN n 
1 50 ARG n 
1 51 ILE n 
1 52 LYS n 
1 53 GLU n 
1 54 LEU n 
1 55 GLU n 
1 56 GLU n 
1 57 GLU n 
1 58 LEU n 
1 59 LYS n 
1 60 ARG n 
1 61 VAL n 
# 
_entity_src_gen.entity_id                          1 
_entity_src_gen.pdbx_src_id                        1 
_entity_src_gen.pdbx_alt_source_flag               sample 
_entity_src_gen.pdbx_seq_type                      ? 
_entity_src_gen.pdbx_beg_seq_num                   ? 
_entity_src_gen.pdbx_end_seq_num                   ? 
_entity_src_gen.gene_src_common_name               human 
_entity_src_gen.gene_src_genus                     ? 
_entity_src_gen.pdbx_gene_src_gene                 'MAPK8IP3, JIP3, KIAA1066' 
_entity_src_gen.gene_src_species                   ? 
_entity_src_gen.gene_src_strain                    ? 
_entity_src_gen.gene_src_tissue                    ? 
_entity_src_gen.gene_src_tissue_fraction           ? 
_entity_src_gen.gene_src_details                   ? 
_entity_src_gen.pdbx_gene_src_fragment             ? 
_entity_src_gen.pdbx_gene_src_scientific_name      'Homo sapiens' 
_entity_src_gen.pdbx_gene_src_ncbi_taxonomy_id     9606 
_entity_src_gen.pdbx_gene_src_variant              ? 
_entity_src_gen.pdbx_gene_src_cell_line            ? 
_entity_src_gen.pdbx_gene_src_atcc                 ? 
_entity_src_gen.pdbx_gene_src_organ                ? 
_entity_src_gen.pdbx_gene_src_organelle            ? 
_entity_src_gen.pdbx_gene_src_cell                 ? 
_entity_src_gen.pdbx_gene_src_cellular_location    ? 
_entity_src_gen.host_org_common_name               ? 
_entity_src_gen.pdbx_host_org_scientific_name      'Escherichia coli' 
_entity_src_gen.pdbx_host_org_ncbi_taxonomy_id     469008 
_entity_src_gen.host_org_genus                     ? 
_entity_src_gen.pdbx_host_org_gene                 ? 
_entity_src_gen.pdbx_host_org_organ                ? 
_entity_src_gen.host_org_species                   ? 
_entity_src_gen.pdbx_host_org_tissue               ? 
_entity_src_gen.pdbx_host_org_tissue_fraction      ? 
_entity_src_gen.pdbx_host_org_strain               'BL21(DE3)' 
_entity_src_gen.pdbx_host_org_variant              ? 
_entity_src_gen.pdbx_host_org_cell_line            ? 
_entity_src_gen.pdbx_host_org_atcc                 ? 
_entity_src_gen.pdbx_host_org_culture_collection   ? 
_entity_src_gen.pdbx_host_org_cell                 ? 
_entity_src_gen.pdbx_host_org_organelle            ? 
_entity_src_gen.pdbx_host_org_cellular_location    ? 
_entity_src_gen.pdbx_host_org_vector_type          plasmid 
_entity_src_gen.pdbx_host_org_vector               ? 
_entity_src_gen.host_org_details                   ? 
_entity_src_gen.expression_system_id               ? 
_entity_src_gen.plasmid_name                       pGST//1 
_entity_src_gen.plasmid_details                    ? 
_entity_src_gen.pdbx_description                   ? 
# 
loop_
_chem_comp.id 
_chem_comp.type 
_chem_comp.mon_nstd_flag 
_chem_comp.name 
_chem_comp.pdbx_synonyms 
_chem_comp.formula 
_chem_comp.formula_weight 
ALA 'L-peptide linking' y ALANINE         ?                 'C3 H7 N O2'     89.093  
ARG 'L-peptide linking' y ARGININE        ?                 'C6 H15 N4 O2 1' 175.209 
ASN 'L-peptide linking' y ASPARAGINE      ?                 'C4 H8 N2 O3'    132.118 
ASP 'L-peptide linking' y 'ASPARTIC ACID' ?                 'C4 H7 N O4'     133.103 
EDO non-polymer         . 1,2-ETHANEDIOL  'ETHYLENE GLYCOL' 'C2 H6 O2'       62.068  
GAI non-polymer         . GUANIDINE       ?                 'C H5 N3'        59.070  
GLN 'L-peptide linking' y GLUTAMINE       ?                 'C5 H10 N2 O3'   146.144 
GLU 'L-peptide linking' y 'GLUTAMIC ACID' ?                 'C5 H9 N O4'     147.129 
GLY 'peptide linking'   y GLYCINE         ?                 'C2 H5 N O2'     75.067  
HOH non-polymer         . WATER           ?                 'H2 O'           18.015  
ILE 'L-peptide linking' y ISOLEUCINE      ?                 'C6 H13 N O2'    131.173 
LEU 'L-peptide linking' y LEUCINE         ?                 'C6 H13 N O2'    131.173 
LYS 'L-peptide linking' y LYSINE          ?                 'C6 H15 N2 O2 1' 147.195 
MET 'L-peptide linking' y METHIONINE      ?                 'C5 H11 N O2 S'  149.211 
PHE 'L-peptide linking' y PHENYLALANINE   ?                 'C9 H11 N O2'    165.189 
PRO 'L-peptide linking' y PROLINE         ?                 'C5 H9 N O2'     115.130 
SER 'L-peptide linking' y SERINE          ?                 'C3 H7 N O3'     105.093 
SO4 non-polymer         . 'SULFATE ION'   ?                 'O4 S -2'        96.063  
THR 'L-peptide linking' y THREONINE       ?                 'C4 H9 N O3'     119.119 
VAL 'L-peptide linking' y VALINE          ?                 'C5 H11 N O2'    117.146 
# 
loop_
_pdbx_poly_seq_scheme.asym_id 
_pdbx_poly_seq_scheme.entity_id 
_pdbx_poly_seq_scheme.seq_id 
_pdbx_poly_seq_scheme.mon_id 
_pdbx_poly_seq_scheme.ndb_seq_num 
_pdbx_poly_seq_scheme.pdb_seq_num 
_pdbx_poly_seq_scheme.auth_seq_num 
_pdbx_poly_seq_scheme.pdb_mon_id 
_pdbx_poly_seq_scheme.auth_mon_id 
_pdbx_poly_seq_scheme.pdb_strand_id 
_pdbx_poly_seq_scheme.pdb_ins_code 
_pdbx_poly_seq_scheme.hetero 
A 1 1  GLY 1  426 ?   ?   ?   A . n 
A 1 2  ALA 2  427 ?   ?   ?   A . n 
A 1 3  MET 3  428 ?   ?   ?   A . n 
A 1 4  ASP 4  429 ?   ?   ?   A . n 
A 1 5  PRO 5  430 430 PRO PRO A . n 
A 1 6  GLU 6  431 431 GLU GLU A . n 
A 1 7  PHE 7  432 432 PHE PHE A . n 
A 1 8  THR 8  433 433 THR THR A . n 
A 1 9  LYS 9  434 434 LYS LYS A . n 
A 1 10 ASN 10 435 435 ASN ASN A . n 
A 1 11 ALA 11 436 436 ALA ALA A . n 
A 1 12 LEU 12 437 437 LEU LEU A . n 
A 1 13 ASN 13 438 438 ASN ASN A . n 
A 1 14 VAL 14 439 439 VAL VAL A . n 
A 1 15 VAL 15 440 440 VAL VAL A . n 
A 1 16 LYS 16 441 441 LYS LYS A . n 
A 1 17 ASN 17 442 442 ASN ASN A . n 
A 1 18 ASP 18 443 443 ASP ASP A . n 
A 1 19 LEU 19 444 444 LEU LEU A . n 
A 1 20 ILE 20 445 445 ILE ILE A . n 
A 1 21 ALA 21 446 446 ALA ALA A . n 
A 1 22 LYS 22 447 447 LYS LYS A . n 
A 1 23 VAL 23 448 448 VAL VAL A . n 
A 1 24 ASP 24 449 449 ASP ASP A . n 
A 1 25 GLN 25 450 450 GLN GLN A . n 
A 1 26 LEU 26 451 451 LEU LEU A . n 
A 1 27 SER 27 452 452 SER SER A . n 
A 1 28 GLY 28 453 453 GLY GLY A . n 
A 1 29 GLU 29 454 454 GLU GLU A . n 
A 1 30 GLN 30 455 455 GLN GLN A . n 
A 1 31 GLU 31 456 456 GLU GLU A . n 
A 1 32 VAL 32 457 457 VAL VAL A . n 
A 1 33 LEU 33 458 458 LEU LEU A . n 
A 1 34 ARG 34 459 459 ARG ARG A . n 
A 1 35 GLY 35 460 460 GLY GLY A . n 
A 1 36 GLU 36 461 461 GLU GLU A . n 
A 1 37 LEU 37 462 462 LEU LEU A . n 
A 1 38 GLU 38 463 463 GLU GLU A . n 
A 1 39 ALA 39 464 464 ALA ALA A . n 
A 1 40 ALA 40 465 465 ALA ALA A . n 
A 1 41 LYS 41 466 466 LYS LYS A . n 
A 1 42 GLN 42 467 467 GLN GLN A . n 
A 1 43 ALA 43 468 468 ALA ALA A . n 
A 1 44 LYS 44 469 469 LYS LYS A . n 
A 1 45 VAL 45 470 470 VAL VAL A . n 
A 1 46 LYS 46 471 471 LYS LYS A . n 
A 1 47 LEU 47 472 472 LEU LEU A . n 
A 1 48 GLU 48 473 473 GLU GLU A . n 
A 1 49 ASN 49 474 474 ASN ASN A . n 
A 1 50 ARG 50 475 475 ARG ARG A . n 
A 1 51 ILE 51 476 476 ILE ILE A . n 
A 1 52 LYS 52 477 477 LYS LYS A . n 
A 1 53 GLU 53 478 478 GLU GLU A . n 
A 1 54 LEU 54 479 479 LEU LEU A . n 
A 1 55 GLU 55 480 480 GLU GLU A . n 
A 1 56 GLU 56 481 481 GLU GLU A . n 
A 1 57 GLU 57 482 482 GLU GLU A . n 
A 1 58 LEU 58 483 483 LEU LEU A . n 
A 1 59 LYS 59 484 484 LYS LYS A . n 
A 1 60 ARG 60 485 485 ARG ARG A . n 
A 1 61 VAL 61 486 ?   ?   ?   A . n 
B 1 1  GLY 1  426 ?   ?   ?   B . n 
B 1 2  ALA 2  427 ?   ?   ?   B . n 
B 1 3  MET 3  428 ?   ?   ?   B . n 
B 1 4  ASP 4  429 ?   ?   ?   B . n 
B 1 5  PRO 5  430 430 PRO PRO B . n 
B 1 6  GLU 6  431 431 GLU GLU B . n 
B 1 7  PHE 7  432 432 PHE PHE B . n 
B 1 8  THR 8  433 433 THR THR B . n 
B 1 9  LYS 9  434 434 LYS LYS B . n 
B 1 10 ASN 10 435 435 ASN ASN B . n 
B 1 11 ALA 11 436 436 ALA ALA B . n 
B 1 12 LEU 12 437 437 LEU LEU B . n 
B 1 13 ASN 13 438 438 ASN ASN B . n 
B 1 14 VAL 14 439 439 VAL VAL B . n 
B 1 15 VAL 15 440 440 VAL VAL B . n 
B 1 16 LYS 16 441 441 LYS LYS B . n 
B 1 17 ASN 17 442 442 ASN ASN B . n 
B 1 18 ASP 18 443 443 ASP ASP B . n 
B 1 19 LEU 19 444 444 LEU LEU B . n 
B 1 20 ILE 20 445 445 ILE ILE B . n 
B 1 21 ALA 21 446 446 ALA ALA B . n 
B 1 22 LYS 22 447 447 LYS LYS B . n 
B 1 23 VAL 23 448 448 VAL VAL B . n 
B 1 24 ASP 24 449 449 ASP ASP B . n 
B 1 25 GLN 25 450 450 GLN GLN B . n 
B 1 26 LEU 26 451 451 LEU LEU B . n 
B 1 27 SER 27 452 452 SER SER B . n 
B 1 28 GLY 28 453 453 GLY GLY B . n 
B 1 29 GLU 29 454 454 GLU GLU B . n 
B 1 30 GLN 30 455 455 GLN GLN B . n 
B 1 31 GLU 31 456 456 GLU GLU B . n 
B 1 32 VAL 32 457 457 VAL VAL B . n 
B 1 33 LEU 33 458 458 LEU LEU B . n 
B 1 34 ARG 34 459 459 ARG ARG B . n 
B 1 35 GLY 35 460 460 GLY GLY B . n 
B 1 36 GLU 36 461 461 GLU GLU B . n 
B 1 37 LEU 37 462 462 LEU LEU B . n 
B 1 38 GLU 38 463 463 GLU GLU B . n 
B 1 39 ALA 39 464 464 ALA ALA B . n 
B 1 40 ALA 40 465 465 ALA ALA B . n 
B 1 41 LYS 41 466 466 LYS LYS B . n 
B 1 42 GLN 42 467 467 GLN GLN B . n 
B 1 43 ALA 43 468 468 ALA ALA B . n 
B 1 44 LYS 44 469 469 LYS LYS B . n 
B 1 45 VAL 45 470 470 VAL VAL B . n 
B 1 46 LYS 46 471 471 LYS LYS B . n 
B 1 47 LEU 47 472 472 LEU LEU B . n 
B 1 48 GLU 48 473 473 GLU GLU B . n 
B 1 49 ASN 49 474 474 ASN ASN B . n 
B 1 50 ARG 50 475 475 ARG ARG B . n 
B 1 51 ILE 51 476 476 ILE ILE B . n 
B 1 52 LYS 52 477 477 LYS LYS B . n 
B 1 53 GLU 53 478 478 GLU GLU B . n 
B 1 54 LEU 54 479 479 LEU LEU B . n 
B 1 55 GLU 55 480 480 GLU GLU B . n 
B 1 56 GLU 56 481 481 GLU GLU B . n 
B 1 57 GLU 57 482 482 GLU GLU B . n 
B 1 58 LEU 58 483 483 LEU LEU B . n 
B 1 59 LYS 59 484 484 LYS LYS B . n 
B 1 60 ARG 60 485 485 ARG ARG B . n 
B 1 61 VAL 61 486 486 VAL VAL B . n 
C 1 1  GLY 1  426 426 GLY GLY C . n 
C 1 2  ALA 2  427 427 ALA ALA C . n 
C 1 3  MET 3  428 428 MET MET C . n 
C 1 4  ASP 4  429 429 ASP ASP C . n 
C 1 5  PRO 5  430 430 PRO PRO C . n 
C 1 6  GLU 6  431 431 GLU GLU C . n 
C 1 7  PHE 7  432 432 PHE PHE C . n 
C 1 8  THR 8  433 433 THR THR C . n 
C 1 9  LYS 9  434 434 LYS LYS C . n 
C 1 10 ASN 10 435 435 ASN ASN C . n 
C 1 11 ALA 11 436 436 ALA ALA C . n 
C 1 12 LEU 12 437 437 LEU LEU C . n 
C 1 13 ASN 13 438 438 ASN ASN C . n 
C 1 14 VAL 14 439 439 VAL VAL C . n 
C 1 15 VAL 15 440 440 VAL VAL C . n 
C 1 16 LYS 16 441 441 LYS LYS C . n 
C 1 17 ASN 17 442 442 ASN ASN C . n 
C 1 18 ASP 18 443 443 ASP ASP C . n 
C 1 19 LEU 19 444 444 LEU LEU C . n 
C 1 20 ILE 20 445 445 ILE ILE C . n 
C 1 21 ALA 21 446 446 ALA ALA C . n 
C 1 22 LYS 22 447 447 LYS LYS C . n 
C 1 23 VAL 23 448 448 VAL VAL C . n 
C 1 24 ASP 24 449 449 ASP ASP C . n 
C 1 25 GLN 25 450 450 GLN GLN C . n 
C 1 26 LEU 26 451 451 LEU LEU C . n 
C 1 27 SER 27 452 452 SER SER C . n 
C 1 28 GLY 28 453 453 GLY GLY C . n 
C 1 29 GLU 29 454 454 GLU GLU C . n 
C 1 30 GLN 30 455 455 GLN GLN C . n 
C 1 31 GLU 31 456 456 GLU GLU C . n 
C 1 32 VAL 32 457 457 VAL VAL C . n 
C 1 33 LEU 33 458 458 LEU LEU C . n 
C 1 34 ARG 34 459 459 ARG ARG C . n 
C 1 35 GLY 35 460 460 GLY GLY C . n 
C 1 36 GLU 36 461 461 GLU GLU C . n 
C 1 37 LEU 37 462 462 LEU LEU C . n 
C 1 38 GLU 38 463 463 GLU GLU C . n 
C 1 39 ALA 39 464 464 ALA ALA C . n 
C 1 40 ALA 40 465 465 ALA ALA C . n 
C 1 41 LYS 41 466 466 LYS LYS C . n 
C 1 42 GLN 42 467 467 GLN GLN C . n 
C 1 43 ALA 43 468 468 ALA ALA C . n 
C 1 44 LYS 44 469 469 LYS LYS C . n 
C 1 45 VAL 45 470 470 VAL VAL C . n 
C 1 46 LYS 46 471 471 LYS LYS C . n 
C 1 47 LEU 47 472 472 LEU LEU C . n 
C 1 48 GLU 48 473 473 GLU GLU C . n 
C 1 49 ASN 49 474 474 ASN ASN C . n 
C 1 50 ARG 50 475 475 ARG ARG C . n 
C 1 51 ILE 51 476 476 ILE ILE C . n 
C 1 52 LYS 52 477 477 LYS LYS C . n 
C 1 53 GLU 53 478 478 GLU GLU C . n 
C 1 54 LEU 54 479 479 LEU LEU C . n 
C 1 55 GLU 55 480 480 GLU GLU C . n 
C 1 56 GLU 56 481 481 GLU GLU C . n 
C 1 57 GLU 57 482 482 GLU GLU C . n 
C 1 58 LEU 58 483 483 LEU LEU C . n 
C 1 59 LYS 59 484 484 LYS LYS C . n 
C 1 60 ARG 60 485 485 ARG ARG C . n 
C 1 61 VAL 61 486 486 VAL VAL C . n 
# 
loop_
_pdbx_nonpoly_scheme.asym_id 
_pdbx_nonpoly_scheme.entity_id 
_pdbx_nonpoly_scheme.mon_id 
_pdbx_nonpoly_scheme.ndb_seq_num 
_pdbx_nonpoly_scheme.pdb_seq_num 
_pdbx_nonpoly_scheme.auth_seq_num 
_pdbx_nonpoly_scheme.pdb_mon_id 
_pdbx_nonpoly_scheme.auth_mon_id 
_pdbx_nonpoly_scheme.pdb_strand_id 
_pdbx_nonpoly_scheme.pdb_ins_code 
D 2 SO4 1  501 1   SO4 SO4 A . 
E 3 EDO 1  502 1   EDO EDO A . 
F 3 EDO 1  503 3   EDO EDO A . 
G 3 EDO 1  504 4   EDO EDO A . 
H 4 GAI 1  501 1   GAI GAI B . 
I 4 GAI 1  502 2   GAI GAI B . 
J 3 EDO 1  503 2   EDO EDO B . 
K 2 SO4 1  501 2   SO4 SO4 C . 
L 5 HOH 1  601 1   HOH HOH A . 
L 5 HOH 2  602 5   HOH HOH A . 
L 5 HOH 3  603 7   HOH HOH A . 
L 5 HOH 4  604 13  HOH HOH A . 
L 5 HOH 5  605 14  HOH HOH A . 
L 5 HOH 6  606 16  HOH HOH A . 
L 5 HOH 7  607 21  HOH HOH A . 
L 5 HOH 8  608 22  HOH HOH A . 
L 5 HOH 9  609 23  HOH HOH A . 
L 5 HOH 10 610 25  HOH HOH A . 
L 5 HOH 11 611 29  HOH HOH A . 
L 5 HOH 12 612 33  HOH HOH A . 
L 5 HOH 13 613 35  HOH HOH A . 
L 5 HOH 14 614 38  HOH HOH A . 
L 5 HOH 15 615 39  HOH HOH A . 
L 5 HOH 16 616 41  HOH HOH A . 
L 5 HOH 17 617 42  HOH HOH A . 
L 5 HOH 18 618 44  HOH HOH A . 
L 5 HOH 19 619 45  HOH HOH A . 
L 5 HOH 20 620 48  HOH HOH A . 
L 5 HOH 21 621 51  HOH HOH A . 
L 5 HOH 22 622 52  HOH HOH A . 
L 5 HOH 23 623 56  HOH HOH A . 
L 5 HOH 24 624 65  HOH HOH A . 
L 5 HOH 25 625 74  HOH HOH A . 
L 5 HOH 26 626 84  HOH HOH A . 
L 5 HOH 27 627 85  HOH HOH A . 
L 5 HOH 28 628 86  HOH HOH A . 
L 5 HOH 29 629 88  HOH HOH A . 
L 5 HOH 30 630 93  HOH HOH A . 
L 5 HOH 31 631 99  HOH HOH A . 
L 5 HOH 32 632 101 HOH HOH A . 
L 5 HOH 33 633 104 HOH HOH A . 
L 5 HOH 34 634 106 HOH HOH A . 
L 5 HOH 35 635 111 HOH HOH A . 
L 5 HOH 36 636 114 HOH HOH A . 
L 5 HOH 37 637 115 HOH HOH A . 
L 5 HOH 38 638 120 HOH HOH A . 
L 5 HOH 39 639 123 HOH HOH A . 
L 5 HOH 40 640 125 HOH HOH A . 
L 5 HOH 41 641 127 HOH HOH A . 
L 5 HOH 42 642 131 HOH HOH A . 
L 5 HOH 43 643 138 HOH HOH A . 
L 5 HOH 44 644 139 HOH HOH A . 
L 5 HOH 45 645 140 HOH HOH A . 
L 5 HOH 46 646 144 HOH HOH A . 
L 5 HOH 47 647 149 HOH HOH A . 
L 5 HOH 48 648 150 HOH HOH A . 
L 5 HOH 49 649 160 HOH HOH A . 
L 5 HOH 50 650 161 HOH HOH A . 
L 5 HOH 51 651 162 HOH HOH A . 
L 5 HOH 52 652 164 HOH HOH A . 
L 5 HOH 53 653 166 HOH HOH A . 
L 5 HOH 54 654 174 HOH HOH A . 
L 5 HOH 55 655 182 HOH HOH A . 
L 5 HOH 56 656 184 HOH HOH A . 
L 5 HOH 57 657 191 HOH HOH A . 
L 5 HOH 58 658 194 HOH HOH A . 
L 5 HOH 59 659 195 HOH HOH A . 
L 5 HOH 60 660 197 HOH HOH A . 
L 5 HOH 61 661 199 HOH HOH A . 
L 5 HOH 62 662 207 HOH HOH A . 
L 5 HOH 63 663 208 HOH HOH A . 
L 5 HOH 64 664 210 HOH HOH A . 
L 5 HOH 65 665 211 HOH HOH A . 
L 5 HOH 66 666 212 HOH HOH A . 
L 5 HOH 67 667 219 HOH HOH A . 
L 5 HOH 68 668 220 HOH HOH A . 
L 5 HOH 69 669 221 HOH HOH A . 
L 5 HOH 70 670 224 HOH HOH A . 
M 5 HOH 1  601 209 HOH HOH B . 
M 5 HOH 2  602 10  HOH HOH B . 
M 5 HOH 3  603 12  HOH HOH B . 
M 5 HOH 4  604 17  HOH HOH B . 
M 5 HOH 5  605 18  HOH HOH B . 
M 5 HOH 6  606 20  HOH HOH B . 
M 5 HOH 7  607 28  HOH HOH B . 
M 5 HOH 8  608 34  HOH HOH B . 
M 5 HOH 9  609 37  HOH HOH B . 
M 5 HOH 10 610 43  HOH HOH B . 
M 5 HOH 11 611 49  HOH HOH B . 
M 5 HOH 12 612 53  HOH HOH B . 
M 5 HOH 13 613 54  HOH HOH B . 
M 5 HOH 14 614 57  HOH HOH B . 
M 5 HOH 15 615 66  HOH HOH B . 
M 5 HOH 16 616 67  HOH HOH B . 
M 5 HOH 17 617 68  HOH HOH B . 
M 5 HOH 18 618 76  HOH HOH B . 
M 5 HOH 19 619 78  HOH HOH B . 
M 5 HOH 20 620 80  HOH HOH B . 
M 5 HOH 21 621 81  HOH HOH B . 
M 5 HOH 22 622 90  HOH HOH B . 
M 5 HOH 23 623 95  HOH HOH B . 
M 5 HOH 24 624 96  HOH HOH B . 
M 5 HOH 25 625 108 HOH HOH B . 
M 5 HOH 26 626 109 HOH HOH B . 
M 5 HOH 27 627 113 HOH HOH B . 
M 5 HOH 28 628 121 HOH HOH B . 
M 5 HOH 29 629 122 HOH HOH B . 
M 5 HOH 30 630 128 HOH HOH B . 
M 5 HOH 31 631 130 HOH HOH B . 
M 5 HOH 32 632 136 HOH HOH B . 
M 5 HOH 33 633 146 HOH HOH B . 
M 5 HOH 34 634 147 HOH HOH B . 
M 5 HOH 35 635 152 HOH HOH B . 
M 5 HOH 36 636 156 HOH HOH B . 
M 5 HOH 37 637 159 HOH HOH B . 
M 5 HOH 38 638 171 HOH HOH B . 
M 5 HOH 39 639 173 HOH HOH B . 
M 5 HOH 40 640 178 HOH HOH B . 
M 5 HOH 41 641 179 HOH HOH B . 
M 5 HOH 42 642 180 HOH HOH B . 
M 5 HOH 43 643 183 HOH HOH B . 
M 5 HOH 44 644 193 HOH HOH B . 
M 5 HOH 45 645 196 HOH HOH B . 
M 5 HOH 46 646 198 HOH HOH B . 
M 5 HOH 47 647 203 HOH HOH B . 
M 5 HOH 48 648 204 HOH HOH B . 
M 5 HOH 49 649 205 HOH HOH B . 
M 5 HOH 50 650 206 HOH HOH B . 
M 5 HOH 51 651 213 HOH HOH B . 
M 5 HOH 52 652 222 HOH HOH B . 
M 5 HOH 53 653 223 HOH HOH B . 
M 5 HOH 54 654 226 HOH HOH B . 
N 5 HOH 1  601 2   HOH HOH C . 
N 5 HOH 2  602 3   HOH HOH C . 
N 5 HOH 3  603 4   HOH HOH C . 
N 5 HOH 4  604 6   HOH HOH C . 
N 5 HOH 5  605 8   HOH HOH C . 
N 5 HOH 6  606 9   HOH HOH C . 
N 5 HOH 7  607 11  HOH HOH C . 
N 5 HOH 8  608 15  HOH HOH C . 
N 5 HOH 9  609 19  HOH HOH C . 
N 5 HOH 10 610 24  HOH HOH C . 
N 5 HOH 11 611 26  HOH HOH C . 
N 5 HOH 12 612 27  HOH HOH C . 
N 5 HOH 13 613 30  HOH HOH C . 
N 5 HOH 14 614 31  HOH HOH C . 
N 5 HOH 15 615 32  HOH HOH C . 
N 5 HOH 16 616 36  HOH HOH C . 
N 5 HOH 17 617 40  HOH HOH C . 
N 5 HOH 18 618 47  HOH HOH C . 
N 5 HOH 19 619 50  HOH HOH C . 
N 5 HOH 20 620 55  HOH HOH C . 
N 5 HOH 21 621 58  HOH HOH C . 
N 5 HOH 22 622 59  HOH HOH C . 
N 5 HOH 23 623 60  HOH HOH C . 
N 5 HOH 24 624 61  HOH HOH C . 
N 5 HOH 25 625 62  HOH HOH C . 
N 5 HOH 26 626 63  HOH HOH C . 
N 5 HOH 27 627 64  HOH HOH C . 
N 5 HOH 28 628 70  HOH HOH C . 
N 5 HOH 29 629 71  HOH HOH C . 
N 5 HOH 30 630 72  HOH HOH C . 
N 5 HOH 31 631 73  HOH HOH C . 
N 5 HOH 32 632 75  HOH HOH C . 
N 5 HOH 33 633 77  HOH HOH C . 
N 5 HOH 34 634 82  HOH HOH C . 
N 5 HOH 35 635 83  HOH HOH C . 
N 5 HOH 36 636 87  HOH HOH C . 
N 5 HOH 37 637 89  HOH HOH C . 
N 5 HOH 38 638 91  HOH HOH C . 
N 5 HOH 39 639 92  HOH HOH C . 
N 5 HOH 40 640 94  HOH HOH C . 
N 5 HOH 41 641 98  HOH HOH C . 
N 5 HOH 42 642 100 HOH HOH C . 
N 5 HOH 43 643 102 HOH HOH C . 
N 5 HOH 44 644 103 HOH HOH C . 
N 5 HOH 45 645 105 HOH HOH C . 
N 5 HOH 46 646 107 HOH HOH C . 
N 5 HOH 47 647 110 HOH HOH C . 
N 5 HOH 48 648 116 HOH HOH C . 
N 5 HOH 49 649 118 HOH HOH C . 
N 5 HOH 50 650 119 HOH HOH C . 
N 5 HOH 51 651 124 HOH HOH C . 
N 5 HOH 52 652 126 HOH HOH C . 
N 5 HOH 53 653 132 HOH HOH C . 
N 5 HOH 54 654 137 HOH HOH C . 
N 5 HOH 55 655 142 HOH HOH C . 
N 5 HOH 56 656 143 HOH HOH C . 
N 5 HOH 57 657 145 HOH HOH C . 
N 5 HOH 58 658 151 HOH HOH C . 
N 5 HOH 59 659 153 HOH HOH C . 
N 5 HOH 60 660 154 HOH HOH C . 
N 5 HOH 61 661 155 HOH HOH C . 
N 5 HOH 62 662 158 HOH HOH C . 
N 5 HOH 63 663 163 HOH HOH C . 
N 5 HOH 64 664 165 HOH HOH C . 
N 5 HOH 65 665 167 HOH HOH C . 
N 5 HOH 66 666 169 HOH HOH C . 
N 5 HOH 67 667 170 HOH HOH C . 
N 5 HOH 68 668 172 HOH HOH C . 
N 5 HOH 69 669 175 HOH HOH C . 
N 5 HOH 70 670 185 HOH HOH C . 
N 5 HOH 71 671 186 HOH HOH C . 
N 5 HOH 72 672 187 HOH HOH C . 
N 5 HOH 73 673 188 HOH HOH C . 
N 5 HOH 74 674 189 HOH HOH C . 
N 5 HOH 75 675 190 HOH HOH C . 
N 5 HOH 76 676 200 HOH HOH C . 
N 5 HOH 77 677 201 HOH HOH C . 
N 5 HOH 78 678 202 HOH HOH C . 
N 5 HOH 79 679 214 HOH HOH C . 
N 5 HOH 80 680 215 HOH HOH C . 
N 5 HOH 81 681 216 HOH HOH C . 
N 5 HOH 82 682 217 HOH HOH C . 
N 5 HOH 83 683 225 HOH HOH C . 
# 
loop_
_pdbx_unobs_or_zero_occ_atoms.id 
_pdbx_unobs_or_zero_occ_atoms.PDB_model_num 
_pdbx_unobs_or_zero_occ_atoms.polymer_flag 
_pdbx_unobs_or_zero_occ_atoms.occupancy_flag 
_pdbx_unobs_or_zero_occ_atoms.auth_asym_id 
_pdbx_unobs_or_zero_occ_atoms.auth_comp_id 
_pdbx_unobs_or_zero_occ_atoms.auth_seq_id 
_pdbx_unobs_or_zero_occ_atoms.PDB_ins_code 
_pdbx_unobs_or_zero_occ_atoms.auth_atom_id 
_pdbx_unobs_or_zero_occ_atoms.label_alt_id 
_pdbx_unobs_or_zero_occ_atoms.label_asym_id 
_pdbx_unobs_or_zero_occ_atoms.label_comp_id 
_pdbx_unobs_or_zero_occ_atoms.label_seq_id 
_pdbx_unobs_or_zero_occ_atoms.label_atom_id 
1  1 Y 1 A GLU 431 ? CG  ? A GLU 6  CG  
2  1 Y 1 A GLU 431 ? CD  ? A GLU 6  CD  
3  1 Y 1 A GLU 431 ? OE1 ? A GLU 6  OE1 
4  1 Y 1 A GLU 431 ? OE2 ? A GLU 6  OE2 
5  1 Y 1 A LYS 434 ? CE  ? A LYS 9  CE  
6  1 Y 1 A LYS 434 ? NZ  ? A LYS 9  NZ  
7  1 Y 1 A LYS 466 ? CE  ? A LYS 41 CE  
8  1 Y 1 A LYS 466 ? NZ  ? A LYS 41 NZ  
9  1 Y 1 A LYS 471 ? NZ  ? A LYS 46 NZ  
10 1 Y 1 A LYS 477 ? CD  ? A LYS 52 CD  
11 1 Y 1 A LYS 477 ? CE  ? A LYS 52 CE  
12 1 Y 1 A LYS 477 ? NZ  ? A LYS 52 NZ  
13 1 Y 1 A LYS 484 ? CE  ? A LYS 59 CE  
14 1 Y 1 A LYS 484 ? NZ  ? A LYS 59 NZ  
15 1 Y 1 A ARG 485 ? NE  ? A ARG 60 NE  
16 1 Y 1 A ARG 485 ? CZ  ? A ARG 60 CZ  
17 1 Y 1 A ARG 485 ? NH1 ? A ARG 60 NH1 
18 1 Y 1 A ARG 485 ? NH2 ? A ARG 60 NH2 
19 1 Y 1 B LYS 466 ? CD  ? B LYS 41 CD  
20 1 Y 1 B LYS 466 ? CE  ? B LYS 41 CE  
21 1 Y 1 B LYS 466 ? NZ  ? B LYS 41 NZ  
22 1 Y 1 B LYS 471 ? NZ  ? B LYS 46 NZ  
23 1 Y 1 B LYS 477 ? CE  ? B LYS 52 CE  
24 1 Y 1 B LYS 477 ? NZ  ? B LYS 52 NZ  
25 1 Y 1 B GLU 481 ? CD  ? B GLU 56 CD  
26 1 Y 1 B GLU 481 ? OE1 ? B GLU 56 OE1 
27 1 Y 1 B GLU 481 ? OE2 ? B GLU 56 OE2 
28 1 Y 1 B ARG 485 ? NE  ? B ARG 60 NE  
29 1 Y 1 B ARG 485 ? CZ  ? B ARG 60 CZ  
30 1 Y 1 B ARG 485 ? NH1 ? B ARG 60 NH1 
31 1 Y 1 B ARG 485 ? NH2 ? B ARG 60 NH2 
32 1 Y 1 B VAL 486 ? CG1 ? B VAL 61 CG1 
33 1 Y 1 B VAL 486 ? CG2 ? B VAL 61 CG2 
34 1 Y 1 C LYS 466 ? NZ  ? C LYS 41 NZ  
35 1 Y 1 C LYS 477 ? CD  ? C LYS 52 CD  
36 1 Y 1 C LYS 477 ? CE  ? C LYS 52 CE  
37 1 Y 1 C LYS 477 ? NZ  ? C LYS 52 NZ  
38 1 Y 1 C VAL 486 ? CG1 ? C VAL 61 CG1 
39 1 Y 1 C VAL 486 ? CG2 ? C VAL 61 CG2 
# 
loop_
_software.pdbx_ordinal 
_software.name 
_software.version 
_software.date 
_software.type 
_software.contact_author 
_software.contact_author_email 
_software.classification 
_software.location 
_software.language 
_software.citation_id 
1 PHASER      2.5.5 'Fri Oct 4 11:59:20 2013' program 'Randy J. Read' cimr-phaser@lists.cam.ac.uk phasing           
http://www-structmed.cimr.cam.ac.uk/phaser/ ?   ? 
2 PHENIX      .     ?                         package 'Paul D. Adams' PDAdams@lbl.gov             refinement        
http://www.phenix-online.org/               C++ ? 
3 PDB_EXTRACT 3.14  'Dec. 10, 2013'           package PDB             deposit@deposit.rcsb.org    'data extraction' 
http://sw-tools.pdb.org/apps/PDB_EXTRACT/   C++ ? 
4 XDS         .     ?                         ?       ?               ?                           'data reduction'  ? ?   ? 
5 XDS         .     ?                         ?       ?               ?                           'data scaling'    ? ?   ? 
# 
_cell.entry_id           4PXJ 
_cell.length_a           137.826 
_cell.length_b           63.040 
_cell.length_c           50.219 
_cell.angle_alpha        90.00 
_cell.angle_beta         97.95 
_cell.angle_gamma        90.00 
_cell.Z_PDB              12 
_cell.pdbx_unique_axis   ? 
_cell.length_a_esd       ? 
_cell.length_b_esd       ? 
_cell.length_c_esd       ? 
_cell.angle_alpha_esd    ? 
_cell.angle_beta_esd     ? 
_cell.angle_gamma_esd    ? 
# 
_symmetry.entry_id                         4PXJ 
_symmetry.space_group_name_H-M             'C 1 2 1' 
_symmetry.pdbx_full_space_group_name_H-M   ? 
_symmetry.cell_setting                     ? 
_symmetry.Int_Tables_number                5 
_symmetry.space_group_name_Hall            ? 
# 
_exptl.entry_id          4PXJ 
_exptl.method            'X-RAY DIFFRACTION' 
_exptl.crystals_number   1 
# 
_exptl_crystal.id                    1 
_exptl_crystal.density_meas          ? 
_exptl_crystal.density_Matthews      5.23 
_exptl_crystal.density_percent_sol   76.47 
_exptl_crystal.description           ? 
_exptl_crystal.F_000                 ? 
_exptl_crystal.preparation           ? 
# 
_exptl_crystal_grow.crystal_id      1 
_exptl_crystal_grow.method          'VAPOR DIFFUSION' 
_exptl_crystal_grow.temp            291 
_exptl_crystal_grow.temp_details    ? 
_exptl_crystal_grow.pH              5.5 
_exptl_crystal_grow.pdbx_pH_range   ? 
_exptl_crystal_grow.pdbx_details    '1.6 M SAM, 0.1 M citrate pH 5.5, 2 % PEG 400, VAPOR DIFFUSION, temperature 291K' 
# 
_diffrn.id                     1 
_diffrn.ambient_temp           100 
_diffrn.ambient_temp_details   ? 
_diffrn.crystal_id             1 
# 
_diffrn_detector.diffrn_id              1 
_diffrn_detector.detector               PIXEL 
_diffrn_detector.type                   'PSI PILATUS 6M' 
_diffrn_detector.pdbx_collection_date   2012-02-26 
_diffrn_detector.details                ? 
# 
_diffrn_radiation.diffrn_id                        1 
_diffrn_radiation.wavelength_id                    1 
_diffrn_radiation.pdbx_monochromatic_or_laue_m_l   M 
_diffrn_radiation.monochromator                    ? 
_diffrn_radiation.pdbx_diffrn_protocol             'SINGLE WAVELENGTH' 
_diffrn_radiation.pdbx_scattering_type             x-ray 
# 
_diffrn_radiation_wavelength.id           1 
_diffrn_radiation_wavelength.wavelength   0.9788 
_diffrn_radiation_wavelength.wt           1.0 
# 
_diffrn_source.diffrn_id                   1 
_diffrn_source.source                      SYNCHROTRON 
_diffrn_source.type                        'SOLEIL BEAMLINE PROXIMA 1' 
_diffrn_source.pdbx_synchrotron_site       SOLEIL 
_diffrn_source.pdbx_synchrotron_beamline   'PROXIMA 1' 
_diffrn_source.pdbx_wavelength             0.9788 
_diffrn_source.pdbx_wavelength_list        ? 
# 
_reflns.pdbx_diffrn_id               1 
_reflns.pdbx_ordinal                 1 
_reflns.entry_id                     4PXJ 
_reflns.observed_criterion_sigma_I   6.720 
_reflns.observed_criterion_sigma_F   ? 
_reflns.d_resolution_low             43.136 
_reflns.d_resolution_high            2.060 
_reflns.number_obs                   26642 
_reflns.number_all                   ? 
_reflns.percent_possible_obs         99.8 
_reflns.pdbx_Rmerge_I_obs            ? 
_reflns.pdbx_Rsym_value              ? 
_reflns.pdbx_netI_over_sigmaI        ? 
_reflns.B_iso_Wilson_estimate        32.57 
_reflns.pdbx_redundancy              ? 
_reflns.R_free_details               ? 
_reflns.limit_h_max                  ? 
_reflns.limit_h_min                  ? 
_reflns.limit_k_max                  ? 
_reflns.limit_k_min                  ? 
_reflns.limit_l_max                  ? 
_reflns.limit_l_min                  ? 
_reflns.observed_criterion_F_max     ? 
_reflns.observed_criterion_F_min     ? 
_reflns.pdbx_chi_squared             ? 
_reflns.pdbx_scaling_rejects         ? 
# 
_refine.pdbx_refine_id                           'X-RAY DIFFRACTION' 
_refine.entry_id                                 4PXJ 
_refine.pdbx_diffrn_id                           1 
_refine.pdbx_TLS_residual_ADP_flag               ? 
_refine.ls_number_reflns_obs                     26641 
_refine.ls_number_reflns_all                     26643 
_refine.pdbx_ls_sigma_I                          ? 
_refine.pdbx_ls_sigma_F                          5.480 
_refine.pdbx_data_cutoff_high_absF               ? 
_refine.pdbx_data_cutoff_low_absF                ? 
_refine.pdbx_data_cutoff_high_rms_absF           ? 
_refine.ls_d_res_low                             38.67 
_refine.ls_d_res_high                            2.06 
_refine.ls_percent_reflns_obs                    99.86 
_refine.ls_R_factor_obs                          ? 
_refine.ls_R_factor_all                          ? 
_refine.ls_R_factor_R_work                       0.180 
_refine.ls_R_factor_R_free                       0.205 
_refine.ls_R_factor_R_free_error                 ? 
_refine.ls_R_factor_R_free_error_details         ? 
_refine.ls_percent_reflns_R_free                 7.5 
_refine.ls_number_reflns_R_free                  1997 
_refine.ls_number_parameters                     ? 
_refine.ls_number_restraints                     ? 
_refine.occupancy_min                            ? 
_refine.occupancy_max                            ? 
_refine.correlation_coeff_Fo_to_Fc               ? 
_refine.correlation_coeff_Fo_to_Fc_free          ? 
_refine.B_iso_mean                               43.90 
_refine.aniso_B[1][1]                            ? 
_refine.aniso_B[2][2]                            ? 
_refine.aniso_B[3][3]                            ? 
_refine.aniso_B[1][2]                            ? 
_refine.aniso_B[1][3]                            ? 
_refine.aniso_B[2][3]                            ? 
_refine.solvent_model_details                    ? 
_refine.solvent_model_param_ksol                 ? 
_refine.solvent_model_param_bsol                 ? 
_refine.pdbx_solvent_vdw_probe_radii             ? 
_refine.pdbx_solvent_ion_probe_radii             ? 
_refine.pdbx_solvent_shrinkage_radii             ? 
_refine.pdbx_ls_cross_valid_method               ? 
_refine.details                                  ? 
_refine.pdbx_starting_model                      ? 
_refine.pdbx_method_to_determine_struct          'MOLECULAR REPLACEMENT' 
_refine.pdbx_isotropic_thermal_model             ? 
_refine.pdbx_stereochemistry_target_values       'ENGH & HUBER' 
_refine.pdbx_stereochem_target_val_spec_case     ? 
_refine.pdbx_R_Free_selection_details            ? 
_refine.pdbx_overall_ESU_R                       ? 
_refine.pdbx_overall_ESU_R_Free                  ? 
_refine.overall_SU_ML                            ? 
_refine.pdbx_overall_phase_error                 ? 
_refine.overall_SU_B                             ? 
_refine.overall_SU_R_Cruickshank_DPI             ? 
_refine.pdbx_overall_SU_R_free_Cruickshank_DPI   ? 
_refine.pdbx_overall_SU_R_Blow_DPI               ? 
_refine.pdbx_overall_SU_R_free_Blow_DPI          ? 
_refine.ls_redundancy_reflns_obs                 ? 
_refine.B_iso_min                                ? 
_refine.B_iso_max                                ? 
_refine.overall_SU_R_free                        ? 
_refine.ls_wR_factor_R_free                      ? 
_refine.ls_wR_factor_R_work                      ? 
_refine.overall_FOM_free_R_set                   ? 
_refine.overall_FOM_work_R_set                   ? 
# 
_refine_hist.pdbx_refine_id                   'X-RAY DIFFRACTION' 
_refine_hist.cycle_id                         LAST 
_refine_hist.pdbx_number_atoms_protein        1347 
_refine_hist.pdbx_number_atoms_nucleic_acid   0 
_refine_hist.pdbx_number_atoms_ligand         34 
_refine_hist.number_atoms_solvent             207 
_refine_hist.number_atoms_total               1588 
_refine_hist.d_res_high                       2.06 
_refine_hist.d_res_low                        38.67 
# 
loop_
_refine_ls_restr.type 
_refine_ls_restr.dev_ideal 
_refine_ls_restr.dev_ideal_target 
_refine_ls_restr.weight 
_refine_ls_restr.number 
_refine_ls_restr.pdbx_refine_id 
_refine_ls_restr.pdbx_restraint_function 
f_bond_d           0.003 ? ? ? 'X-RAY DIFFRACTION' ? 
f_angle_d          0.62  ? ? ? 'X-RAY DIFFRACTION' ? 
f_dihedral_angle_d ?     ? ? ? 'X-RAY DIFFRACTION' ? 
f_chiral_restr     ?     ? ? ? 'X-RAY DIFFRACTION' ? 
f_plane_restr      ?     ? ? ? 'X-RAY DIFFRACTION' ? 
# 
_struct.entry_id                  4PXJ 
_struct.title                     'Crystallographic structure of the LZII fragment (anti-parallel orientation) from JIP3' 
_struct.pdbx_model_details        ? 
_struct.pdbx_CASP_flag            ? 
_struct.pdbx_model_type_details   ? 
# 
_struct_keywords.entry_id        4PXJ 
_struct_keywords.text            'Leucine zipper, scaffold protein, axonal transport, PROTEIN BINDING' 
_struct_keywords.pdbx_keywords   'PROTEIN BINDING' 
# 
loop_
_struct_asym.id 
_struct_asym.pdbx_blank_PDB_chainid_flag 
_struct_asym.pdbx_modified 
_struct_asym.entity_id 
_struct_asym.details 
A N N 1 ? 
B N N 1 ? 
C N N 1 ? 
D N N 2 ? 
E N N 3 ? 
F N N 3 ? 
G N N 3 ? 
H N N 4 ? 
I N N 4 ? 
J N N 3 ? 
K N N 2 ? 
L N N 5 ? 
M N N 5 ? 
N N N 5 ? 
# 
_struct_ref.id                         1 
_struct_ref.db_name                    UNP 
_struct_ref.db_code                    JIP3_HUMAN 
_struct_ref.pdbx_db_accession          Q9UPT6 
_struct_ref.entity_id                  1 
_struct_ref.pdbx_seq_one_letter_code   TKNALNVVKNDLIAKVDQLSGEQEVLRGELEAAKQAKVKLENRIKELEEELKRV 
_struct_ref.pdbx_align_begin           433 
_struct_ref.pdbx_db_isoform            ? 
# 
loop_
_struct_ref_seq.align_id 
_struct_ref_seq.ref_id 
_struct_ref_seq.pdbx_PDB_id_code 
_struct_ref_seq.pdbx_strand_id 
_struct_ref_seq.seq_align_beg 
_struct_ref_seq.pdbx_seq_align_beg_ins_code 
_struct_ref_seq.seq_align_end 
_struct_ref_seq.pdbx_seq_align_end_ins_code 
_struct_ref_seq.pdbx_db_accession 
_struct_ref_seq.db_align_beg 
_struct_ref_seq.pdbx_db_align_beg_ins_code 
_struct_ref_seq.db_align_end 
_struct_ref_seq.pdbx_db_align_end_ins_code 
_struct_ref_seq.pdbx_auth_seq_align_beg 
_struct_ref_seq.pdbx_auth_seq_align_end 
1 1 4PXJ A 8 ? 61 ? Q9UPT6 433 ? 486 ? 433 486 
2 1 4PXJ B 8 ? 61 ? Q9UPT6 433 ? 486 ? 433 486 
3 1 4PXJ C 8 ? 61 ? Q9UPT6 433 ? 486 ? 433 486 
# 
loop_
_struct_ref_seq_dif.align_id 
_struct_ref_seq_dif.pdbx_pdb_id_code 
_struct_ref_seq_dif.mon_id 
_struct_ref_seq_dif.pdbx_pdb_strand_id 
_struct_ref_seq_dif.seq_num 
_struct_ref_seq_dif.pdbx_pdb_ins_code 
_struct_ref_seq_dif.pdbx_seq_db_name 
_struct_ref_seq_dif.pdbx_seq_db_accession_code 
_struct_ref_seq_dif.db_mon_id 
_struct_ref_seq_dif.pdbx_seq_db_seq_num 
_struct_ref_seq_dif.details 
_struct_ref_seq_dif.pdbx_auth_seq_num 
_struct_ref_seq_dif.pdbx_ordinal 
1 4PXJ GLY A 1 ? UNP Q9UPT6 ? ? 'expression tag' 426 1  
1 4PXJ ALA A 2 ? UNP Q9UPT6 ? ? 'expression tag' 427 2  
1 4PXJ MET A 3 ? UNP Q9UPT6 ? ? 'expression tag' 428 3  
1 4PXJ ASP A 4 ? UNP Q9UPT6 ? ? 'expression tag' 429 4  
1 4PXJ PRO A 5 ? UNP Q9UPT6 ? ? 'expression tag' 430 5  
1 4PXJ GLU A 6 ? UNP Q9UPT6 ? ? 'expression tag' 431 6  
1 4PXJ PHE A 7 ? UNP Q9UPT6 ? ? 'expression tag' 432 7  
2 4PXJ GLY B 1 ? UNP Q9UPT6 ? ? 'expression tag' 426 8  
2 4PXJ ALA B 2 ? UNP Q9UPT6 ? ? 'expression tag' 427 9  
2 4PXJ MET B 3 ? UNP Q9UPT6 ? ? 'expression tag' 428 10 
2 4PXJ ASP B 4 ? UNP Q9UPT6 ? ? 'expression tag' 429 11 
2 4PXJ PRO B 5 ? UNP Q9UPT6 ? ? 'expression tag' 430 12 
2 4PXJ GLU B 6 ? UNP Q9UPT6 ? ? 'expression tag' 431 13 
2 4PXJ PHE B 7 ? UNP Q9UPT6 ? ? 'expression tag' 432 14 
3 4PXJ GLY C 1 ? UNP Q9UPT6 ? ? 'expression tag' 426 15 
3 4PXJ ALA C 2 ? UNP Q9UPT6 ? ? 'expression tag' 427 16 
3 4PXJ MET C 3 ? UNP Q9UPT6 ? ? 'expression tag' 428 17 
3 4PXJ ASP C 4 ? UNP Q9UPT6 ? ? 'expression tag' 429 18 
3 4PXJ PRO C 5 ? UNP Q9UPT6 ? ? 'expression tag' 430 19 
3 4PXJ GLU C 6 ? UNP Q9UPT6 ? ? 'expression tag' 431 20 
3 4PXJ PHE C 7 ? UNP Q9UPT6 ? ? 'expression tag' 432 21 
# 
loop_
_pdbx_struct_assembly.id 
_pdbx_struct_assembly.details 
_pdbx_struct_assembly.method_details 
_pdbx_struct_assembly.oligomeric_details 
_pdbx_struct_assembly.oligomeric_count 
1 author_and_software_defined_assembly PISA dimeric 2 
2 author_and_software_defined_assembly PISA dimeric 2 
# 
loop_
_pdbx_struct_assembly_prop.biol_id 
_pdbx_struct_assembly_prop.type 
_pdbx_struct_assembly_prop.value 
_pdbx_struct_assembly_prop.details 
1 'ABSA (A^2)' 3850 ? 
1 MORE         -34  ? 
1 'SSA (A^2)'  8090 ? 
2 'ABSA (A^2)' 3430 ? 
2 MORE         -49  ? 
2 'SSA (A^2)'  8990 ? 
# 
loop_
_pdbx_struct_assembly_gen.assembly_id 
_pdbx_struct_assembly_gen.oper_expression 
_pdbx_struct_assembly_gen.asym_id_list 
1 1   A,B,D,E,F,G,H,I,J,L,M 
2 1,2 C,K,N                 
# 
loop_
_pdbx_struct_oper_list.id 
_pdbx_struct_oper_list.type 
_pdbx_struct_oper_list.name 
_pdbx_struct_oper_list.symmetry_operation 
_pdbx_struct_oper_list.matrix[1][1] 
_pdbx_struct_oper_list.matrix[1][2] 
_pdbx_struct_oper_list.matrix[1][3] 
_pdbx_struct_oper_list.vector[1] 
_pdbx_struct_oper_list.matrix[2][1] 
_pdbx_struct_oper_list.matrix[2][2] 
_pdbx_struct_oper_list.matrix[2][3] 
_pdbx_struct_oper_list.vector[2] 
_pdbx_struct_oper_list.matrix[3][1] 
_pdbx_struct_oper_list.matrix[3][2] 
_pdbx_struct_oper_list.matrix[3][3] 
_pdbx_struct_oper_list.vector[3] 
1 'identity operation'         1_555 x,y,z       1.0000000000  0.0000000000 0.0000000000  0.0000000000  0.0000000000 1.0000000000  0.0000000000  0.0000000000  0.0000000000  0.0000000000  1.0000000000  0.0000000000  
2 'crystal symmetry operation' 2_756 -x+2,y,-z+1 -0.1108901280 0.5701440340 -0.8140265106 -0.5562094706 0.5701440340 -0.6343936450 -0.5219966319 41.2870633144 -0.8140265106 -0.5219966319 -0.2547162271 28.3099397854 
# 
_struct_biol.id        1 
_struct_biol.details   ? 
# 
loop_
_struct_conf.conf_type_id 
_struct_conf.id 
_struct_conf.pdbx_PDB_helix_id 
_struct_conf.beg_label_comp_id 
_struct_conf.beg_label_asym_id 
_struct_conf.beg_label_seq_id 
_struct_conf.pdbx_beg_PDB_ins_code 
_struct_conf.end_label_comp_id 
_struct_conf.end_label_asym_id 
_struct_conf.end_label_seq_id 
_struct_conf.pdbx_end_PDB_ins_code 
_struct_conf.beg_auth_comp_id 
_struct_conf.beg_auth_asym_id 
_struct_conf.beg_auth_seq_id 
_struct_conf.end_auth_comp_id 
_struct_conf.end_auth_asym_id 
_struct_conf.end_auth_seq_id 
_struct_conf.pdbx_PDB_helix_class 
_struct_conf.details 
_struct_conf.pdbx_PDB_helix_length 
HELX_P HELX_P1 1 PRO A 5 ? ARG A 60 ? PRO A 430 ARG A 485 1 ? 56 
HELX_P HELX_P2 2 GLU B 6 ? ARG B 60 ? GLU B 431 ARG B 485 1 ? 55 
HELX_P HELX_P3 3 GLU C 6 ? ARG C 60 ? GLU C 431 ARG C 485 1 ? 55 
# 
_struct_conf_type.id          HELX_P 
_struct_conf_type.criteria    ? 
_struct_conf_type.reference   ? 
# 
loop_
_struct_site.id 
_struct_site.pdbx_evidence_code 
_struct_site.pdbx_auth_asym_id 
_struct_site.pdbx_auth_comp_id 
_struct_site.pdbx_auth_seq_id 
_struct_site.pdbx_auth_ins_code 
_struct_site.pdbx_num_residues 
_struct_site.details 
AC1 Software A SO4 501 ? 2 'BINDING SITE FOR RESIDUE SO4 A 501' 
AC2 Software A EDO 502 ? 2 'BINDING SITE FOR RESIDUE EDO A 502' 
AC3 Software A EDO 503 ? 1 'BINDING SITE FOR RESIDUE EDO A 503' 
AC4 Software A EDO 504 ? 6 'BINDING SITE FOR RESIDUE EDO A 504' 
AC5 Software B GAI 501 ? 5 'BINDING SITE FOR RESIDUE GAI B 501' 
AC6 Software B GAI 502 ? 5 'BINDING SITE FOR RESIDUE GAI B 502' 
AC7 Software B EDO 503 ? 5 'BINDING SITE FOR RESIDUE EDO B 503' 
AC8 Software C SO4 501 ? 4 'BINDING SITE FOR RESIDUE SO4 C 501' 
# 
loop_
_struct_site_gen.id 
_struct_site_gen.site_id 
_struct_site_gen.pdbx_num_res 
_struct_site_gen.label_comp_id 
_struct_site_gen.label_asym_id 
_struct_site_gen.label_seq_id 
_struct_site_gen.pdbx_auth_ins_code 
_struct_site_gen.auth_comp_id 
_struct_site_gen.auth_asym_id 
_struct_site_gen.auth_seq_id 
_struct_site_gen.label_atom_id 
_struct_site_gen.label_alt_id 
_struct_site_gen.symmetry 
_struct_site_gen.details 
1  AC1 2 ARG A 50 ? ARG A 475 . ? 1_555 ? 
2  AC1 2 GAI H .  ? GAI B 501 . ? 1_555 ? 
3  AC2 2 ASN A 17 ? ASN A 442 . ? 1_555 ? 
4  AC2 2 ASN C 49 ? ASN C 474 . ? 2_756 ? 
5  AC3 1 ARG A 34 ? ARG A 459 . ? 1_555 ? 
6  AC4 6 GLN A 30 ? GLN A 455 . ? 1_555 ? 
7  AC4 6 ARG A 34 ? ARG A 459 . ? 1_555 ? 
8  AC4 6 HOH L .  ? HOH A 670 . ? 1_555 ? 
9  AC4 6 LYS B 44 ? LYS B 469 . ? 1_555 ? 
10 AC4 6 HOH M .  ? HOH B 627 . ? 1_555 ? 
11 AC4 6 HOH M .  ? HOH B 634 . ? 1_555 ? 
12 AC5 5 SO4 D .  ? SO4 A 501 . ? 1_555 ? 
13 AC5 5 ASP B 18 ? ASP B 443 . ? 1_555 ? 
14 AC5 5 LEU B 19 ? LEU B 444 . ? 1_555 ? 
15 AC5 5 LYS B 22 ? LYS B 447 . ? 1_555 ? 
16 AC5 5 HOH N .  ? HOH C 669 . ? 4_746 ? 
17 AC6 5 ASN B 17 ? ASN B 442 . ? 4_757 ? 
18 AC6 5 ASP B 18 ? ASP B 443 . ? 4_757 ? 
19 AC6 5 ARG B 60 ? ARG B 485 . ? 1_555 ? 
20 AC6 5 HOH M .  ? HOH B 648 . ? 4_757 ? 
21 AC6 5 HOH M .  ? HOH B 651 . ? 1_555 ? 
22 AC7 5 LYS A 44 ? LYS A 469 . ? 1_555 ? 
23 AC7 5 GLN B 30 ? GLN B 455 . ? 1_555 ? 
24 AC7 5 ARG B 34 ? ARG B 459 . ? 1_555 ? 
25 AC7 5 HOH M .  ? HOH B 603 . ? 1_555 ? 
26 AC7 5 HOH M .  ? HOH B 650 . ? 1_555 ? 
27 AC8 4 LYS C 22 ? LYS C 447 . ? 2_756 ? 
28 AC8 4 ARG C 50 ? ARG C 475 . ? 1_555 ? 
29 AC8 4 HOH N .  ? HOH C 662 . ? 1_555 ? 
30 AC8 4 HOH N .  ? HOH C 664 . ? 1_555 ? 
# 
_pdbx_validate_close_contact.id               1 
_pdbx_validate_close_contact.PDB_model_num    1 
_pdbx_validate_close_contact.auth_atom_id_1   O 
_pdbx_validate_close_contact.auth_asym_id_1   A 
_pdbx_validate_close_contact.auth_comp_id_1   HOH 
_pdbx_validate_close_contact.auth_seq_id_1    617 
_pdbx_validate_close_contact.PDB_ins_code_1   ? 
_pdbx_validate_close_contact.label_alt_id_1   ? 
_pdbx_validate_close_contact.auth_atom_id_2   O 
_pdbx_validate_close_contact.auth_asym_id_2   A 
_pdbx_validate_close_contact.auth_comp_id_2   HOH 
_pdbx_validate_close_contact.auth_seq_id_2    628 
_pdbx_validate_close_contact.PDB_ins_code_2   ? 
_pdbx_validate_close_contact.label_alt_id_2   ? 
_pdbx_validate_close_contact.dist             2.18 
# 
_phasing.method   MR 
# 
loop_
_pdbx_unobs_or_zero_occ_residues.id 
_pdbx_unobs_or_zero_occ_residues.PDB_model_num 
_pdbx_unobs_or_zero_occ_residues.polymer_flag 
_pdbx_unobs_or_zero_occ_residues.occupancy_flag 
_pdbx_unobs_or_zero_occ_residues.auth_asym_id 
_pdbx_unobs_or_zero_occ_residues.auth_comp_id 
_pdbx_unobs_or_zero_occ_residues.auth_seq_id 
_pdbx_unobs_or_zero_occ_residues.PDB_ins_code 
_pdbx_unobs_or_zero_occ_residues.label_asym_id 
_pdbx_unobs_or_zero_occ_residues.label_comp_id 
_pdbx_unobs_or_zero_occ_residues.label_seq_id 
1 1 Y 1 A GLY 426 ? A GLY 1  
2 1 Y 1 A ALA 427 ? A ALA 2  
3 1 Y 1 A MET 428 ? A MET 3  
4 1 Y 1 A ASP 429 ? A ASP 4  
5 1 Y 1 A VAL 486 ? A VAL 61 
6 1 Y 1 B GLY 426 ? B GLY 1  
7 1 Y 1 B ALA 427 ? B ALA 2  
8 1 Y 1 B MET 428 ? B MET 3  
9 1 Y 1 B ASP 429 ? B ASP 4  
# 
loop_
_chem_comp_atom.comp_id 
_chem_comp_atom.atom_id 
_chem_comp_atom.type_symbol 
_chem_comp_atom.pdbx_aromatic_flag 
_chem_comp_atom.pdbx_stereo_config 
_chem_comp_atom.pdbx_ordinal 
ALA N    N N N 1   
ALA CA   C N S 2   
ALA C    C N N 3   
ALA O    O N N 4   
ALA CB   C N N 5   
ALA OXT  O N N 6   
ALA H    H N N 7   
ALA H2   H N N 8   
ALA HA   H N N 9   
ALA HB1  H N N 10  
ALA HB2  H N N 11  
ALA HB3  H N N 12  
ALA HXT  H N N 13  
ARG N    N N N 14  
ARG CA   C N S 15  
ARG C    C N N 16  
ARG O    O N N 17  
ARG CB   C N N 18  
ARG CG   C N N 19  
ARG CD   C N N 20  
ARG NE   N N N 21  
ARG CZ   C N N 22  
ARG NH1  N N N 23  
ARG NH2  N N N 24  
ARG OXT  O N N 25  
ARG H    H N N 26  
ARG H2   H N N 27  
ARG HA   H N N 28  
ARG HB2  H N N 29  
ARG HB3  H N N 30  
ARG HG2  H N N 31  
ARG HG3  H N N 32  
ARG HD2  H N N 33  
ARG HD3  H N N 34  
ARG HE   H N N 35  
ARG HH11 H N N 36  
ARG HH12 H N N 37  
ARG HH21 H N N 38  
ARG HH22 H N N 39  
ARG HXT  H N N 40  
ASN N    N N N 41  
ASN CA   C N S 42  
ASN C    C N N 43  
ASN O    O N N 44  
ASN CB   C N N 45  
ASN CG   C N N 46  
ASN OD1  O N N 47  
ASN ND2  N N N 48  
ASN OXT  O N N 49  
ASN H    H N N 50  
ASN H2   H N N 51  
ASN HA   H N N 52  
ASN HB2  H N N 53  
ASN HB3  H N N 54  
ASN HD21 H N N 55  
ASN HD22 H N N 56  
ASN HXT  H N N 57  
ASP N    N N N 58  
ASP CA   C N S 59  
ASP C    C N N 60  
ASP O    O N N 61  
ASP CB   C N N 62  
ASP CG   C N N 63  
ASP OD1  O N N 64  
ASP OD2  O N N 65  
ASP OXT  O N N 66  
ASP H    H N N 67  
ASP H2   H N N 68  
ASP HA   H N N 69  
ASP HB2  H N N 70  
ASP HB3  H N N 71  
ASP HD2  H N N 72  
ASP HXT  H N N 73  
EDO C1   C N N 74  
EDO O1   O N N 75  
EDO C2   C N N 76  
EDO O2   O N N 77  
EDO H11  H N N 78  
EDO H12  H N N 79  
EDO HO1  H N N 80  
EDO H21  H N N 81  
EDO H22  H N N 82  
EDO HO2  H N N 83  
GAI C    C N N 84  
GAI N1   N N N 85  
GAI N2   N N N 86  
GAI N3   N N N 87  
GAI HN1  H N N 88  
GAI HN21 H N N 89  
GAI HN22 H N N 90  
GAI HN31 H N N 91  
GAI HN32 H N N 92  
GLN N    N N N 93  
GLN CA   C N S 94  
GLN C    C N N 95  
GLN O    O N N 96  
GLN CB   C N N 97  
GLN CG   C N N 98  
GLN CD   C N N 99  
GLN OE1  O N N 100 
GLN NE2  N N N 101 
GLN OXT  O N N 102 
GLN H    H N N 103 
GLN H2   H N N 104 
GLN HA   H N N 105 
GLN HB2  H N N 106 
GLN HB3  H N N 107 
GLN HG2  H N N 108 
GLN HG3  H N N 109 
GLN HE21 H N N 110 
GLN HE22 H N N 111 
GLN HXT  H N N 112 
GLU N    N N N 113 
GLU CA   C N S 114 
GLU C    C N N 115 
GLU O    O N N 116 
GLU CB   C N N 117 
GLU CG   C N N 118 
GLU CD   C N N 119 
GLU OE1  O N N 120 
GLU OE2  O N N 121 
GLU OXT  O N N 122 
GLU H    H N N 123 
GLU H2   H N N 124 
GLU HA   H N N 125 
GLU HB2  H N N 126 
GLU HB3  H N N 127 
GLU HG2  H N N 128 
GLU HG3  H N N 129 
GLU HE2  H N N 130 
GLU HXT  H N N 131 
GLY N    N N N 132 
GLY CA   C N N 133 
GLY C    C N N 134 
GLY O    O N N 135 
GLY OXT  O N N 136 
GLY H    H N N 137 
GLY H2   H N N 138 
GLY HA2  H N N 139 
GLY HA3  H N N 140 
GLY HXT  H N N 141 
HOH O    O N N 142 
HOH H1   H N N 143 
HOH H2   H N N 144 
ILE N    N N N 145 
ILE CA   C N S 146 
ILE C    C N N 147 
ILE O    O N N 148 
ILE CB   C N S 149 
ILE CG1  C N N 150 
ILE CG2  C N N 151 
ILE CD1  C N N 152 
ILE OXT  O N N 153 
ILE H    H N N 154 
ILE H2   H N N 155 
ILE HA   H N N 156 
ILE HB   H N N 157 
ILE HG12 H N N 158 
ILE HG13 H N N 159 
ILE HG21 H N N 160 
ILE HG22 H N N 161 
ILE HG23 H N N 162 
ILE HD11 H N N 163 
ILE HD12 H N N 164 
ILE HD13 H N N 165 
ILE HXT  H N N 166 
LEU N    N N N 167 
LEU CA   C N S 168 
LEU C    C N N 169 
LEU O    O N N 170 
LEU CB   C N N 171 
LEU CG   C N N 172 
LEU CD1  C N N 173 
LEU CD2  C N N 174 
LEU OXT  O N N 175 
LEU H    H N N 176 
LEU H2   H N N 177 
LEU HA   H N N 178 
LEU HB2  H N N 179 
LEU HB3  H N N 180 
LEU HG   H N N 181 
LEU HD11 H N N 182 
LEU HD12 H N N 183 
LEU HD13 H N N 184 
LEU HD21 H N N 185 
LEU HD22 H N N 186 
LEU HD23 H N N 187 
LEU HXT  H N N 188 
LYS N    N N N 189 
LYS CA   C N S 190 
LYS C    C N N 191 
LYS O    O N N 192 
LYS CB   C N N 193 
LYS CG   C N N 194 
LYS CD   C N N 195 
LYS CE   C N N 196 
LYS NZ   N N N 197 
LYS OXT  O N N 198 
LYS H    H N N 199 
LYS H2   H N N 200 
LYS HA   H N N 201 
LYS HB2  H N N 202 
LYS HB3  H N N 203 
LYS HG2  H N N 204 
LYS HG3  H N N 205 
LYS HD2  H N N 206 
LYS HD3  H N N 207 
LYS HE2  H N N 208 
LYS HE3  H N N 209 
LYS HZ1  H N N 210 
LYS HZ2  H N N 211 
LYS HZ3  H N N 212 
LYS HXT  H N N 213 
MET N    N N N 214 
MET CA   C N S 215 
MET C    C N N 216 
MET O    O N N 217 
MET CB   C N N 218 
MET CG   C N N 219 
MET SD   S N N 220 
MET CE   C N N 221 
MET OXT  O N N 222 
MET H    H N N 223 
MET H2   H N N 224 
MET HA   H N N 225 
MET HB2  H N N 226 
MET HB3  H N N 227 
MET HG2  H N N 228 
MET HG3  H N N 229 
MET HE1  H N N 230 
MET HE2  H N N 231 
MET HE3  H N N 232 
MET HXT  H N N 233 
PHE N    N N N 234 
PHE CA   C N S 235 
PHE C    C N N 236 
PHE O    O N N 237 
PHE CB   C N N 238 
PHE CG   C Y N 239 
PHE CD1  C Y N 240 
PHE CD2  C Y N 241 
PHE CE1  C Y N 242 
PHE CE2  C Y N 243 
PHE CZ   C Y N 244 
PHE OXT  O N N 245 
PHE H    H N N 246 
PHE H2   H N N 247 
PHE HA   H N N 248 
PHE HB2  H N N 249 
PHE HB3  H N N 250 
PHE HD1  H N N 251 
PHE HD2  H N N 252 
PHE HE1  H N N 253 
PHE HE2  H N N 254 
PHE HZ   H N N 255 
PHE HXT  H N N 256 
PRO N    N N N 257 
PRO CA   C N S 258 
PRO C    C N N 259 
PRO O    O N N 260 
PRO CB   C N N 261 
PRO CG   C N N 262 
PRO CD   C N N 263 
PRO OXT  O N N 264 
PRO H    H N N 265 
PRO HA   H N N 266 
PRO HB2  H N N 267 
PRO HB3  H N N 268 
PRO HG2  H N N 269 
PRO HG3  H N N 270 
PRO HD2  H N N 271 
PRO HD3  H N N 272 
PRO HXT  H N N 273 
SER N    N N N 274 
SER CA   C N S 275 
SER C    C N N 276 
SER O    O N N 277 
SER CB   C N N 278 
SER OG   O N N 279 
SER OXT  O N N 280 
SER H    H N N 281 
SER H2   H N N 282 
SER HA   H N N 283 
SER HB2  H N N 284 
SER HB3  H N N 285 
SER HG   H N N 286 
SER HXT  H N N 287 
SO4 S    S N N 288 
SO4 O1   O N N 289 
SO4 O2   O N N 290 
SO4 O3   O N N 291 
SO4 O4   O N N 292 
THR N    N N N 293 
THR CA   C N S 294 
THR C    C N N 295 
THR O    O N N 296 
THR CB   C N R 297 
THR OG1  O N N 298 
THR CG2  C N N 299 
THR OXT  O N N 300 
THR H    H N N 301 
THR H2   H N N 302 
THR HA   H N N 303 
THR HB   H N N 304 
THR HG1  H N N 305 
THR HG21 H N N 306 
THR HG22 H N N 307 
THR HG23 H N N 308 
THR HXT  H N N 309 
VAL N    N N N 310 
VAL CA   C N S 311 
VAL C    C N N 312 
VAL O    O N N 313 
VAL CB   C N N 314 
VAL CG1  C N N 315 
VAL CG2  C N N 316 
VAL OXT  O N N 317 
VAL H    H N N 318 
VAL H2   H N N 319 
VAL HA   H N N 320 
VAL HB   H N N 321 
VAL HG11 H N N 322 
VAL HG12 H N N 323 
VAL HG13 H N N 324 
VAL HG21 H N N 325 
VAL HG22 H N N 326 
VAL HG23 H N N 327 
VAL HXT  H N N 328 
# 
loop_
_chem_comp_bond.comp_id 
_chem_comp_bond.atom_id_1 
_chem_comp_bond.atom_id_2 
_chem_comp_bond.value_order 
_chem_comp_bond.pdbx_aromatic_flag 
_chem_comp_bond.pdbx_stereo_config 
_chem_comp_bond.pdbx_ordinal 
ALA N   CA   sing N N 1   
ALA N   H    sing N N 2   
ALA N   H2   sing N N 3   
ALA CA  C    sing N N 4   
ALA CA  CB   sing N N 5   
ALA CA  HA   sing N N 6   
ALA C   O    doub N N 7   
ALA C   OXT  sing N N 8   
ALA CB  HB1  sing N N 9   
ALA CB  HB2  sing N N 10  
ALA CB  HB3  sing N N 11  
ALA OXT HXT  sing N N 12  
ARG N   CA   sing N N 13  
ARG N   H    sing N N 14  
ARG N   H2   sing N N 15  
ARG CA  C    sing N N 16  
ARG CA  CB   sing N N 17  
ARG CA  HA   sing N N 18  
ARG C   O    doub N N 19  
ARG C   OXT  sing N N 20  
ARG CB  CG   sing N N 21  
ARG CB  HB2  sing N N 22  
ARG CB  HB3  sing N N 23  
ARG CG  CD   sing N N 24  
ARG CG  HG2  sing N N 25  
ARG CG  HG3  sing N N 26  
ARG CD  NE   sing N N 27  
ARG CD  HD2  sing N N 28  
ARG CD  HD3  sing N N 29  
ARG NE  CZ   sing N N 30  
ARG NE  HE   sing N N 31  
ARG CZ  NH1  sing N N 32  
ARG CZ  NH2  doub N N 33  
ARG NH1 HH11 sing N N 34  
ARG NH1 HH12 sing N N 35  
ARG NH2 HH21 sing N N 36  
ARG NH2 HH22 sing N N 37  
ARG OXT HXT  sing N N 38  
ASN N   CA   sing N N 39  
ASN N   H    sing N N 40  
ASN N   H2   sing N N 41  
ASN CA  C    sing N N 42  
ASN CA  CB   sing N N 43  
ASN CA  HA   sing N N 44  
ASN C   O    doub N N 45  
ASN C   OXT  sing N N 46  
ASN CB  CG   sing N N 47  
ASN CB  HB2  sing N N 48  
ASN CB  HB3  sing N N 49  
ASN CG  OD1  doub N N 50  
ASN CG  ND2  sing N N 51  
ASN ND2 HD21 sing N N 52  
ASN ND2 HD22 sing N N 53  
ASN OXT HXT  sing N N 54  
ASP N   CA   sing N N 55  
ASP N   H    sing N N 56  
ASP N   H2   sing N N 57  
ASP CA  C    sing N N 58  
ASP CA  CB   sing N N 59  
ASP CA  HA   sing N N 60  
ASP C   O    doub N N 61  
ASP C   OXT  sing N N 62  
ASP CB  CG   sing N N 63  
ASP CB  HB2  sing N N 64  
ASP CB  HB3  sing N N 65  
ASP CG  OD1  doub N N 66  
ASP CG  OD2  sing N N 67  
ASP OD2 HD2  sing N N 68  
ASP OXT HXT  sing N N 69  
EDO C1  O1   sing N N 70  
EDO C1  C2   sing N N 71  
EDO C1  H11  sing N N 72  
EDO C1  H12  sing N N 73  
EDO O1  HO1  sing N N 74  
EDO C2  O2   sing N N 75  
EDO C2  H21  sing N N 76  
EDO C2  H22  sing N N 77  
EDO O2  HO2  sing N N 78  
GAI C   N1   doub N N 79  
GAI C   N2   sing N N 80  
GAI C   N3   sing N N 81  
GAI N1  HN1  sing N N 82  
GAI N2  HN21 sing N N 83  
GAI N2  HN22 sing N N 84  
GAI N3  HN31 sing N N 85  
GAI N3  HN32 sing N N 86  
GLN N   CA   sing N N 87  
GLN N   H    sing N N 88  
GLN N   H2   sing N N 89  
GLN CA  C    sing N N 90  
GLN CA  CB   sing N N 91  
GLN CA  HA   sing N N 92  
GLN C   O    doub N N 93  
GLN C   OXT  sing N N 94  
GLN CB  CG   sing N N 95  
GLN CB  HB2  sing N N 96  
GLN CB  HB3  sing N N 97  
GLN CG  CD   sing N N 98  
GLN CG  HG2  sing N N 99  
GLN CG  HG3  sing N N 100 
GLN CD  OE1  doub N N 101 
GLN CD  NE2  sing N N 102 
GLN NE2 HE21 sing N N 103 
GLN NE2 HE22 sing N N 104 
GLN OXT HXT  sing N N 105 
GLU N   CA   sing N N 106 
GLU N   H    sing N N 107 
GLU N   H2   sing N N 108 
GLU CA  C    sing N N 109 
GLU CA  CB   sing N N 110 
GLU CA  HA   sing N N 111 
GLU C   O    doub N N 112 
GLU C   OXT  sing N N 113 
GLU CB  CG   sing N N 114 
GLU CB  HB2  sing N N 115 
GLU CB  HB3  sing N N 116 
GLU CG  CD   sing N N 117 
GLU CG  HG2  sing N N 118 
GLU CG  HG3  sing N N 119 
GLU CD  OE1  doub N N 120 
GLU CD  OE2  sing N N 121 
GLU OE2 HE2  sing N N 122 
GLU OXT HXT  sing N N 123 
GLY N   CA   sing N N 124 
GLY N   H    sing N N 125 
GLY N   H2   sing N N 126 
GLY CA  C    sing N N 127 
GLY CA  HA2  sing N N 128 
GLY CA  HA3  sing N N 129 
GLY C   O    doub N N 130 
GLY C   OXT  sing N N 131 
GLY OXT HXT  sing N N 132 
HOH O   H1   sing N N 133 
HOH O   H2   sing N N 134 
ILE N   CA   sing N N 135 
ILE N   H    sing N N 136 
ILE N   H2   sing N N 137 
ILE CA  C    sing N N 138 
ILE CA  CB   sing N N 139 
ILE CA  HA   sing N N 140 
ILE C   O    doub N N 141 
ILE C   OXT  sing N N 142 
ILE CB  CG1  sing N N 143 
ILE CB  CG2  sing N N 144 
ILE CB  HB   sing N N 145 
ILE CG1 CD1  sing N N 146 
ILE CG1 HG12 sing N N 147 
ILE CG1 HG13 sing N N 148 
ILE CG2 HG21 sing N N 149 
ILE CG2 HG22 sing N N 150 
ILE CG2 HG23 sing N N 151 
ILE CD1 HD11 sing N N 152 
ILE CD1 HD12 sing N N 153 
ILE CD1 HD13 sing N N 154 
ILE OXT HXT  sing N N 155 
LEU N   CA   sing N N 156 
LEU N   H    sing N N 157 
LEU N   H2   sing N N 158 
LEU CA  C    sing N N 159 
LEU CA  CB   sing N N 160 
LEU CA  HA   sing N N 161 
LEU C   O    doub N N 162 
LEU C   OXT  sing N N 163 
LEU CB  CG   sing N N 164 
LEU CB  HB2  sing N N 165 
LEU CB  HB3  sing N N 166 
LEU CG  CD1  sing N N 167 
LEU CG  CD2  sing N N 168 
LEU CG  HG   sing N N 169 
LEU CD1 HD11 sing N N 170 
LEU CD1 HD12 sing N N 171 
LEU CD1 HD13 sing N N 172 
LEU CD2 HD21 sing N N 173 
LEU CD2 HD22 sing N N 174 
LEU CD2 HD23 sing N N 175 
LEU OXT HXT  sing N N 176 
LYS N   CA   sing N N 177 
LYS N   H    sing N N 178 
LYS N   H2   sing N N 179 
LYS CA  C    sing N N 180 
LYS CA  CB   sing N N 181 
LYS CA  HA   sing N N 182 
LYS C   O    doub N N 183 
LYS C   OXT  sing N N 184 
LYS CB  CG   sing N N 185 
LYS CB  HB2  sing N N 186 
LYS CB  HB3  sing N N 187 
LYS CG  CD   sing N N 188 
LYS CG  HG2  sing N N 189 
LYS CG  HG3  sing N N 190 
LYS CD  CE   sing N N 191 
LYS CD  HD2  sing N N 192 
LYS CD  HD3  sing N N 193 
LYS CE  NZ   sing N N 194 
LYS CE  HE2  sing N N 195 
LYS CE  HE3  sing N N 196 
LYS NZ  HZ1  sing N N 197 
LYS NZ  HZ2  sing N N 198 
LYS NZ  HZ3  sing N N 199 
LYS OXT HXT  sing N N 200 
MET N   CA   sing N N 201 
MET N   H    sing N N 202 
MET N   H2   sing N N 203 
MET CA  C    sing N N 204 
MET CA  CB   sing N N 205 
MET CA  HA   sing N N 206 
MET C   O    doub N N 207 
MET C   OXT  sing N N 208 
MET CB  CG   sing N N 209 
MET CB  HB2  sing N N 210 
MET CB  HB3  sing N N 211 
MET CG  SD   sing N N 212 
MET CG  HG2  sing N N 213 
MET CG  HG3  sing N N 214 
MET SD  CE   sing N N 215 
MET CE  HE1  sing N N 216 
MET CE  HE2  sing N N 217 
MET CE  HE3  sing N N 218 
MET OXT HXT  sing N N 219 
PHE N   CA   sing N N 220 
PHE N   H    sing N N 221 
PHE N   H2   sing N N 222 
PHE CA  C    sing N N 223 
PHE CA  CB   sing N N 224 
PHE CA  HA   sing N N 225 
PHE C   O    doub N N 226 
PHE C   OXT  sing N N 227 
PHE CB  CG   sing N N 228 
PHE CB  HB2  sing N N 229 
PHE CB  HB3  sing N N 230 
PHE CG  CD1  doub Y N 231 
PHE CG  CD2  sing Y N 232 
PHE CD1 CE1  sing Y N 233 
PHE CD1 HD1  sing N N 234 
PHE CD2 CE2  doub Y N 235 
PHE CD2 HD2  sing N N 236 
PHE CE1 CZ   doub Y N 237 
PHE CE1 HE1  sing N N 238 
PHE CE2 CZ   sing Y N 239 
PHE CE2 HE2  sing N N 240 
PHE CZ  HZ   sing N N 241 
PHE OXT HXT  sing N N 242 
PRO N   CA   sing N N 243 
PRO N   CD   sing N N 244 
PRO N   H    sing N N 245 
PRO CA  C    sing N N 246 
PRO CA  CB   sing N N 247 
PRO CA  HA   sing N N 248 
PRO C   O    doub N N 249 
PRO C   OXT  sing N N 250 
PRO CB  CG   sing N N 251 
PRO CB  HB2  sing N N 252 
PRO CB  HB3  sing N N 253 
PRO CG  CD   sing N N 254 
PRO CG  HG2  sing N N 255 
PRO CG  HG3  sing N N 256 
PRO CD  HD2  sing N N 257 
PRO CD  HD3  sing N N 258 
PRO OXT HXT  sing N N 259 
SER N   CA   sing N N 260 
SER N   H    sing N N 261 
SER N   H2   sing N N 262 
SER CA  C    sing N N 263 
SER CA  CB   sing N N 264 
SER CA  HA   sing N N 265 
SER C   O    doub N N 266 
SER C   OXT  sing N N 267 
SER CB  OG   sing N N 268 
SER CB  HB2  sing N N 269 
SER CB  HB3  sing N N 270 
SER OG  HG   sing N N 271 
SER OXT HXT  sing N N 272 
SO4 S   O1   doub N N 273 
SO4 S   O2   doub N N 274 
SO4 S   O3   sing N N 275 
SO4 S   O4   sing N N 276 
THR N   CA   sing N N 277 
THR N   H    sing N N 278 
THR N   H2   sing N N 279 
THR CA  C    sing N N 280 
THR CA  CB   sing N N 281 
THR CA  HA   sing N N 282 
THR C   O    doub N N 283 
THR C   OXT  sing N N 284 
THR CB  OG1  sing N N 285 
THR CB  CG2  sing N N 286 
THR CB  HB   sing N N 287 
THR OG1 HG1  sing N N 288 
THR CG2 HG21 sing N N 289 
THR CG2 HG22 sing N N 290 
THR CG2 HG23 sing N N 291 
THR OXT HXT  sing N N 292 
VAL N   CA   sing N N 293 
VAL N   H    sing N N 294 
VAL N   H2   sing N N 295 
VAL CA  C    sing N N 296 
VAL CA  CB   sing N N 297 
VAL CA  HA   sing N N 298 
VAL C   O    doub N N 299 
VAL C   OXT  sing N N 300 
VAL CB  CG1  sing N N 301 
VAL CB  CG2  sing N N 302 
VAL CB  HB   sing N N 303 
VAL CG1 HG11 sing N N 304 
VAL CG1 HG12 sing N N 305 
VAL CG1 HG13 sing N N 306 
VAL CG2 HG21 sing N N 307 
VAL CG2 HG22 sing N N 308 
VAL CG2 HG23 sing N N 309 
VAL OXT HXT  sing N N 310 
# 
_atom_sites.entry_id                    4PXJ 
_atom_sites.fract_transf_matrix[1][1]   -0.00139096 
_atom_sites.fract_transf_matrix[1][2]   -0.00508901 
_atom_sites.fract_transf_matrix[1][3]   -0.00508360 
_atom_sites.fract_transf_matrix[2][1]   0.01057665 
_atom_sites.fract_transf_matrix[2][2]   0.00678230 
_atom_sites.fract_transf_matrix[2][3]   -0.00968347 
_atom_sites.fract_transf_matrix[3][1]   0.01382329 
_atom_sites.fract_transf_matrix[3][2]   -0.01345141 
_atom_sites.fract_transf_matrix[3][3]   0.00567694 
_atom_sites.fract_transf_vector[1]      1.176684 
_atom_sites.fract_transf_vector[2]      0.513150 
_atom_sites.fract_transf_vector[3]      0.701171 
# 
loop_
_atom_type.symbol 
C 
N 
O 
S 
# 
loop_
_atom_site.group_PDB 
_atom_site.id 
_atom_site.type_symbol 
_atom_site.label_atom_id 
_atom_site.label_alt_id 
_atom_site.label_comp_id 
_atom_site.label_asym_id 
_atom_site.label_entity_id 
_atom_site.label_seq_id 
_atom_site.pdbx_PDB_ins_code 
_atom_site.Cartn_x 
_atom_site.Cartn_y 
_atom_site.Cartn_z 
_atom_site.occupancy 
_atom_site.B_iso_or_equiv 
_atom_site.pdbx_formal_charge 
_atom_site.auth_seq_id 
_atom_site.auth_comp_id 
_atom_site.auth_asym_id 
_atom_site.auth_atom_id 
_atom_site.pdbx_PDB_model_num 
ATOM   1    N N   . PRO A 1 5  ? 37.453  2.779   2.493   1.00 79.41 ? 430 PRO A N   1 
ATOM   2    C CA  . PRO A 1 5  ? 36.903  3.961   3.168   1.00 82.72 ? 430 PRO A CA  1 
ATOM   3    C C   . PRO A 1 5  ? 35.692  4.531   2.423   1.00 78.17 ? 430 PRO A C   1 
ATOM   4    O O   . PRO A 1 5  ? 34.565  4.162   2.750   1.00 73.09 ? 430 PRO A O   1 
ATOM   5    C CB  . PRO A 1 5  ? 38.084  4.938   3.176   1.00 85.04 ? 430 PRO A CB  1 
ATOM   6    C CG  . PRO A 1 5  ? 38.915  4.532   2.005   1.00 87.02 ? 430 PRO A CG  1 
ATOM   7    C CD  . PRO A 1 5  ? 38.779  3.040   1.906   1.00 79.30 ? 430 PRO A CD  1 
ATOM   8    N N   . GLU A 1 6  ? 35.912  5.404   1.444   1.00 79.88 ? 431 GLU A N   1 
ATOM   9    C CA  . GLU A 1 6  ? 34.819  5.894   0.613   1.00 72.06 ? 431 GLU A CA  1 
ATOM   10   C C   . GLU A 1 6  ? 34.342  4.778   -0.312  1.00 69.09 ? 431 GLU A C   1 
ATOM   11   O O   . GLU A 1 6  ? 33.163  4.706   -0.661  1.00 68.31 ? 431 GLU A O   1 
ATOM   12   C CB  . GLU A 1 6  ? 35.254  7.115   -0.200  1.00 70.94 ? 431 GLU A CB  1 
ATOM   13   N N   . PHE A 1 7  ? 35.273  3.913   -0.705  1.00 68.33 ? 432 PHE A N   1 
ATOM   14   C CA  . PHE A 1 7  ? 34.953  2.727   -1.492  1.00 61.43 ? 432 PHE A CA  1 
ATOM   15   C C   . PHE A 1 7  ? 34.044  1.797   -0.694  1.00 62.44 ? 432 PHE A C   1 
ATOM   16   O O   . PHE A 1 7  ? 33.150  1.156   -1.250  1.00 49.85 ? 432 PHE A O   1 
ATOM   17   C CB  . PHE A 1 7  ? 36.239  2.001   -1.905  1.00 61.86 ? 432 PHE A CB  1 
ATOM   18   C CG  . PHE A 1 7  ? 36.010  0.763   -2.728  1.00 57.93 ? 432 PHE A CG  1 
ATOM   19   C CD1 . PHE A 1 7  ? 35.863  -0.475  -2.117  0.35 53.65 ? 432 PHE A CD1 1 
ATOM   20   C CD2 . PHE A 1 7  ? 35.961  0.830   -4.113  0.70 52.99 ? 432 PHE A CD2 1 
ATOM   21   C CE1 . PHE A 1 7  ? 35.658  -1.618  -2.870  0.79 55.21 ? 432 PHE A CE1 1 
ATOM   22   C CE2 . PHE A 1 7  ? 35.755  -0.310  -4.870  0.33 53.97 ? 432 PHE A CE2 1 
ATOM   23   C CZ  . PHE A 1 7  ? 35.605  -1.536  -4.248  0.73 53.24 ? 432 PHE A CZ  1 
ATOM   24   N N   . THR A 1 8  ? 34.275  1.730   0.614   1.00 60.07 ? 433 THR A N   1 
ATOM   25   C CA  . THR A 1 8  ? 33.460  0.904   1.496   1.00 52.10 ? 433 THR A CA  1 
ATOM   26   C C   . THR A 1 8  ? 32.042  1.465   1.601   1.00 55.72 ? 433 THR A C   1 
ATOM   27   O O   . THR A 1 8  ? 31.066  0.720   1.530   1.00 46.61 ? 433 THR A O   1 
ATOM   28   C CB  . THR A 1 8  ? 34.080  0.800   2.906   1.00 59.67 ? 433 THR A CB  1 
ATOM   29   O OG1 . THR A 1 8  ? 35.420  0.299   2.808   1.00 63.22 ? 433 THR A OG1 1 
ATOM   30   C CG2 . THR A 1 8  ? 33.261  -0.128  3.795   1.00 61.37 ? 433 THR A CG2 1 
ATOM   31   N N   . LYS A 1 9  ? 31.935  2.781   1.763   1.00 52.97 ? 434 LYS A N   1 
ATOM   32   C CA  . LYS A 1 9  ? 30.639  3.438   1.908   1.00 51.39 ? 434 LYS A CA  1 
ATOM   33   C C   . LYS A 1 9  ? 29.781  3.249   0.659   1.00 47.74 ? 434 LYS A C   1 
ATOM   34   O O   . LYS A 1 9  ? 28.587  2.958   0.754   1.00 47.37 ? 434 LYS A O   1 
ATOM   35   C CB  . LYS A 1 9  ? 30.824  4.931   2.196   1.00 56.57 ? 434 LYS A CB  1 
ATOM   36   C CG  . LYS A 1 9  ? 29.522  5.691   2.445   1.00 58.89 ? 434 LYS A CG  1 
ATOM   37   C CD  . LYS A 1 9  ? 29.768  7.182   2.643   1.00 63.66 ? 434 LYS A CD  1 
ATOM   38   N N   . ASN A 1 10 ? 30.391  3.418   -0.509  1.00 44.58 ? 435 ASN A N   1 
ATOM   39   C CA  . ASN A 1 10 ? 29.681  3.241   -1.767  1.00 45.30 ? 435 ASN A CA  1 
ATOM   40   C C   . ASN A 1 10 ? 29.200  1.806   -1.931  1.00 46.65 ? 435 ASN A C   1 
ATOM   41   O O   . ASN A 1 10 ? 28.069  1.566   -2.345  1.00 36.24 ? 435 ASN A O   1 
ATOM   42   C CB  . ASN A 1 10 ? 30.574  3.627   -2.946  1.00 51.96 ? 435 ASN A CB  1 
ATOM   43   C CG  . ASN A 1 10 ? 31.004  5.076   -2.898  1.00 58.64 ? 435 ASN A CG  1 
ATOM   44   O OD1 . ASN A 1 10 ? 30.385  5.897   -2.220  1.00 59.09 ? 435 ASN A OD1 1 
ATOM   45   N ND2 . ASN A 1 10 ? 32.066  5.402   -3.625  1.00 65.91 ? 435 ASN A ND2 1 
ATOM   46   N N   . ALA A 1 11 ? 30.066  0.856   -1.595  1.00 36.94 ? 436 ALA A N   1 
ATOM   47   C CA  . ALA A 1 11 ? 29.740  -0.557  -1.724  1.00 40.21 ? 436 ALA A CA  1 
ATOM   48   C C   . ALA A 1 11 ? 28.543  -0.928  -0.855  1.00 32.18 ? 436 ALA A C   1 
ATOM   49   O O   . ALA A 1 11 ? 27.640  -1.635  -1.300  1.00 32.35 ? 436 ALA A O   1 
ATOM   50   C CB  . ALA A 1 11 ? 30.945  -1.413  -1.357  1.00 42.05 ? 436 ALA A CB  1 
ATOM   51   N N   . LEU A 1 12 ? 28.536  -0.442  0.382   1.00 32.86 ? 437 LEU A N   1 
ATOM   52   C CA  . LEU A 1 12 ? 27.447  -0.736  1.306   1.00 34.80 ? 437 LEU A CA  1 
ATOM   53   C C   . LEU A 1 12 ? 26.142  -0.093  0.838   1.00 32.68 ? 437 LEU A C   1 
ATOM   54   O O   . LEU A 1 12 ? 25.066  -0.663  1.019   1.00 31.47 ? 437 LEU A O   1 
ATOM   55   C CB  . LEU A 1 12 ? 27.791  -0.256  2.719   1.00 34.54 ? 437 LEU A CB  1 
ATOM   56   C CG  . LEU A 1 12 ? 28.956  -0.966  3.422   1.00 40.57 ? 437 LEU A CG  1 
ATOM   57   C CD1 . LEU A 1 12 ? 29.151  -0.400  4.816   1.00 43.60 ? 437 LEU A CD1 1 
ATOM   58   C CD2 . LEU A 1 12 ? 28.753  -2.470  3.492   1.00 33.20 ? 437 LEU A CD2 1 
ATOM   59   N N   . ASN A 1 13 ? 26.238  1.086   0.233   1.00 33.29 ? 438 ASN A N   1 
ATOM   60   C CA  . ASN A 1 13 ? 25.049  1.770   -0.270  1.00 35.19 ? 438 ASN A CA  1 
ATOM   61   C C   . ASN A 1 13 ? 24.444  1.056   -1.475  1.00 32.25 ? 438 ASN A C   1 
ATOM   62   O O   . ASN A 1 13 ? 23.227  1.074   -1.656  1.00 35.06 ? 438 ASN A O   1 
ATOM   63   C CB  . ASN A 1 13 ? 25.373  3.222   -0.631  1.00 40.19 ? 438 ASN A CB  1 
ATOM   64   C CG  . ASN A 1 13 ? 25.294  4.152   0.570   1.00 45.00 ? 438 ASN A CG  1 
ATOM   65   O OD1 . ASN A 1 13 ? 24.398  4.033   1.406   1.00 42.57 ? 438 ASN A OD1 1 
ATOM   66   N ND2 . ASN A 1 13 ? 26.236  5.083   0.659   1.00 52.02 ? 438 ASN A ND2 1 
ATOM   67   N N   . VAL A 1 14 ? 25.287  0.437   -2.298  1.00 36.87 ? 439 VAL A N   1 
ATOM   68   C CA  . VAL A 1 14 ? 24.799  -0.376  -3.408  1.00 31.09 ? 439 VAL A CA  1 
ATOM   69   C C   . VAL A 1 14 ? 23.915  -1.485  -2.850  1.00 32.93 ? 439 VAL A C   1 
ATOM   70   O O   . VAL A 1 14 ? 22.812  -1.720  -3.343  1.00 30.68 ? 439 VAL A O   1 
ATOM   71   C CB  . VAL A 1 14 ? 25.957  -0.979  -4.246  1.00 35.30 ? 439 VAL A CB  1 
ATOM   72   C CG1 . VAL A 1 14 ? 25.436  -2.007  -5.246  1.00 36.46 ? 439 VAL A CG1 1 
ATOM   73   C CG2 . VAL A 1 14 ? 26.700  0.118   -4.981  1.00 39.81 ? 439 VAL A CG2 1 
ATOM   74   N N   . VAL A 1 15 ? 24.395  -2.153  -1.807  1.00 33.12 ? 440 VAL A N   1 
ATOM   75   C CA  . VAL A 1 15 ? 23.626  -3.215  -1.171  1.00 30.33 ? 440 VAL A CA  1 
ATOM   76   C C   . VAL A 1 15 ? 22.356  -2.658  -0.522  1.00 30.48 ? 440 VAL A C   1 
ATOM   77   O O   . VAL A 1 15 ? 21.276  -3.220  -0.686  1.00 31.58 ? 440 VAL A O   1 
ATOM   78   C CB  . VAL A 1 15 ? 24.458  -3.961  -0.114  1.00 28.98 ? 440 VAL A CB  1 
ATOM   79   C CG1 . VAL A 1 15 ? 23.642  -5.107  0.494   1.00 32.60 ? 440 VAL A CG1 1 
ATOM   80   C CG2 . VAL A 1 15 ? 25.769  -4.467  -0.732  1.00 31.62 ? 440 VAL A CG2 1 
ATOM   81   N N   . LYS A 1 16 ? 22.489  -1.556  0.207   1.00 28.56 ? 441 LYS A N   1 
ATOM   82   C CA  . LYS A 1 16 ? 21.345  -0.949  0.882   1.00 31.25 ? 441 LYS A CA  1 
ATOM   83   C C   . LYS A 1 16 ? 20.254  -0.559  -0.114  1.00 31.56 ? 441 LYS A C   1 
ATOM   84   O O   . LYS A 1 16 ? 19.081  -0.884  0.074   1.00 30.43 ? 441 LYS A O   1 
ATOM   85   C CB  . LYS A 1 16 ? 21.781  0.283   1.680   1.00 34.02 ? 441 LYS A CB  1 
ATOM   86   C CG  . LYS A 1 16 ? 20.680  0.867   2.552   1.00 34.42 ? 441 LYS A CG  1 
ATOM   87   C CD  . LYS A 1 16 ? 21.107  2.166   3.222   1.00 38.29 ? 441 LYS A CD  1 
ATOM   88   C CE  . LYS A 1 16 ? 21.078  3.340   2.257   1.00 48.09 ? 441 LYS A CE  1 
ATOM   89   N NZ  . LYS A 1 16 ? 20.929  4.633   2.980   1.00 54.14 ? 441 LYS A NZ  1 
ATOM   90   N N   . ASN A 1 17 ? 20.643  0.132   -1.179  1.00 30.19 ? 442 ASN A N   1 
ATOM   91   C CA  . ASN A 1 17 ? 19.680  0.605   -2.166  1.00 32.63 ? 442 ASN A CA  1 
ATOM   92   C C   . ASN A 1 17 ? 19.008  -0.548  -2.901  1.00 35.21 ? 442 ASN A C   1 
ATOM   93   O O   . ASN A 1 17 ? 17.839  -0.461  -3.275  1.00 30.81 ? 442 ASN A O   1 
ATOM   94   C CB  . ASN A 1 17 ? 20.360  1.546   -3.162  1.00 34.71 ? 442 ASN A CB  1 
ATOM   95   C CG  . ASN A 1 17 ? 20.712  2.887   -2.544  1.00 32.05 ? 442 ASN A CG  1 
ATOM   96   O OD1 . ASN A 1 17 ? 20.023  3.368   -1.646  1.00 42.89 ? 442 ASN A OD1 1 
ATOM   97   N ND2 . ASN A 1 17 ? 21.791  3.493   -3.020  1.00 39.85 ? 442 ASN A ND2 1 
ATOM   98   N N   . ASP A 1 18 ? 19.744  -1.636  -3.098  1.00 30.23 ? 443 ASP A N   1 
ATOM   99   C CA  . ASP A 1 18 ? 19.180  -2.822  -3.723  1.00 33.51 ? 443 ASP A CA  1 
ATOM   100  C C   . ASP A 1 18 ? 18.104  -3.440  -2.833  1.00 29.13 ? 443 ASP A C   1 
ATOM   101  O O   . ASP A 1 18 ? 17.048  -3.848  -3.315  1.00 30.58 ? 443 ASP A O   1 
ATOM   102  C CB  . ASP A 1 18 ? 20.272  -3.847  -4.023  1.00 37.79 ? 443 ASP A CB  1 
ATOM   103  C CG  . ASP A 1 18 ? 19.721  -5.119  -4.629  1.00 41.35 ? 443 ASP A CG  1 
ATOM   104  O OD1 . ASP A 1 18 ? 19.398  -5.112  -5.835  1.00 44.95 ? 443 ASP A OD1 1 
ATOM   105  O OD2 . ASP A 1 18 ? 19.608  -6.122  -3.895  1.00 43.31 ? 443 ASP A OD2 1 
ATOM   106  N N   . LEU A 1 19 ? 18.372  -3.498  -1.532  1.00 28.96 ? 444 LEU A N   1 
ATOM   107  C CA  . LEU A 1 19 ? 17.395  -4.013  -0.576  1.00 30.43 ? 444 LEU A CA  1 
ATOM   108  C C   . LEU A 1 19 ? 16.157  -3.118  -0.522  1.00 33.94 ? 444 LEU A C   1 
ATOM   109  O O   . LEU A 1 19 ? 15.032  -3.607  -0.402  1.00 28.42 ? 444 LEU A O   1 
ATOM   110  C CB  . LEU A 1 19 ? 18.012  -4.130  0.815   1.00 29.86 ? 444 LEU A CB  1 
ATOM   111  C CG  . LEU A 1 19 ? 19.157  -5.130  0.996   1.00 34.71 ? 444 LEU A CG  1 
ATOM   112  C CD1 . LEU A 1 19 ? 19.754  -4.944  2.369   1.00 38.26 ? 444 LEU A CD1 1 
ATOM   113  C CD2 . LEU A 1 19 ? 18.690  -6.560  0.821   1.00 45.84 ? 444 LEU A CD2 1 
ATOM   114  N N   . ILE A 1 20 ? 16.370  -1.808  -0.604  1.00 30.03 ? 445 ILE A N   1 
ATOM   115  C CA  . ILE A 1 20 ? 15.260  -0.860  -0.611  1.00 31.24 ? 445 ILE A CA  1 
ATOM   116  C C   . ILE A 1 20 ? 14.396  -1.101  -1.844  1.00 27.32 ? 445 ILE A C   1 
ATOM   117  O O   . ILE A 1 20 ? 13.170  -1.122  -1.756  1.00 33.44 ? 445 ILE A O   1 
ATOM   118  C CB  . ILE A 1 20 ? 15.761  0.601   -0.579  1.00 29.60 ? 445 ILE A CB  1 
ATOM   119  C CG1 . ILE A 1 20 ? 16.399  0.897   0.780   1.00 29.85 ? 445 ILE A CG1 1 
ATOM   120  C CG2 . ILE A 1 20 ? 14.615  1.572   -0.825  1.00 38.09 ? 445 ILE A CG2 1 
ATOM   121  C CD1 . ILE A 1 20 ? 17.180  2.188   0.832   1.00 32.51 ? 445 ILE A CD1 1 
ATOM   122  N N   . ALA A 1 21 ? 15.043  -1.302  -2.987  1.00 28.60 ? 446 ALA A N   1 
ATOM   123  C CA  . ALA A 1 21 ? 14.336  -1.600  -4.226  1.00 27.85 ? 446 ALA A CA  1 
ATOM   124  C C   . ALA A 1 21 ? 13.501  -2.872  -4.092  1.00 33.87 ? 446 ALA A C   1 
ATOM   125  O O   . ALA A 1 21 ? 12.362  -2.926  -4.560  1.00 29.99 ? 446 ALA A O   1 
ATOM   126  C CB  . ALA A 1 21 ? 15.320  -1.729  -5.376  1.00 30.27 ? 446 ALA A CB  1 
ATOM   127  N N   . LYS A 1 22 ? 14.068  -3.890  -3.452  1.00 28.92 ? 447 LYS A N   1 
ATOM   128  C CA  . LYS A 1 22 ? 13.367  -5.153  -3.242  1.00 29.73 ? 447 LYS A CA  1 
ATOM   129  C C   . LYS A 1 22 ? 12.172  -4.985  -2.309  1.00 30.25 ? 447 LYS A C   1 
ATOM   130  O O   . LYS A 1 22 ? 11.131  -5.611  -2.508  1.00 31.35 ? 447 LYS A O   1 
ATOM   131  C CB  . LYS A 1 22 ? 14.323  -6.208  -2.679  1.00 33.84 ? 447 LYS A CB  1 
ATOM   132  C CG  . LYS A 1 22 ? 15.260  -6.810  -3.714  1.00 36.47 ? 447 LYS A CG  1 
ATOM   133  C CD  . LYS A 1 22 ? 16.278  -7.734  -3.059  1.00 40.56 ? 447 LYS A CD  1 
ATOM   134  C CE  . LYS A 1 22 ? 16.950  -8.641  -4.078  1.00 47.94 ? 447 LYS A CE  1 
ATOM   135  N NZ  . LYS A 1 22 ? 17.649  -7.883  -5.151  1.00 53.05 ? 447 LYS A NZ  1 
ATOM   136  N N   . VAL A 1 23 ? 12.323  -4.144  -1.291  1.00 29.43 ? 448 VAL A N   1 
ATOM   137  C CA  . VAL A 1 23 ? 11.223  -3.869  -0.373  1.00 28.63 ? 448 VAL A CA  1 
ATOM   138  C C   . VAL A 1 23 ? 10.067  -3.214  -1.125  1.00 34.55 ? 448 VAL A C   1 
ATOM   139  O O   . VAL A 1 23 ? 8.908   -3.582  -0.936  1.00 31.64 ? 448 VAL A O   1 
ATOM   140  C CB  . VAL A 1 23 ? 11.670  -2.965  0.791   1.00 29.33 ? 448 VAL A CB  1 
ATOM   141  C CG1 . VAL A 1 23 ? 10.474  -2.519  1.622   1.00 33.30 ? 448 VAL A CG1 1 
ATOM   142  C CG2 . VAL A 1 23 ? 12.678  -3.694  1.658   1.00 33.53 ? 448 VAL A CG2 1 
ATOM   143  N N   . ASP A 1 24 ? 10.388  -2.253  -1.986  1.00 31.44 ? 449 ASP A N   1 
ATOM   144  C CA  . ASP A 1 24 ? 9.365   -1.569  -2.770  1.00 29.89 ? 449 ASP A CA  1 
ATOM   145  C C   . ASP A 1 24 ? 8.618   -2.539  -3.678  1.00 32.67 ? 449 ASP A C   1 
ATOM   146  O O   . ASP A 1 24 ? 7.395   -2.474  -3.783  1.00 30.77 ? 449 ASP A O   1 
ATOM   147  C CB  . ASP A 1 24 ? 9.981   -0.446  -3.607  1.00 30.45 ? 449 ASP A CB  1 
ATOM   148  C CG  . ASP A 1 24 ? 10.371  0.763   -2.770  1.00 33.97 ? 449 ASP A CG  1 
ATOM   149  O OD1 . ASP A 1 24 ? 9.896   0.877   -1.621  1.00 37.80 ? 449 ASP A OD1 1 
ATOM   150  O OD2 . ASP A 1 24 ? 11.146  1.609   -3.264  1.00 33.71 ? 449 ASP A OD2 1 
ATOM   151  N N   . GLN A 1 25 ? 9.346   -3.439  -4.329  1.00 29.45 ? 450 GLN A N   1 
ATOM   152  C CA  . GLN A 1 25 ? 8.703   -4.420  -5.193  1.00 30.42 ? 450 GLN A CA  1 
ATOM   153  C C   . GLN A 1 25 ? 7.747   -5.303  -4.391  1.00 30.41 ? 450 GLN A C   1 
ATOM   154  O O   . GLN A 1 25 ? 6.650   -5.609  -4.851  1.00 31.57 ? 450 GLN A O   1 
ATOM   155  C CB  . GLN A 1 25 ? 9.739   -5.285  -5.914  1.00 33.19 ? 450 GLN A CB  1 
ATOM   156  C CG  . GLN A 1 25 ? 9.111   -6.296  -6.859  1.00 40.59 ? 450 GLN A CG  1 
ATOM   157  C CD  . GLN A 1 25 ? 10.136  -7.092  -7.637  1.00 48.97 ? 450 GLN A CD  1 
ATOM   158  O OE1 . GLN A 1 25 ? 11.303  -6.710  -7.724  1.00 59.13 ? 450 GLN A OE1 1 
ATOM   159  N NE2 . GLN A 1 25 ? 9.706   -8.212  -8.205  1.00 49.23 ? 450 GLN A NE2 1 
ATOM   160  N N   . LEU A 1 26 ? 8.157   -5.706  -3.192  1.00 30.40 ? 451 LEU A N   1 
ATOM   161  C CA  . LEU A 1 26 ? 7.299   -6.535  -2.350  1.00 33.08 ? 451 LEU A CA  1 
ATOM   162  C C   . LEU A 1 26 ? 6.060   -5.768  -1.896  1.00 29.96 ? 451 LEU A C   1 
ATOM   163  O O   . LEU A 1 26 ? 4.981   -6.343  -1.773  1.00 32.58 ? 451 LEU A O   1 
ATOM   164  C CB  . LEU A 1 26 ? 8.067   -7.053  -1.133  1.00 33.61 ? 451 LEU A CB  1 
ATOM   165  C CG  . LEU A 1 26 ? 9.067   -8.176  -1.413  1.00 35.62 ? 451 LEU A CG  1 
ATOM   166  C CD1 . LEU A 1 26 ? 9.901   -8.433  -0.168  1.00 39.92 ? 451 LEU A CD1 1 
ATOM   167  C CD2 . LEU A 1 26 ? 8.357   -9.442  -1.894  1.00 34.55 ? 451 LEU A CD2 1 
ATOM   168  N N   . SER A 1 27 ? 6.218   -4.475  -1.641  1.00 30.11 ? 452 SER A N   1 
ATOM   169  C CA  . SER A 1 27 ? 5.083   -3.640  -1.266  1.00 33.89 ? 452 SER A CA  1 
ATOM   170  C C   . SER A 1 27 ? 4.069   -3.597  -2.404  1.00 30.48 ? 452 SER A C   1 
ATOM   171  O O   . SER A 1 27 ? 2.861   -3.658  -2.176  1.00 31.55 ? 452 SER A O   1 
ATOM   172  C CB  . SER A 1 27 ? 5.545   -2.227  -0.909  1.00 35.94 ? 452 SER A CB  1 
ATOM   173  O OG  . SER A 1 27 ? 6.389   -2.247  0.228   1.00 37.15 ? 452 SER A OG  1 
ATOM   174  N N   . GLY A 1 28 ? 4.569   -3.503  -3.631  1.00 28.99 ? 453 GLY A N   1 
ATOM   175  C CA  . GLY A 1 28 ? 3.711   -3.525  -4.801  1.00 31.67 ? 453 GLY A CA  1 
ATOM   176  C C   . GLY A 1 28 ? 2.985   -4.851  -4.927  1.00 32.15 ? 453 GLY A C   1 
ATOM   177  O O   . GLY A 1 28 ? 1.782   -4.886  -5.186  1.00 29.39 ? 453 GLY A O   1 
ATOM   178  N N   . GLU A 1 29 ? 3.718   -5.945  -4.737  1.00 27.48 ? 454 GLU A N   1 
ATOM   179  C CA  . GLU A 1 29 ? 3.137   -7.279  -4.835  1.00 28.89 ? 454 GLU A CA  1 
ATOM   180  C C   . GLU A 1 29 ? 2.060   -7.482  -3.777  1.00 31.47 ? 454 GLU A C   1 
ATOM   181  O O   . GLU A 1 29 ? 1.007   -8.052  -4.058  1.00 33.80 ? 454 GLU A O   1 
ATOM   182  C CB  . GLU A 1 29 ? 4.222   -8.352  -4.701  1.00 29.68 ? 454 GLU A CB  1 
ATOM   183  C CG  . GLU A 1 29 ? 5.165   -8.411  -5.890  1.00 32.58 ? 454 GLU A CG  1 
ATOM   184  C CD  . GLU A 1 29 ? 6.256   -9.458  -5.734  1.00 45.60 ? 454 GLU A CD  1 
ATOM   185  O OE1 . GLU A 1 29 ? 6.163   -10.294 -4.812  1.00 42.60 ? 454 GLU A OE1 1 
ATOM   186  O OE2 . GLU A 1 29 ? 7.209   -9.441  -6.541  1.00 46.57 ? 454 GLU A OE2 1 
ATOM   187  N N   . GLN A 1 30 ? 2.324   -7.004  -2.566  1.00 30.72 ? 455 GLN A N   1 
ATOM   188  C CA  . GLN A 1 30 ? 1.360   -7.100  -1.476  1.00 32.33 ? 455 GLN A CA  1 
ATOM   189  C C   . GLN A 1 30 ? 0.043   -6.415  -1.825  1.00 39.74 ? 455 GLN A C   1 
ATOM   190  O O   . GLN A 1 30 ? -1.033  -6.956  -1.576  1.00 35.24 ? 455 GLN A O   1 
ATOM   191  C CB  . GLN A 1 30 ? 1.930   -6.481  -0.202  1.00 33.51 ? 455 GLN A CB  1 
ATOM   192  C CG  . GLN A 1 30 ? 2.921   -7.356  0.534   1.00 35.90 ? 455 GLN A CG  1 
ATOM   193  C CD  . GLN A 1 30 ? 3.490   -6.666  1.757   1.00 43.09 ? 455 GLN A CD  1 
ATOM   194  O OE1 . GLN A 1 30 ? 3.840   -5.487  1.711   1.00 47.36 ? 455 GLN A OE1 1 
ATOM   195  N NE2 . GLN A 1 30 ? 3.571   -7.394  2.861   1.00 47.78 ? 455 GLN A NE2 1 
ATOM   196  N N   . GLU A 1 31 ? 0.134   -5.221  -2.396  1.00 30.81 ? 456 GLU A N   1 
ATOM   197  C CA  . GLU A 1 31 ? -1.058  -4.455  -2.730  1.00 33.85 ? 456 GLU A CA  1 
ATOM   198  C C   . GLU A 1 31 ? -1.868  -5.145  -3.826  1.00 32.07 ? 456 GLU A C   1 
ATOM   199  O O   . GLU A 1 31 ? -3.093  -5.213  -3.744  1.00 33.70 ? 456 GLU A O   1 
ATOM   200  C CB  . GLU A 1 31 ? -0.682  -3.035  -3.156  1.00 34.76 ? 456 GLU A CB  1 
ATOM   201  C CG  . GLU A 1 31 ? -1.886  -2.151  -3.468  1.00 41.57 ? 456 GLU A CG  1 
ATOM   202  C CD  . GLU A 1 31 ? -1.544  -0.671  -3.514  0.28 42.83 ? 456 GLU A CD  1 
ATOM   203  O OE1 . GLU A 1 31 ? -0.522  -0.269  -2.918  0.89 45.30 ? 456 GLU A OE1 1 
ATOM   204  O OE2 . GLU A 1 31 ? -2.303  0.094   -4.146  1.00 47.13 ? 456 GLU A OE2 1 
ATOM   205  N N   . VAL A 1 32 ? -1.185  -5.659  -4.845  1.00 33.76 ? 457 VAL A N   1 
ATOM   206  C CA  . VAL A 1 32 ? -1.859  -6.375  -5.924  1.00 34.06 ? 457 VAL A CA  1 
ATOM   207  C C   . VAL A 1 32 ? -2.526  -7.626  -5.367  1.00 37.96 ? 457 VAL A C   1 
ATOM   208  O O   . VAL A 1 32 ? -3.690  -7.900  -5.658  1.00 33.44 ? 457 VAL A O   1 
ATOM   209  C CB  . VAL A 1 32 ? -0.881  -6.753  -7.063  1.00 34.34 ? 457 VAL A CB  1 
ATOM   210  C CG1 . VAL A 1 32 ? -1.564  -7.632  -8.106  1.00 37.62 ? 457 VAL A CG1 1 
ATOM   211  C CG2 . VAL A 1 32 ? -0.337  -5.501  -7.719  1.00 33.96 ? 457 VAL A CG2 1 
ATOM   212  N N   . LEU A 1 33 ? -1.791  -8.371  -4.546  1.00 34.77 ? 458 LEU A N   1 
ATOM   213  C CA  . LEU A 1 33 ? -2.314  -9.595  -3.953  1.00 33.60 ? 458 LEU A CA  1 
ATOM   214  C C   . LEU A 1 33 ? -3.534  -9.326  -3.081  1.00 37.08 ? 458 LEU A C   1 
ATOM   215  O O   . LEU A 1 33 ? -4.519  -10.058 -3.149  1.00 35.83 ? 458 LEU A O   1 
ATOM   216  C CB  . LEU A 1 33 ? -1.232  -10.296 -3.130  1.00 35.32 ? 458 LEU A CB  1 
ATOM   217  C CG  . LEU A 1 33 ? -0.119  -10.954 -3.946  1.00 36.95 ? 458 LEU A CG  1 
ATOM   218  C CD1 . LEU A 1 33 ? 1.041   -11.318 -3.038  1.00 39.45 ? 458 LEU A CD1 1 
ATOM   219  C CD2 . LEU A 1 33 ? -0.631  -12.185 -4.679  1.00 36.47 ? 458 LEU A CD2 1 
ATOM   220  N N   . ARG A 1 34 ? -3.471  -8.279  -2.266  1.00 34.43 ? 459 ARG A N   1 
ATOM   221  C CA  . ARG A 1 34 ? -4.598  -7.916  -1.414  1.00 37.25 ? 459 ARG A CA  1 
ATOM   222  C C   . ARG A 1 34 ? -5.821  -7.540  -2.242  1.00 36.77 ? 459 ARG A C   1 
ATOM   223  O O   . ARG A 1 34 ? -6.953  -7.834  -1.858  1.00 38.26 ? 459 ARG A O   1 
ATOM   224  C CB  . ARG A 1 34 ? -4.222  -6.761  -0.487  1.00 39.51 ? 459 ARG A CB  1 
ATOM   225  C CG  . ARG A 1 34 ? -3.367  -7.179  0.687   1.00 45.43 ? 459 ARG A CG  1 
ATOM   226  C CD  . ARG A 1 34 ? -2.967  -5.982  1.527   1.00 50.81 ? 459 ARG A CD  1 
ATOM   227  N NE  . ARG A 1 34 ? -1.987  -6.340  2.549   1.00 56.30 ? 459 ARG A NE  1 
ATOM   228  C CZ  . ARG A 1 34 ? -0.826  -5.721  2.746   1.00 54.51 ? 459 ARG A CZ  1 
ATOM   229  N NH1 . ARG A 1 34 ? -0.018  -6.143  3.707   1.00 57.32 ? 459 ARG A NH1 1 
ATOM   230  N NH2 . ARG A 1 34 ? -0.465  -4.684  1.998   1.00 57.40 ? 459 ARG A NH2 1 
ATOM   231  N N   . GLY A 1 35 ? -5.588  -6.886  -3.376  1.00 36.80 ? 460 GLY A N   1 
ATOM   232  C CA  . GLY A 1 35 ? -6.665  -6.511  -4.273  1.00 37.55 ? 460 GLY A CA  1 
ATOM   233  C C   . GLY A 1 35 ? -7.335  -7.737  -4.858  1.00 37.05 ? 460 GLY A C   1 
ATOM   234  O O   . GLY A 1 35 ? -8.557  -7.785  -4.983  1.00 36.70 ? 460 GLY A O   1 
ATOM   235  N N   . GLU A 1 36 ? -6.532  -8.736  -5.211  1.00 34.23 ? 461 GLU A N   1 
ATOM   236  C CA  . GLU A 1 36 ? -7.054  -9.977  -5.772  1.00 34.06 ? 461 GLU A CA  1 
ATOM   237  C C   . GLU A 1 36 ? -7.807  -10.787 -4.721  1.00 34.69 ? 461 GLU A C   1 
ATOM   238  O O   . GLU A 1 36 ? -8.838  -11.390 -5.022  1.00 34.64 ? 461 GLU A O   1 
ATOM   239  C CB  . GLU A 1 36 ? -5.918  -10.804 -6.375  1.00 34.46 ? 461 GLU A CB  1 
ATOM   240  C CG  . GLU A 1 36 ? -5.353  -10.184 -7.642  1.00 36.25 ? 461 GLU A CG  1 
ATOM   241  C CD  . GLU A 1 36 ? -4.134  -10.907 -8.172  1.00 44.05 ? 461 GLU A CD  1 
ATOM   242  O OE1 . GLU A 1 36 ? -3.401  -11.520 -7.370  1.00 47.27 ? 461 GLU A OE1 1 
ATOM   243  O OE2 . GLU A 1 36 ? -3.903  -10.856 -9.398  1.00 48.70 ? 461 GLU A OE2 1 
ATOM   244  N N   . LEU A 1 37 ? -7.301  -10.793 -3.490  1.00 32.53 ? 462 LEU A N   1 
ATOM   245  C CA  . LEU A 1 37 ? -7.992  -11.459 -2.388  1.00 40.04 ? 462 LEU A CA  1 
ATOM   246  C C   . LEU A 1 37 ? -9.379  -10.868 -2.181  1.00 39.06 ? 462 LEU A C   1 
ATOM   247  O O   . LEU A 1 37 ? -10.356 -11.600 -2.035  1.00 40.05 ? 462 LEU A O   1 
ATOM   248  C CB  . LEU A 1 37 ? -7.205  -11.343 -1.077  1.00 38.74 ? 462 LEU A CB  1 
ATOM   249  C CG  . LEU A 1 37 ? -6.276  -12.477 -0.630  1.00 49.21 ? 462 LEU A CG  1 
ATOM   250  C CD1 . LEU A 1 37 ? -6.926  -13.860 -0.737  1.00 48.27 ? 462 LEU A CD1 1 
ATOM   251  C CD2 . LEU A 1 37 ? -4.985  -12.430 -1.409  1.00 52.86 ? 462 LEU A CD2 1 
ATOM   252  N N   . GLU A 1 38 ? -9.453  -9.541  -2.158  1.00 39.80 ? 463 GLU A N   1 
ATOM   253  C CA  . GLU A 1 38 ? -10.710 -8.851  -1.893  1.00 40.14 ? 463 GLU A CA  1 
ATOM   254  C C   . GLU A 1 38 ? -11.717 -9.145  -3.002  1.00 35.50 ? 463 GLU A C   1 
ATOM   255  O O   . GLU A 1 38 ? -12.895 -9.372  -2.734  1.00 39.33 ? 463 GLU A O   1 
ATOM   256  C CB  . GLU A 1 38 ? -10.482 -7.341  -1.758  1.00 43.87 ? 463 GLU A CB  1 
ATOM   257  C CG  . GLU A 1 38 ? -11.721 -6.541  -1.353  1.00 47.66 ? 463 GLU A CG  1 
ATOM   258  C CD  . GLU A 1 38 ? -12.306 -6.977  -0.018  0.64 46.92 ? 463 GLU A CD  1 
ATOM   259  O OE1 . GLU A 1 38 ? -11.547 -7.483  0.835   0.63 54.09 ? 463 GLU A OE1 1 
ATOM   260  O OE2 . GLU A 1 38 ? -13.529 -6.812  0.175   0.65 56.34 ? 463 GLU A OE2 1 
ATOM   261  N N   . ALA A 1 39 ? -11.242 -9.154  -4.244  1.00 37.87 ? 464 ALA A N   1 
ATOM   262  C CA  . ALA A 1 39 ? -12.091 -9.474  -5.385  1.00 37.53 ? 464 ALA A CA  1 
ATOM   263  C C   . ALA A 1 39 ? -12.631 -10.900 -5.281  1.00 36.67 ? 464 ALA A C   1 
ATOM   264  O O   . ALA A 1 39 ? -13.804 -11.146 -5.558  1.00 37.10 ? 464 ALA A O   1 
ATOM   265  C CB  . ALA A 1 39 ? -11.324 -9.293  -6.686  1.00 36.89 ? 464 ALA A CB  1 
ATOM   266  N N   . ALA A 1 40 ? -11.773 -11.836 -4.882  1.00 35.04 ? 465 ALA A N   1 
ATOM   267  C CA  . ALA A 1 40 ? -12.188 -13.224 -4.724  1.00 33.47 ? 465 ALA A CA  1 
ATOM   268  C C   . ALA A 1 40 ? -13.226 -13.350 -3.614  1.00 36.76 ? 465 ALA A C   1 
ATOM   269  O O   . ALA A 1 40 ? -14.228 -14.047 -3.769  1.00 36.93 ? 465 ALA A O   1 
ATOM   270  C CB  . ALA A 1 40 ? -10.988 -14.112 -4.428  1.00 35.58 ? 465 ALA A CB  1 
ATOM   271  N N   . LYS A 1 41 ? -12.982 -12.666 -2.501  1.00 34.23 ? 466 LYS A N   1 
ATOM   272  C CA  . LYS A 1 41 ? -13.892 -12.704 -1.360  1.00 40.60 ? 466 LYS A CA  1 
ATOM   273  C C   . LYS A 1 41 ? -15.274 -12.196 -1.755  1.00 39.96 ? 466 LYS A C   1 
ATOM   274  O O   . LYS A 1 41 ? -16.289 -12.796 -1.400  1.00 37.93 ? 466 LYS A O   1 
ATOM   275  C CB  . LYS A 1 41 ? -13.337 -11.870 -0.201  1.00 42.24 ? 466 LYS A CB  1 
ATOM   276  C CG  . LYS A 1 41 ? -14.221 -11.848 1.045   1.00 53.18 ? 466 LYS A CG  1 
ATOM   277  C CD  . LYS A 1 41 ? -13.665 -10.907 2.106   1.00 56.81 ? 466 LYS A CD  1 
ATOM   278  N N   . GLN A 1 42 ? -15.304 -11.091 -2.493  1.00 37.22 ? 467 GLN A N   1 
ATOM   279  C CA  . GLN A 1 42 ? -16.564 -10.490 -2.913  1.00 42.28 ? 467 GLN A CA  1 
ATOM   280  C C   . GLN A 1 42 ? -17.284 -11.381 -3.915  1.00 36.08 ? 467 GLN A C   1 
ATOM   281  O O   . GLN A 1 42 ? -18.509 -11.485 -3.894  1.00 34.90 ? 467 GLN A O   1 
ATOM   282  C CB  . GLN A 1 42 ? -16.327 -9.107  -3.518  1.00 39.70 ? 467 GLN A CB  1 
ATOM   283  C CG  . GLN A 1 42 ? -15.920 -8.055  -2.502  1.00 51.42 ? 467 GLN A CG  1 
ATOM   284  C CD  . GLN A 1 42 ? -15.702 -6.693  -3.129  0.55 54.86 ? 467 GLN A CD  1 
ATOM   285  O OE1 . GLN A 1 42 ? -16.260 -6.383  -4.182  0.73 57.76 ? 467 GLN A OE1 1 
ATOM   286  N NE2 . GLN A 1 42 ? -14.883 -5.870  -2.487  0.69 59.59 ? 467 GLN A NE2 1 
ATOM   287  N N   . ALA A 1 43 ? -16.520 -12.021 -4.793  1.00 33.51 ? 468 ALA A N   1 
ATOM   288  C CA  . ALA A 1 43 ? -17.099 -12.931 -5.770  1.00 35.06 ? 468 ALA A CA  1 
ATOM   289  C C   . ALA A 1 43 ? -17.714 -14.134 -5.065  1.00 37.74 ? 468 ALA A C   1 
ATOM   290  O O   . ALA A 1 43 ? -18.787 -14.602 -5.449  1.00 31.31 ? 468 ALA A O   1 
ATOM   291  C CB  . ALA A 1 43 ? -16.051 -13.376 -6.774  1.00 39.11 ? 468 ALA A CB  1 
ATOM   292  N N   . LYS A 1 44 ? -17.037 -14.628 -4.030  1.00 34.46 ? 469 LYS A N   1 
ATOM   293  C CA  . LYS A 1 44 ? -17.528 -15.777 -3.274  1.00 34.53 ? 469 LYS A CA  1 
ATOM   294  C C   . LYS A 1 44 ? -18.838 -15.463 -2.564  1.00 35.84 ? 469 LYS A C   1 
ATOM   295  O O   . LYS A 1 44 ? -19.751 -16.285 -2.557  1.00 31.88 ? 469 LYS A O   1 
ATOM   296  C CB  . LYS A 1 44 ? -16.486 -16.245 -2.251  1.00 36.71 ? 469 LYS A CB  1 
ATOM   297  C CG  . LYS A 1 44 ? -15.556 -17.321 -2.781  1.00 42.96 ? 469 LYS A CG  1 
ATOM   298  C CD  . LYS A 1 44 ? -14.456 -17.660 -1.787  1.00 42.71 ? 469 LYS A CD  1 
ATOM   299  C CE  . LYS A 1 44 ? -14.930 -18.639 -0.727  1.00 37.92 ? 469 LYS A CE  1 
ATOM   300  N NZ  . LYS A 1 44 ? -13.838 -18.971 0.232   1.00 38.62 ? 469 LYS A NZ  1 
ATOM   301  N N   . VAL A 1 45 ? -18.926 -14.277 -1.970  1.00 33.91 ? 470 VAL A N   1 
ATOM   302  C CA  . VAL A 1 45 ? -20.139 -13.850 -1.280  1.00 38.77 ? 470 VAL A CA  1 
ATOM   303  C C   . VAL A 1 45 ? -21.340 -13.872 -2.224  1.00 30.34 ? 470 VAL A C   1 
ATOM   304  O O   . VAL A 1 45 ? -22.420 -14.326 -1.851  1.00 35.06 ? 470 VAL A O   1 
ATOM   305  C CB  . VAL A 1 45 ? -19.972 -12.433 -0.685  1.00 38.73 ? 470 VAL A CB  1 
ATOM   306  C CG1 . VAL A 1 45 ? -21.307 -11.874 -0.208  1.00 43.67 ? 470 VAL A CG1 1 
ATOM   307  C CG2 . VAL A 1 45 ? -18.962 -12.453 0.446   1.00 47.55 ? 470 VAL A CG2 1 
ATOM   308  N N   . LYS A 1 46 ? -21.145 -13.390 -3.449  1.00 32.29 ? 471 LYS A N   1 
ATOM   309  C CA  . LYS A 1 46 ? -22.223 -13.353 -4.433  1.00 32.20 ? 471 LYS A CA  1 
ATOM   310  C C   . LYS A 1 46 ? -22.649 -14.763 -4.831  1.00 32.99 ? 471 LYS A C   1 
ATOM   311  O O   . LYS A 1 46 ? -23.838 -15.043 -4.972  1.00 35.15 ? 471 LYS A O   1 
ATOM   312  C CB  . LYS A 1 46 ? -21.795 -12.565 -5.673  1.00 36.44 ? 471 LYS A CB  1 
ATOM   313  C CG  . LYS A 1 46 ? -21.629 -11.069 -5.439  1.00 37.52 ? 471 LYS A CG  1 
ATOM   314  C CD  . LYS A 1 46 ? -21.264 -10.350 -6.732  1.00 42.61 ? 471 LYS A CD  1 
ATOM   315  C CE  . LYS A 1 46 ? -21.015 -8.868  -6.504  1.00 54.49 ? 471 LYS A CE  1 
ATOM   316  N N   . LEU A 1 47 ? -21.674 -15.650 -5.009  1.00 32.36 ? 472 LEU A N   1 
ATOM   317  C CA  . LEU A 1 47 ? -21.965 -17.035 -5.354  1.00 30.18 ? 472 LEU A CA  1 
ATOM   318  C C   . LEU A 1 47 ? -22.716 -17.728 -4.226  1.00 29.74 ? 472 LEU A C   1 
ATOM   319  O O   . LEU A 1 47 ? -23.673 -18.462 -4.471  1.00 29.42 ? 472 LEU A O   1 
ATOM   320  C CB  . LEU A 1 47 ? -20.675 -17.790 -5.676  1.00 31.64 ? 472 LEU A CB  1 
ATOM   321  C CG  . LEU A 1 47 ? -20.063 -17.484 -7.044  1.00 31.43 ? 472 LEU A CG  1 
ATOM   322  C CD1 . LEU A 1 47 ? -18.618 -17.932 -7.099  1.00 35.54 ? 472 LEU A CD1 1 
ATOM   323  C CD2 . LEU A 1 47 ? -20.865 -18.147 -8.152  1.00 34.19 ? 472 LEU A CD2 1 
ATOM   324  N N   . GLU A 1 48 ? -22.293 -17.482 -2.991  1.00 30.03 ? 473 GLU A N   1 
ATOM   325  C CA  . GLU A 1 48 ? -22.905 -18.127 -1.834  1.00 34.97 ? 473 GLU A CA  1 
ATOM   326  C C   . GLU A 1 48 ? -24.359 -17.691 -1.651  1.00 33.56 ? 473 GLU A C   1 
ATOM   327  O O   . GLU A 1 48 ? -25.209 -18.492 -1.262  1.00 36.38 ? 473 GLU A O   1 
ATOM   328  C CB  . GLU A 1 48 ? -22.101 -17.824 -0.569  1.00 39.74 ? 473 GLU A CB  1 
ATOM   329  C CG  . GLU A 1 48 ? -20.658 -18.307 -0.624  1.00 42.95 ? 473 GLU A CG  1 
ATOM   330  C CD  . GLU A 1 48 ? -20.440 -19.615 0.105   1.00 50.42 ? 473 GLU A CD  1 
ATOM   331  O OE1 . GLU A 1 48 ? -21.271 -20.534 -0.052  1.00 55.69 ? 473 GLU A OE1 1 
ATOM   332  O OE2 . GLU A 1 48 ? -19.432 -19.720 0.836   0.75 69.47 ? 473 GLU A OE2 1 
ATOM   333  N N   . ASN A 1 49 ? -24.646 -16.425 -1.928  1.00 33.10 ? 474 ASN A N   1 
ATOM   334  C CA  . ASN A 1 49 ? -26.020 -15.941 -1.864  1.00 37.94 ? 474 ASN A CA  1 
ATOM   335  C C   . ASN A 1 49 ? -26.877 -16.588 -2.947  1.00 31.75 ? 474 ASN A C   1 
ATOM   336  O O   . ASN A 1 49 ? -28.030 -16.939 -2.707  1.00 35.91 ? 474 ASN A O   1 
ATOM   337  C CB  . ASN A 1 49 ? -26.066 -14.418 -1.991  1.00 37.15 ? 474 ASN A CB  1 
ATOM   338  C CG  . ASN A 1 49 ? -25.499 -13.715 -0.770  1.00 51.01 ? 474 ASN A CG  1 
ATOM   339  O OD1 . ASN A 1 49 ? -25.371 -14.311 0.300   1.00 55.22 ? 474 ASN A OD1 1 
ATOM   340  N ND2 . ASN A 1 49 ? -25.164 -12.439 -0.923  1.00 48.76 ? 474 ASN A ND2 1 
ATOM   341  N N   . ARG A 1 50 ? -26.307 -16.753 -4.138  1.00 32.90 ? 475 ARG A N   1 
ATOM   342  C CA  . ARG A 1 50 ? -27.015 -17.416 -5.227  1.00 33.52 ? 475 ARG A CA  1 
ATOM   343  C C   . ARG A 1 50 ? -27.292 -18.872 -4.880  1.00 31.94 ? 475 ARG A C   1 
ATOM   344  O O   . ARG A 1 50 ? -28.361 -19.397 -5.188  1.00 31.42 ? 475 ARG A O   1 
ATOM   345  C CB  . ARG A 1 50 ? -26.216 -17.325 -6.526  1.00 28.84 ? 475 ARG A CB  1 
ATOM   346  C CG  . ARG A 1 50 ? -26.243 -15.943 -7.154  1.00 26.37 ? 475 ARG A CG  1 
ATOM   347  C CD  . ARG A 1 50 ? -25.184 -15.801 -8.224  1.00 30.11 ? 475 ARG A CD  1 
ATOM   348  N NE  . ARG A 1 50 ? -25.442 -16.660 -9.374  1.00 29.38 ? 475 ARG A NE  1 
ATOM   349  C CZ  . ARG A 1 50 ? -24.561 -16.892 -10.342 1.00 33.23 ? 475 ARG A CZ  1 
ATOM   350  N NH1 . ARG A 1 50 ? -23.357 -16.336 -10.297 1.00 33.81 ? 475 ARG A NH1 1 
ATOM   351  N NH2 . ARG A 1 50 ? -24.882 -17.685 -11.355 1.00 34.79 ? 475 ARG A NH2 1 
ATOM   352  N N   . ILE A 1 51 ? -26.327 -19.519 -4.233  1.00 32.36 ? 476 ILE A N   1 
ATOM   353  C CA  . ILE A 1 51 ? -26.482 -20.902 -3.807  1.00 29.05 ? 476 ILE A CA  1 
ATOM   354  C C   . ILE A 1 51 ? -27.583 -21.002 -2.758  1.00 31.10 ? 476 ILE A C   1 
ATOM   355  O O   . ILE A 1 51 ? -28.413 -21.908 -2.806  1.00 35.70 ? 476 ILE A O   1 
ATOM   356  C CB  . ILE A 1 51 ? -25.162 -21.465 -3.245  1.00 34.52 ? 476 ILE A CB  1 
ATOM   357  C CG1 . ILE A 1 51 ? -24.153 -21.636 -4.381  1.00 33.06 ? 476 ILE A CG1 1 
ATOM   358  C CG2 . ILE A 1 51 ? -25.383 -22.799 -2.549  1.00 34.15 ? 476 ILE A CG2 1 
ATOM   359  C CD1 . ILE A 1 51 ? -22.720 -21.695 -3.917  1.00 34.47 ? 476 ILE A CD1 1 
ATOM   360  N N   . LYS A 1 52 ? -27.596 -20.059 -1.823  1.00 30.99 ? 477 LYS A N   1 
ATOM   361  C CA  . LYS A 1 52 ? -28.601 -20.050 -0.768  1.00 33.85 ? 477 LYS A CA  1 
ATOM   362  C C   . LYS A 1 52 ? -30.007 -19.940 -1.357  1.00 42.96 ? 477 LYS A C   1 
ATOM   363  O O   . LYS A 1 52 ? -30.917 -20.662 -0.950  1.00 41.03 ? 477 LYS A O   1 
ATOM   364  C CB  . LYS A 1 52 ? -28.342 -18.900 0.207   1.00 41.27 ? 477 LYS A CB  1 
ATOM   365  C CG  . LYS A 1 52 ? -29.328 -18.829 1.363   1.00 54.37 ? 477 LYS A CG  1 
ATOM   366  N N   . GLU A 1 53 ? -30.168 -19.046 -2.329  1.00 34.65 ? 478 GLU A N   1 
ATOM   367  C CA  . GLU A 1 53 ? -31.456 -18.843 -2.989  1.00 34.61 ? 478 GLU A CA  1 
ATOM   368  C C   . GLU A 1 53 ? -31.915 -20.114 -3.686  1.00 41.19 ? 478 GLU A C   1 
ATOM   369  O O   . GLU A 1 53 ? -33.099 -20.451 -3.674  1.00 41.18 ? 478 GLU A O   1 
ATOM   370  C CB  . GLU A 1 53 ? -31.362 -17.703 -4.003  1.00 35.16 ? 478 GLU A CB  1 
ATOM   371  C CG  . GLU A 1 53 ? -31.134 -16.335 -3.379  1.00 40.07 ? 478 GLU A CG  1 
ATOM   372  C CD  . GLU A 1 53 ? -32.422 -15.580 -3.086  1.00 52.02 ? 478 GLU A CD  1 
ATOM   373  O OE1 . GLU A 1 53 ? -33.514 -16.068 -3.450  1.00 53.79 ? 478 GLU A OE1 1 
ATOM   374  O OE2 . GLU A 1 53 ? -32.340 -14.487 -2.490  1.00 51.31 ? 478 GLU A OE2 1 
ATOM   375  N N   . LEU A 1 54 ? -30.972 -20.815 -4.301  1.00 34.95 ? 479 LEU A N   1 
ATOM   376  C CA  . LEU A 1 54 ? -31.283 -22.051 -4.999  1.00 32.63 ? 479 LEU A CA  1 
ATOM   377  C C   . LEU A 1 54 ? -31.668 -23.137 -4.001  1.00 41.24 ? 479 LEU A C   1 
ATOM   378  O O   . LEU A 1 54 ? -32.540 -23.961 -4.277  1.00 40.74 ? 479 LEU A O   1 
ATOM   379  C CB  . LEU A 1 54 ? -30.095 -22.493 -5.853  1.00 32.71 ? 479 LEU A CB  1 
ATOM   380  C CG  . LEU A 1 54 ? -29.835 -21.609 -7.076  1.00 33.59 ? 479 LEU A CG  1 
ATOM   381  C CD1 . LEU A 1 54 ? -28.457 -21.873 -7.643  1.00 34.85 ? 479 LEU A CD1 1 
ATOM   382  C CD2 . LEU A 1 54 ? -30.903 -21.832 -8.141  1.00 34.73 ? 479 LEU A CD2 1 
ATOM   383  N N   . GLU A 1 55 ? -31.028 -23.127 -2.836  1.00 37.86 ? 480 GLU A N   1 
ATOM   384  C CA  . GLU A 1 55 ? -31.329 -24.104 -1.793  1.00 42.93 ? 480 GLU A CA  1 
ATOM   385  C C   . GLU A 1 55 ? -32.736 -23.894 -1.250  1.00 47.27 ? 480 GLU A C   1 
ATOM   386  O O   . GLU A 1 55 ? -33.443 -24.854 -0.945  1.00 51.57 ? 480 GLU A O   1 
ATOM   387  C CB  . GLU A 1 55 ? -30.307 -24.014 -0.658  1.00 43.88 ? 480 GLU A CB  1 
ATOM   388  C CG  . GLU A 1 55 ? -28.979 -24.672 -0.989  1.00 43.48 ? 480 GLU A CG  1 
ATOM   389  C CD  . GLU A 1 55 ? -27.898 -24.382 0.038   1.00 50.61 ? 480 GLU A CD  1 
ATOM   390  O OE1 . GLU A 1 55 ? -28.105 -23.503 0.902   1.00 55.67 ? 480 GLU A OE1 1 
ATOM   391  O OE2 . GLU A 1 55 ? -26.835 -25.036 -0.023  1.00 55.42 ? 480 GLU A OE2 1 
ATOM   392  N N   . GLU A 1 56 ? -33.137 -22.633 -1.134  1.00 45.39 ? 481 GLU A N   1 
ATOM   393  C CA  . GLU A 1 56 ? -34.464 -22.296 -0.640  1.00 49.06 ? 481 GLU A CA  1 
ATOM   394  C C   . GLU A 1 56 ? -35.532 -22.674 -1.661  1.00 54.16 ? 481 GLU A C   1 
ATOM   395  O O   . GLU A 1 56 ? -36.633 -23.083 -1.295  1.00 61.70 ? 481 GLU A O   1 
ATOM   396  C CB  . GLU A 1 56 ? -34.541 -20.805 -0.306  1.00 50.76 ? 481 GLU A CB  1 
ATOM   397  C CG  . GLU A 1 56 ? -33.876 -20.449 1.017   1.00 57.24 ? 481 GLU A CG  1 
ATOM   398  C CD  . GLU A 1 56 ? -33.570 -18.967 1.155   0.03 61.60 ? 481 GLU A CD  1 
ATOM   399  O OE1 . GLU A 1 56 ? -33.975 -18.182 0.271   0.92 66.64 ? 481 GLU A OE1 1 
ATOM   400  O OE2 . GLU A 1 56 ? -32.918 -18.589 2.153   1.00 63.73 ? 481 GLU A OE2 1 
ATOM   401  N N   . GLU A 1 57 ? -35.198 -22.547 -2.941  1.00 49.32 ? 482 GLU A N   1 
ATOM   402  C CA  . GLU A 1 57 ? -36.120 -22.909 -4.012  1.00 51.51 ? 482 GLU A CA  1 
ATOM   403  C C   . GLU A 1 57 ? -36.285 -24.428 -4.077  1.00 55.37 ? 482 GLU A C   1 
ATOM   404  O O   . GLU A 1 57 ? -37.364 -24.935 -4.385  1.00 52.24 ? 482 GLU A O   1 
ATOM   405  C CB  . GLU A 1 57 ? -35.623 -22.367 -5.356  1.00 44.69 ? 482 GLU A CB  1 
ATOM   406  C CG  . GLU A 1 57 ? -36.587 -22.570 -6.522  1.00 51.19 ? 482 GLU A CG  1 
ATOM   407  C CD  . GLU A 1 57 ? -37.892 -21.812 -6.354  0.40 54.01 ? 482 GLU A CD  1 
ATOM   408  O OE1 . GLU A 1 57 ? -37.899 -20.773 -5.659  0.98 55.35 ? 482 GLU A OE1 1 
ATOM   409  O OE2 . GLU A 1 57 ? -38.911 -22.256 -6.923  0.94 58.31 ? 482 GLU A OE2 1 
ATOM   410  N N   . LEU A 1 58 ? -35.210 -25.150 -3.781  1.00 51.03 ? 483 LEU A N   1 
ATOM   411  C CA  . LEU A 1 58 ? -35.252 -26.607 -3.773  1.00 54.42 ? 483 LEU A CA  1 
ATOM   412  C C   . LEU A 1 58 ? -36.166 -27.125 -2.667  1.00 63.59 ? 483 LEU A C   1 
ATOM   413  O O   . LEU A 1 58 ? -36.789 -28.175 -2.811  1.00 64.67 ? 483 LEU A O   1 
ATOM   414  C CB  . LEU A 1 58 ? -33.847 -27.184 -3.606  1.00 50.63 ? 483 LEU A CB  1 
ATOM   415  C CG  . LEU A 1 58 ? -33.073 -27.403 -4.907  1.00 51.90 ? 483 LEU A CG  1 
ATOM   416  C CD1 . LEU A 1 58 ? -31.605 -27.636 -4.614  1.00 46.71 ? 483 LEU A CD1 1 
ATOM   417  C CD2 . LEU A 1 58 ? -33.650 -28.574 -5.690  1.00 46.01 ? 483 LEU A CD2 1 
ATOM   418  N N   . LYS A 1 59 ? -36.241 -26.383 -1.568  1.00 64.09 ? 484 LYS A N   1 
ATOM   419  C CA  . LYS A 1 59 ? -37.095 -26.758 -0.446  1.00 65.83 ? 484 LYS A CA  1 
ATOM   420  C C   . LYS A 1 59 ? -38.576 -26.687 -0.826  1.00 63.27 ? 484 LYS A C   1 
ATOM   421  O O   . LYS A 1 59 ? -39.387 -27.469 -0.327  1.00 72.26 ? 484 LYS A O   1 
ATOM   422  C CB  . LYS A 1 59 ? -36.809 -25.860 0.762   1.00 59.42 ? 484 LYS A CB  1 
ATOM   423  C CG  . LYS A 1 59 ? -35.658 -26.352 1.640   1.00 64.26 ? 484 LYS A CG  1 
ATOM   424  C CD  . LYS A 1 59 ? -34.998 -25.471 2.691   1.00 66.27 ? 484 LYS A CD  1 
ATOM   425  N N   . ARG A 1 60 ? -38.926 -25.758 -1.710  1.00 69.37 ? 485 ARG A N   1 
ATOM   426  C CA  . ARG A 1 60 ? -40.309 -25.620 -2.166  1.00 69.93 ? 485 ARG A CA  1 
ATOM   427  C C   . ARG A 1 60 ? -40.717 -26.778 -3.074  1.00 69.55 ? 485 ARG A C   1 
ATOM   428  O O   . ARG A 1 60 ? -40.385 -26.802 -4.260  1.00 71.74 ? 485 ARG A O   1 
ATOM   429  C CB  . ARG A 1 60 ? -40.499 -24.288 -2.898  1.00 60.14 ? 485 ARG A CB  1 
ATOM   430  C CG  . ARG A 1 60 ? -40.304 -23.056 -2.012  1.00 64.79 ? 485 ARG A CG  1 
ATOM   431  C CD  . ARG A 1 60 ? -40.548 -21.766 -2.781  1.00 63.85 ? 485 ARG A CD  1 
ATOM   432  N N   . PRO B 1 5  ? -41.278 -30.862 -12.099 1.00 65.54 ? 430 PRO B N   1 
ATOM   433  C CA  . PRO B 1 5  ? -41.120 -31.520 -10.797 1.00 71.50 ? 430 PRO B CA  1 
ATOM   434  C C   . PRO B 1 5  ? -39.780 -32.253 -10.666 1.00 63.82 ? 430 PRO B C   1 
ATOM   435  O O   . PRO B 1 5  ? -38.930 -31.823 -9.885  1.00 56.05 ? 430 PRO B O   1 
ATOM   436  C CB  . PRO B 1 5  ? -42.300 -32.495 -10.757 1.00 71.00 ? 430 PRO B CB  1 
ATOM   437  C CG  . PRO B 1 5  ? -43.346 -31.831 -11.582 1.00 75.97 ? 430 PRO B CG  1 
ATOM   438  C CD  . PRO B 1 5  ? -42.616 -31.093 -12.673 1.00 75.07 ? 430 PRO B CD  1 
ATOM   439  N N   . GLU B 1 6  ? -39.596 -33.334 -11.421 1.00 61.90 ? 431 GLU B N   1 
ATOM   440  C CA  . GLU B 1 6  ? -38.341 -34.078 -11.405 1.00 62.35 ? 431 GLU B CA  1 
ATOM   441  C C   . GLU B 1 6  ? -37.291 -33.322 -12.207 1.00 59.04 ? 431 GLU B C   1 
ATOM   442  O O   . GLU B 1 6  ? -36.116 -33.275 -11.838 1.00 45.65 ? 431 GLU B O   1 
ATOM   443  C CB  . GLU B 1 6  ? -38.534 -35.482 -11.979 1.00 64.69 ? 431 GLU B CB  1 
ATOM   444  C CG  . GLU B 1 6  ? -37.711 -36.560 -11.282 1.00 71.21 ? 431 GLU B CG  1 
ATOM   445  C CD  . GLU B 1 6  ? -38.117 -36.769 -9.833  0.16 75.76 ? 431 GLU B CD  1 
ATOM   446  O OE1 . GLU B 1 6  ? -39.268 -36.433 -9.479  0.78 78.85 ? 431 GLU B OE1 1 
ATOM   447  O OE2 . GLU B 1 6  ? -37.285 -37.265 -9.046  0.97 81.40 ? 431 GLU B OE2 1 
ATOM   448  N N   . PHE B 1 7  ? -37.734 -32.734 -13.313 1.00 47.39 ? 432 PHE B N   1 
ATOM   449  C CA  . PHE B 1 7  ? -36.880 -31.911 -14.156 1.00 50.17 ? 432 PHE B CA  1 
ATOM   450  C C   . PHE B 1 7  ? -36.418 -30.664 -13.398 1.00 41.46 ? 432 PHE B C   1 
ATOM   451  O O   . PHE B 1 7  ? -35.249 -30.281 -13.467 1.00 44.68 ? 432 PHE B O   1 
ATOM   452  C CB  . PHE B 1 7  ? -37.631 -31.528 -15.437 1.00 49.39 ? 432 PHE B CB  1 
ATOM   453  C CG  . PHE B 1 7  ? -36.889 -30.565 -16.318 1.00 40.38 ? 432 PHE B CG  1 
ATOM   454  C CD1 . PHE B 1 7  ? -35.809 -30.984 -17.075 1.00 38.99 ? 432 PHE B CD1 1 
ATOM   455  C CD2 . PHE B 1 7  ? -37.289 -29.242 -16.406 1.00 49.20 ? 432 PHE B CD2 1 
ATOM   456  C CE1 . PHE B 1 7  ? -35.132 -30.096 -17.894 1.00 38.52 ? 432 PHE B CE1 1 
ATOM   457  C CE2 . PHE B 1 7  ? -36.617 -28.352 -17.223 1.00 45.89 ? 432 PHE B CE2 1 
ATOM   458  C CZ  . PHE B 1 7  ? -35.536 -28.780 -17.967 1.00 42.00 ? 432 PHE B CZ  1 
ATOM   459  N N   . THR B 1 8  ? -37.339 -30.054 -12.656 1.00 40.71 ? 433 THR B N   1 
ATOM   460  C CA  . THR B 1 8  ? -37.061 -28.824 -11.919 1.00 49.57 ? 433 THR B CA  1 
ATOM   461  C C   . THR B 1 8  ? -36.025 -29.049 -10.828 1.00 48.05 ? 433 THR B C   1 
ATOM   462  O O   . THR B 1 8  ? -35.049 -28.304 -10.726 1.00 44.78 ? 433 THR B O   1 
ATOM   463  C CB  . THR B 1 8  ? -38.340 -28.253 -11.275 1.00 48.02 ? 433 THR B CB  1 
ATOM   464  O OG1 . THR B 1 8  ? -39.301 -27.958 -12.296 1.00 57.48 ? 433 THR B OG1 1 
ATOM   465  C CG2 . THR B 1 8  ? -38.030 -26.989 -10.481 1.00 51.40 ? 433 THR B CG2 1 
ATOM   466  N N   . LYS B 1 9  ? -36.257 -30.067 -10.005 1.00 46.50 ? 434 LYS B N   1 
ATOM   467  C CA  . LYS B 1 9  ? -35.327 -30.439 -8.947  1.00 44.14 ? 434 LYS B CA  1 
ATOM   468  C C   . LYS B 1 9  ? -33.958 -30.727 -9.545  1.00 43.83 ? 434 LYS B C   1 
ATOM   469  O O   . LYS B 1 9  ? -32.941 -30.233 -9.056  1.00 46.42 ? 434 LYS B O   1 
ATOM   470  C CB  . LYS B 1 9  ? -35.848 -31.658 -8.177  1.00 46.77 ? 434 LYS B CB  1 
ATOM   471  C CG  . LYS B 1 9  ? -34.857 -32.260 -7.183  1.00 55.47 ? 434 LYS B CG  1 
ATOM   472  C CD  . LYS B 1 9  ? -35.454 -33.453 -6.445  1.00 58.22 ? 434 LYS B CD  1 
ATOM   473  C CE  . LYS B 1 9  ? -34.402 -34.179 -5.617  1.00 65.00 ? 434 LYS B CE  1 
ATOM   474  N NZ  . LYS B 1 9  ? -33.819 -33.307 -4.557  1.00 72.19 ? 434 LYS B NZ  1 
ATOM   475  N N   . ASN B 1 10 ? -33.943 -31.517 -10.615 1.00 38.67 ? 435 ASN B N   1 
ATOM   476  C CA  . ASN B 1 10 ? -32.701 -31.869 -11.288 1.00 38.44 ? 435 ASN B CA  1 
ATOM   477  C C   . ASN B 1 10 ? -31.957 -30.624 -11.764 1.00 42.75 ? 435 ASN B C   1 
ATOM   478  O O   . ASN B 1 10 ? -30.764 -30.468 -11.511 1.00 42.06 ? 435 ASN B O   1 
ATOM   479  C CB  . ASN B 1 10 ? -32.982 -32.794 -12.474 1.00 49.34 ? 435 ASN B CB  1 
ATOM   480  C CG  . ASN B 1 10 ? -31.721 -33.179 -13.222 1.00 44.13 ? 435 ASN B CG  1 
ATOM   481  O OD1 . ASN B 1 10 ? -30.622 -33.141 -12.670 0.45 50.59 ? 435 ASN B OD1 1 
ATOM   482  N ND2 . ASN B 1 10 ? -31.875 -33.553 -14.488 0.38 48.63 ? 435 ASN B ND2 1 
ATOM   483  N N   . ALA B 1 11 ? -32.677 -29.738 -12.442 1.00 36.40 ? 436 ALA B N   1 
ATOM   484  C CA  . ALA B 1 11 ? -32.099 -28.507 -12.975 1.00 34.77 ? 436 ALA B CA  1 
ATOM   485  C C   . ALA B 1 11 ? -31.518 -27.621 -11.874 1.00 31.01 ? 436 ALA B C   1 
ATOM   486  O O   . ALA B 1 11 ? -30.447 -27.038 -12.035 1.00 33.24 ? 436 ALA B O   1 
ATOM   487  C CB  . ALA B 1 11 ? -33.146 -27.741 -13.759 1.00 36.23 ? 436 ALA B CB  1 
ATOM   488  N N   . LEU B 1 12 ? -32.236 -27.518 -10.761 1.00 33.08 ? 437 LEU B N   1 
ATOM   489  C CA  . LEU B 1 12 ? -31.808 -26.682 -9.647  1.00 34.10 ? 437 LEU B CA  1 
ATOM   490  C C   . LEU B 1 12 ? -30.542 -27.233 -9.004  1.00 35.68 ? 437 LEU B C   1 
ATOM   491  O O   . LEU B 1 12 ? -29.651 -26.477 -8.617  1.00 36.12 ? 437 LEU B O   1 
ATOM   492  C CB  . LEU B 1 12 ? -32.922 -26.571 -8.605  1.00 34.45 ? 437 LEU B CB  1 
ATOM   493  C CG  . LEU B 1 12 ? -34.115 -25.691 -8.989  1.00 43.61 ? 437 LEU B CG  1 
ATOM   494  C CD1 . LEU B 1 12 ? -35.282 -25.934 -8.048  1.00 43.56 ? 437 LEU B CD1 1 
ATOM   495  C CD2 . LEU B 1 12 ? -33.723 -24.222 -8.973  1.00 43.02 ? 437 LEU B CD2 1 
ATOM   496  N N   . ASN B 1 13 ? -30.462 -28.553 -8.888  1.00 37.41 ? 438 ASN B N   1 
ATOM   497  C CA  . ASN B 1 13 ? -29.278 -29.188 -8.327  1.00 36.68 ? 438 ASN B CA  1 
ATOM   498  C C   . ASN B 1 13 ? -28.068 -29.032 -9.244  1.00 36.16 ? 438 ASN B C   1 
ATOM   499  O O   . ASN B 1 13 ? -26.952 -28.821 -8.772  1.00 35.41 ? 438 ASN B O   1 
ATOM   500  C CB  . ASN B 1 13 ? -29.542 -30.670 -8.048  1.00 41.70 ? 438 ASN B CB  1 
ATOM   501  C CG  . ASN B 1 13 ? -30.257 -30.896 -6.728  1.00 45.03 ? 438 ASN B CG  1 
ATOM   502  O OD1 . ASN B 1 13 ? -29.906 -30.303 -5.707  1.00 49.14 ? 438 ASN B OD1 1 
ATOM   503  N ND2 . ASN B 1 13 ? -31.269 -31.754 -6.743  1.00 50.95 ? 438 ASN B ND2 1 
ATOM   504  N N   . VAL B 1 14 ? -28.290 -29.127 -10.552 1.00 34.22 ? 439 VAL B N   1 
ATOM   505  C CA  . VAL B 1 14 ? -27.204 -28.992 -11.517 1.00 32.71 ? 439 VAL B CA  1 
ATOM   506  C C   . VAL B 1 14 ? -26.565 -27.608 -11.413 1.00 35.33 ? 439 VAL B C   1 
ATOM   507  O O   . VAL B 1 14 ? -25.347 -27.496 -11.299 1.00 34.60 ? 439 VAL B O   1 
ATOM   508  C CB  . VAL B 1 14 ? -27.691 -29.255 -12.965 1.00 35.07 ? 439 VAL B CB  1 
ATOM   509  C CG1 . VAL B 1 14 ? -26.655 -28.806 -13.994 1.00 38.50 ? 439 VAL B CG1 1 
ATOM   510  C CG2 . VAL B 1 14 ? -27.984 -30.730 -13.147 1.00 40.70 ? 439 VAL B CG2 1 
ATOM   511  N N   . VAL B 1 15 ? -27.375 -26.554 -11.426 1.00 32.64 ? 440 VAL B N   1 
ATOM   512  C CA  . VAL B 1 15 ? -26.811 -25.212 -11.377 1.00 30.46 ? 440 VAL B CA  1 
ATOM   513  C C   . VAL B 1 15 ? -26.235 -24.942 -9.986  1.00 29.70 ? 440 VAL B C   1 
ATOM   514  O O   . VAL B 1 15 ? -25.186 -24.316 -9.862  1.00 31.63 ? 440 VAL B O   1 
ATOM   515  C CB  . VAL B 1 15 ? -27.849 -24.123 -11.757 1.00 32.04 ? 440 VAL B CB  1 
ATOM   516  C CG1 . VAL B 1 15 ? -29.020 -24.108 -10.789 1.00 32.46 ? 440 VAL B CG1 1 
ATOM   517  C CG2 . VAL B 1 15 ? -27.179 -22.756 -11.829 1.00 31.14 ? 440 VAL B CG2 1 
ATOM   518  N N   . LYS B 1 16 ? -26.899 -25.436 -8.945  1.00 31.34 ? 441 LYS B N   1 
ATOM   519  C CA  . LYS B 1 16 ? -26.404 -25.254 -7.584  1.00 32.77 ? 441 LYS B CA  1 
ATOM   520  C C   . LYS B 1 16 ? -25.007 -25.846 -7.433  1.00 33.92 ? 441 LYS B C   1 
ATOM   521  O O   . LYS B 1 16 ? -24.118 -25.221 -6.859  1.00 35.38 ? 441 LYS B O   1 
ATOM   522  C CB  . LYS B 1 16 ? -27.352 -25.894 -6.569  1.00 35.98 ? 441 LYS B CB  1 
ATOM   523  C CG  . LYS B 1 16 ? -26.839 -25.836 -5.135  1.00 42.50 ? 441 LYS B CG  1 
ATOM   524  C CD  . LYS B 1 16 ? -27.835 -26.437 -4.158  1.00 45.42 ? 441 LYS B CD  1 
ATOM   525  C CE  . LYS B 1 16 ? -27.316 -27.731 -3.547  1.00 45.10 ? 441 LYS B CE  1 
ATOM   526  N NZ  . LYS B 1 16 ? -27.070 -28.792 -4.562  1.00 57.13 ? 441 LYS B NZ  1 
ATOM   527  N N   . ASN B 1 17 ? -24.818 -27.051 -7.955  1.00 34.07 ? 442 ASN B N   1 
ATOM   528  C CA  . ASN B 1 17 ? -23.521 -27.707 -7.880  1.00 35.89 ? 442 ASN B CA  1 
ATOM   529  C C   . ASN B 1 17 ? -22.486 -27.017 -8.763  1.00 35.60 ? 442 ASN B C   1 
ATOM   530  O O   . ASN B 1 17 ? -21.303 -27.004 -8.429  1.00 35.07 ? 442 ASN B O   1 
ATOM   531  C CB  . ASN B 1 17 ? -23.650 -29.183 -8.258  1.00 37.44 ? 442 ASN B CB  1 
ATOM   532  C CG  . ASN B 1 17 ? -24.424 -29.983 -7.223  1.00 38.31 ? 442 ASN B CG  1 
ATOM   533  O OD1 . ASN B 1 17 ? -24.479 -29.612 -6.050  1.00 45.53 ? 442 ASN B OD1 1 
ATOM   534  N ND2 . ASN B 1 17 ? -25.022 -31.088 -7.651  1.00 45.25 ? 442 ASN B ND2 1 
ATOM   535  N N   . ASP B 1 18 ? -22.922 -26.432 -9.878  1.00 31.05 ? 443 ASP B N   1 
ATOM   536  C CA  . ASP B 1 18 ? -22.021 -25.633 -10.709 1.00 34.07 ? 443 ASP B CA  1 
ATOM   537  C C   . ASP B 1 18 ? -21.444 -24.478 -9.897  1.00 33.20 ? 443 ASP B C   1 
ATOM   538  O O   . ASP B 1 18 ? -20.243 -24.208 -9.946  1.00 34.46 ? 443 ASP B O   1 
ATOM   539  C CB  . ASP B 1 18 ? -22.733 -25.068 -11.941 1.00 36.43 ? 443 ASP B CB  1 
ATOM   540  C CG  . ASP B 1 18 ? -23.245 -26.142 -12.876 0.54 42.19 ? 443 ASP B CG  1 
ATOM   541  O OD1 . ASP B 1 18 ? -22.657 -27.241 -12.919 0.78 42.40 ? 443 ASP B OD1 1 
ATOM   542  O OD2 . ASP B 1 18 ? -24.240 -25.873 -13.581 0.86 41.78 ? 443 ASP B OD2 1 
ATOM   543  N N   . LEU B 1 19 ? -22.307 -23.796 -9.153  1.00 30.29 ? 444 LEU B N   1 
ATOM   544  C CA  . LEU B 1 19 ? -21.884 -22.630 -8.387  1.00 30.32 ? 444 LEU B CA  1 
ATOM   545  C C   . LEU B 1 19 ? -21.003 -23.032 -7.205  1.00 30.13 ? 444 LEU B C   1 
ATOM   546  O O   . LEU B 1 19 ? -20.052 -22.328 -6.876  1.00 29.90 ? 444 LEU B O   1 
ATOM   547  C CB  . LEU B 1 19 ? -23.098 -21.836 -7.898  1.00 28.27 ? 444 LEU B CB  1 
ATOM   548  C CG  . LEU B 1 19 ? -24.019 -21.280 -8.994  1.00 30.03 ? 444 LEU B CG  1 
ATOM   549  C CD1 . LEU B 1 19 ? -25.083 -20.373 -8.398  1.00 32.73 ? 444 LEU B CD1 1 
ATOM   550  C CD2 . LEU B 1 19 ? -23.243 -20.538 -10.074 1.00 32.55 ? 444 LEU B CD2 1 
ATOM   551  N N   . ILE B 1 20 ? -21.313 -24.162 -6.574  1.00 30.74 ? 445 ILE B N   1 
ATOM   552  C CA  . ILE B 1 20 ? -20.492 -24.656 -5.473  1.00 33.74 ? 445 ILE B CA  1 
ATOM   553  C C   . ILE B 1 20 ? -19.076 -24.914 -5.973  1.00 31.40 ? 445 ILE B C   1 
ATOM   554  O O   . ILE B 1 20 ? -18.106 -24.584 -5.295  1.00 34.77 ? 445 ILE B O   1 
ATOM   555  C CB  . ILE B 1 20 ? -21.078 -25.939 -4.845  1.00 31.49 ? 445 ILE B CB  1 
ATOM   556  C CG1 . ILE B 1 20 ? -22.357 -25.595 -4.083  1.00 33.20 ? 445 ILE B CG1 1 
ATOM   557  C CG2 . ILE B 1 20 ? -20.071 -26.587 -3.892  1.00 35.77 ? 445 ILE B CG2 1 
ATOM   558  C CD1 . ILE B 1 20 ? -23.149 -26.794 -3.611  1.00 39.01 ? 445 ILE B CD1 1 
ATOM   559  N N   . ALA B 1 21 ? -18.965 -25.483 -7.169  1.00 30.56 ? 446 ALA B N   1 
ATOM   560  C CA  . ALA B 1 21 ? -17.662 -25.733 -7.773  1.00 34.85 ? 446 ALA B CA  1 
ATOM   561  C C   . ALA B 1 21 ? -16.916 -24.424 -8.029  1.00 34.63 ? 446 ALA B C   1 
ATOM   562  O O   . ALA B 1 21 ? -15.697 -24.359 -7.878  1.00 30.41 ? 446 ALA B O   1 
ATOM   563  C CB  . ALA B 1 21 ? -17.817 -26.516 -9.068  1.00 34.82 ? 446 ALA B CB  1 
ATOM   564  N N   . LYS B 1 22 ? -17.645 -23.382 -8.414  1.00 32.44 ? 447 LYS B N   1 
ATOM   565  C CA  . LYS B 1 22 ? -17.026 -22.083 -8.654  1.00 32.84 ? 447 LYS B CA  1 
ATOM   566  C C   . LYS B 1 22 ? -16.504 -21.489 -7.349  1.00 27.49 ? 447 LYS B C   1 
ATOM   567  O O   . LYS B 1 22 ? -15.447 -20.858 -7.323  1.00 32.16 ? 447 LYS B O   1 
ATOM   568  C CB  . LYS B 1 22 ? -18.015 -21.121 -9.316  1.00 31.35 ? 447 LYS B CB  1 
ATOM   569  C CG  . LYS B 1 22 ? -18.348 -21.470 -10.760 1.00 37.04 ? 447 LYS B CG  1 
ATOM   570  C CD  . LYS B 1 22 ? -19.382 -20.515 -11.341 1.00 46.37 ? 447 LYS B CD  1 
ATOM   571  C CE  . LYS B 1 22 ? -19.697 -20.851 -12.791 1.00 55.64 ? 447 LYS B CE  1 
ATOM   572  N NZ  . LYS B 1 22 ? -18.524 -20.631 -13.682 1.00 66.14 ? 447 LYS B NZ  1 
ATOM   573  N N   . VAL B 1 23 ? -17.248 -21.695 -6.268  1.00 28.42 ? 448 VAL B N   1 
ATOM   574  C CA  . VAL B 1 23 ? -16.822 -21.245 -4.948  1.00 28.15 ? 448 VAL B CA  1 
ATOM   575  C C   . VAL B 1 23 ? -15.539 -21.965 -4.542  1.00 29.92 ? 448 VAL B C   1 
ATOM   576  O O   . VAL B 1 23 ? -14.584 -21.338 -4.082  1.00 30.14 ? 448 VAL B O   1 
ATOM   577  C CB  . VAL B 1 23 ? -17.922 -21.487 -3.887  1.00 27.57 ? 448 VAL B CB  1 
ATOM   578  C CG1 . VAL B 1 23 ? -17.387 -21.276 -2.479  1.00 31.36 ? 448 VAL B CG1 1 
ATOM   579  C CG2 . VAL B 1 23 ? -19.106 -20.579 -4.146  1.00 32.86 ? 448 VAL B CG2 1 
ATOM   580  N N   . ASP B 1 24 ? -15.513 -23.280 -4.728  1.00 31.49 ? 449 ASP B N   1 
ATOM   581  C CA  . ASP B 1 24 ? -14.338 -24.067 -4.369  1.00 31.52 ? 449 ASP B CA  1 
ATOM   582  C C   . ASP B 1 24 ? -13.122 -23.652 -5.183  1.00 30.12 ? 449 ASP B C   1 
ATOM   583  O O   . ASP B 1 24 ? -12.003 -23.633 -4.674  1.00 33.76 ? 449 ASP B O   1 
ATOM   584  C CB  . ASP B 1 24 ? -14.612 -25.557 -4.557  1.00 29.46 ? 449 ASP B CB  1 
ATOM   585  C CG  . ASP B 1 24 ? -15.554 -26.108 -3.506  1.00 35.73 ? 449 ASP B CG  1 
ATOM   586  O OD1 . ASP B 1 24 ? -15.624 -25.525 -2.404  1.00 37.98 ? 449 ASP B OD1 1 
ATOM   587  O OD2 . ASP B 1 24 ? -16.223 -27.127 -3.771  1.00 37.32 ? 449 ASP B OD2 1 
ATOM   588  N N   . GLN B 1 25 ? -13.342 -23.303 -6.445  1.00 30.06 ? 450 GLN B N   1 
ATOM   589  C CA  . GLN B 1 25 ? -12.248 -22.837 -7.281  1.00 30.31 ? 450 GLN B CA  1 
ATOM   590  C C   . GLN B 1 25 ? -11.687 -21.525 -6.743  1.00 36.68 ? 450 GLN B C   1 
ATOM   591  O O   . GLN B 1 25 ? -10.471 -21.334 -6.706  1.00 30.61 ? 450 GLN B O   1 
ATOM   592  C CB  . GLN B 1 25 ? -12.704 -22.669 -8.729  1.00 36.32 ? 450 GLN B CB  1 
ATOM   593  C CG  . GLN B 1 25 ? -11.740 -21.848 -9.559  1.00 44.27 ? 450 GLN B CG  1 
ATOM   594  C CD  . GLN B 1 25 ? -11.825 -22.156 -11.039 1.00 58.70 ? 450 GLN B CD  1 
ATOM   595  O OE1 . GLN B 1 25 ? -12.792 -22.756 -11.508 1.00 61.68 ? 450 GLN B OE1 1 
ATOM   596  N NE2 . GLN B 1 25 ? -10.802 -21.751 -11.784 1.00 70.25 ? 450 GLN B NE2 1 
ATOM   597  N N   . LEU B 1 26 ? -12.570 -20.625 -6.323  1.00 35.40 ? 451 LEU B N   1 
ATOM   598  C CA  . LEU B 1 26 ? -12.136 -19.355 -5.752  1.00 35.07 ? 451 LEU B CA  1 
ATOM   599  C C   . LEU B 1 26 ? -11.405 -19.563 -4.426  1.00 35.88 ? 451 LEU B C   1 
ATOM   600  O O   . LEU B 1 26 ? -10.428 -18.872 -4.137  1.00 33.08 ? 451 LEU B O   1 
ATOM   601  C CB  . LEU B 1 26 ? -13.328 -18.414 -5.554  1.00 32.60 ? 451 LEU B CB  1 
ATOM   602  C CG  . LEU B 1 26 ? -13.852 -17.733 -6.822  1.00 39.14 ? 451 LEU B CG  1 
ATOM   603  C CD1 . LEU B 1 26 ? -15.193 -17.058 -6.548  1.00 35.97 ? 451 LEU B CD1 1 
ATOM   604  C CD2 . LEU B 1 26 ? -12.824 -16.745 -7.378  1.00 36.46 ? 451 LEU B CD2 1 
ATOM   605  N N   . SER B 1 27 ? -11.882 -20.506 -3.618  1.00 29.12 ? 452 SER B N   1 
ATOM   606  C CA  . SER B 1 27 ? -11.219 -20.822 -2.357  1.00 36.19 ? 452 SER B CA  1 
ATOM   607  C C   . SER B 1 27 ? -9.790  -21.288 -2.611  1.00 31.74 ? 452 SER B C   1 
ATOM   608  O O   . SER B 1 27 ? -8.875  -20.927 -1.876  1.00 36.80 ? 452 SER B O   1 
ATOM   609  C CB  . SER B 1 27 ? -11.993 -21.891 -1.587  1.00 32.34 ? 452 SER B CB  1 
ATOM   610  O OG  . SER B 1 27 ? -13.235 -21.389 -1.129  1.00 34.98 ? 452 SER B OG  1 
ATOM   611  N N   . GLY B 1 28 ? -9.603  -22.084 -3.659  1.00 32.64 ? 453 GLY B N   1 
ATOM   612  C CA  . GLY B 1 28 ? -8.278  -22.541 -4.034  1.00 36.20 ? 453 GLY B CA  1 
ATOM   613  C C   . GLY B 1 28 ? -7.376  -21.372 -4.383  1.00 43.92 ? 453 GLY B C   1 
ATOM   614  O O   . GLY B 1 28 ? -6.236  -21.291 -3.924  1.00 34.56 ? 453 GLY B O   1 
ATOM   615  N N   . GLU B 1 29 ? -7.898  -20.456 -5.193  1.00 36.57 ? 454 GLU B N   1 
ATOM   616  C CA  . GLU B 1 29 ? -7.149  -19.270 -5.589  1.00 36.67 ? 454 GLU B CA  1 
ATOM   617  C C   . GLU B 1 29 ? -6.806  -18.426 -4.368  1.00 32.38 ? 454 GLU B C   1 
ATOM   618  O O   . GLU B 1 29 ? -5.697  -17.908 -4.252  1.00 37.77 ? 454 GLU B O   1 
ATOM   619  C CB  . GLU B 1 29 ? -7.949  -18.445 -6.601  1.00 37.17 ? 454 GLU B CB  1 
ATOM   620  C CG  . GLU B 1 29 ? -8.190  -19.170 -7.915  1.00 42.50 ? 454 GLU B CG  1 
ATOM   621  C CD  . GLU B 1 29 ? -9.219  -18.478 -8.794  1.00 51.40 ? 454 GLU B CD  1 
ATOM   622  O OE1 . GLU B 1 29 ? -9.513  -17.287 -8.555  1.00 50.10 ? 454 GLU B OE1 1 
ATOM   623  O OE2 . GLU B 1 29 ? -9.736  -19.131 -9.724  1.00 52.24 ? 454 GLU B OE2 1 
ATOM   624  N N   . GLN B 1 30 ? -7.763  -18.304 -3.454  1.00 32.51 ? 455 GLN B N   1 
ATOM   625  C CA  . GLN B 1 30 ? -7.562  -17.553 -2.223  1.00 33.05 ? 455 GLN B CA  1 
ATOM   626  C C   . GLN B 1 30 ? -6.402  -18.103 -1.404  1.00 41.16 ? 455 GLN B C   1 
ATOM   627  O O   . GLN B 1 30 ? -5.567  -17.347 -0.915  1.00 34.15 ? 455 GLN B O   1 
ATOM   628  C CB  . GLN B 1 30 ? -8.826  -17.574 -1.368  1.00 41.16 ? 455 GLN B CB  1 
ATOM   629  C CG  . GLN B 1 30 ? -9.891  -16.583 -1.774  1.00 43.85 ? 455 GLN B CG  1 
ATOM   630  C CD  . GLN B 1 30 ? -11.096 -16.657 -0.862  1.00 45.63 ? 455 GLN B CD  1 
ATOM   631  O OE1 . GLN B 1 30 ? -11.536 -17.746 -0.488  1.00 42.60 ? 455 GLN B OE1 1 
ATOM   632  N NE2 . GLN B 1 30 ? -11.626 -15.502 -0.481  1.00 50.48 ? 455 GLN B NE2 1 
ATOM   633  N N   . GLU B 1 31 ? -6.366  -19.421 -1.242  1.00 37.22 ? 456 GLU B N   1 
ATOM   634  C CA  . GLU B 1 31 ? -5.329  -20.055 -0.437  1.00 37.70 ? 456 GLU B CA  1 
ATOM   635  C C   . GLU B 1 31 ? -3.943  -19.826 -1.034  1.00 31.58 ? 456 GLU B C   1 
ATOM   636  O O   . GLU B 1 31 ? -2.978  -19.593 -0.303  1.00 41.28 ? 456 GLU B O   1 
ATOM   637  C CB  . GLU B 1 31 ? -5.612  -21.551 -0.289  1.00 38.40 ? 456 GLU B CB  1 
ATOM   638  C CG  . GLU B 1 31 ? -6.840  -21.841 0.562   1.00 42.02 ? 456 GLU B CG  1 
ATOM   639  C CD  . GLU B 1 31 ? -7.102  -23.323 0.743   1.00 41.97 ? 456 GLU B CD  1 
ATOM   640  O OE1 . GLU B 1 31 ? -8.279  -23.698 0.934   1.00 42.95 ? 456 GLU B OE1 1 
ATOM   641  O OE2 . GLU B 1 31 ? -6.134  -24.111 0.708   0.83 43.66 ? 456 GLU B OE2 1 
ATOM   642  N N   . VAL B 1 32 ? -3.848  -19.881 -2.358  1.00 33.64 ? 457 VAL B N   1 
ATOM   643  C CA  . VAL B 1 32 ? -2.591  -19.603 -3.042  1.00 38.45 ? 457 VAL B CA  1 
ATOM   644  C C   . VAL B 1 32 ? -2.187  -18.152 -2.796  1.00 41.43 ? 457 VAL B C   1 
ATOM   645  O O   . VAL B 1 32 ? -1.051  -17.878 -2.409  1.00 39.52 ? 457 VAL B O   1 
ATOM   646  C CB  . VAL B 1 32 ? -2.698  -19.885 -4.560  1.00 36.21 ? 457 VAL B CB  1 
ATOM   647  C CG1 . VAL B 1 32 ? -1.453  -19.400 -5.305  1.00 43.62 ? 457 VAL B CG1 1 
ATOM   648  C CG2 . VAL B 1 32 ? -2.901  -21.368 -4.800  1.00 44.58 ? 457 VAL B CG2 1 
ATOM   649  N N   . LEU B 1 33 ? -3.122  -17.229 -2.995  1.00 41.27 ? 458 LEU B N   1 
ATOM   650  C CA  . LEU B 1 33 ? -2.829  -15.808 -2.839  1.00 38.29 ? 458 LEU B CA  1 
ATOM   651  C C   . LEU B 1 33 ? -2.451  -15.462 -1.398  1.00 38.38 ? 458 LEU B C   1 
ATOM   652  O O   . LEU B 1 33 ? -1.532  -14.676 -1.167  1.00 36.56 ? 458 LEU B O   1 
ATOM   653  C CB  . LEU B 1 33 ? -4.024  -14.957 -3.282  1.00 34.55 ? 458 LEU B CB  1 
ATOM   654  C CG  . LEU B 1 33 ? -4.438  -14.994 -4.753  1.00 35.76 ? 458 LEU B CG  1 
ATOM   655  C CD1 . LEU B 1 33 ? -5.780  -14.299 -4.953  1.00 37.81 ? 458 LEU B CD1 1 
ATOM   656  C CD2 . LEU B 1 33 ? -3.375  -14.341 -5.612  1.00 42.44 ? 458 LEU B CD2 1 
ATOM   657  N N   . ARG B 1 34 ? -3.157  -16.045 -0.432  1.00 36.56 ? 459 ARG B N   1 
ATOM   658  C CA  . ARG B 1 34 ? -2.847  -15.807 0.975   1.00 37.92 ? 459 ARG B CA  1 
ATOM   659  C C   . ARG B 1 34 ? -1.446  -16.301 1.303   1.00 43.71 ? 459 ARG B C   1 
ATOM   660  O O   . ARG B 1 34 ? -0.747  -15.710 2.127   1.00 42.94 ? 459 ARG B O   1 
ATOM   661  C CB  . ARG B 1 34 ? -3.860  -16.498 1.890   1.00 40.14 ? 459 ARG B CB  1 
ATOM   662  C CG  . ARG B 1 34 ? -5.222  -15.837 1.924   1.00 47.01 ? 459 ARG B CG  1 
ATOM   663  C CD  . ARG B 1 34 ? -6.013  -16.285 3.139   1.00 50.19 ? 459 ARG B CD  1 
ATOM   664  N NE  . ARG B 1 34 ? -7.433  -15.972 3.016   1.00 63.07 ? 459 ARG B NE  1 
ATOM   665  C CZ  . ARG B 1 34 ? -8.364  -16.819 2.587   1.00 58.99 ? 459 ARG B CZ  1 
ATOM   666  N NH1 . ARG B 1 34 ? -9.627  -16.419 2.518   1.00 56.42 ? 459 ARG B NH1 1 
ATOM   667  N NH2 . ARG B 1 34 ? -8.046  -18.059 2.231   1.00 61.24 ? 459 ARG B NH2 1 
ATOM   668  N N   . GLY B 1 35 ? -1.048  -17.392 0.657   1.00 41.45 ? 460 GLY B N   1 
ATOM   669  C CA  . GLY B 1 35 ? 0.281   -17.940 0.837   1.00 44.04 ? 460 GLY B CA  1 
ATOM   670  C C   . GLY B 1 35 ? 1.343   -16.999 0.305   1.00 47.38 ? 460 GLY B C   1 
ATOM   671  O O   . GLY B 1 35 ? 2.366   -16.774 0.951   1.00 41.78 ? 460 GLY B O   1 
ATOM   672  N N   . GLU B 1 36 ? 1.100   -16.446 -0.881  1.00 41.45 ? 461 GLU B N   1 
ATOM   673  C CA  . GLU B 1 36 ? 2.037   -15.509 -1.485  1.00 39.98 ? 461 GLU B CA  1 
ATOM   674  C C   . GLU B 1 36 ? 2.111   -14.236 -0.656  1.00 39.09 ? 461 GLU B C   1 
ATOM   675  O O   . GLU B 1 36 ? 3.169   -13.621 -0.530  1.00 40.26 ? 461 GLU B O   1 
ATOM   676  C CB  . GLU B 1 36 ? 1.627   -15.183 -2.920  1.00 41.30 ? 461 GLU B CB  1 
ATOM   677  C CG  . GLU B 1 36 ? 1.652   -16.384 -3.846  1.00 46.96 ? 461 GLU B CG  1 
ATOM   678  C CD  . GLU B 1 36 ? 1.198   -16.047 -5.252  1.00 47.93 ? 461 GLU B CD  1 
ATOM   679  O OE1 . GLU B 1 36 ? 1.209   -14.853 -5.614  1.00 53.57 ? 461 GLU B OE1 1 
ATOM   680  O OE2 . GLU B 1 36 ? 0.828   -16.976 -5.998  1.00 51.05 ? 461 GLU B OE2 1 
ATOM   681  N N   . LEU B 1 37 ? 0.976   -13.851 -0.084  1.00 37.92 ? 462 LEU B N   1 
ATOM   682  C CA  . LEU B 1 37 ? 0.896   -12.638 0.712   1.00 42.00 ? 462 LEU B CA  1 
ATOM   683  C C   . LEU B 1 37 ? 1.689   -12.790 2.009   1.00 45.78 ? 462 LEU B C   1 
ATOM   684  O O   . LEU B 1 37 ? 2.378   -11.863 2.436   1.00 42.63 ? 462 LEU B O   1 
ATOM   685  C CB  . LEU B 1 37 ? -0.568  -12.299 1.008   1.00 46.08 ? 462 LEU B CB  1 
ATOM   686  C CG  . LEU B 1 37 ? -0.853  -11.005 1.771   1.00 47.17 ? 462 LEU B CG  1 
ATOM   687  C CD1 . LEU B 1 37 ? -0.196  -9.802  1.112   1.00 45.84 ? 462 LEU B CD1 1 
ATOM   688  C CD2 . LEU B 1 37 ? -2.352  -10.790 1.878   1.00 51.86 ? 462 LEU B CD2 1 
ATOM   689  N N   . GLU B 1 38 ? 1.599   -13.964 2.627   1.00 43.83 ? 463 GLU B N   1 
ATOM   690  C CA  . GLU B 1 38 ? 2.348   -14.239 3.850   1.00 48.04 ? 463 GLU B CA  1 
ATOM   691  C C   . GLU B 1 38 ? 3.846   -14.294 3.573   1.00 43.51 ? 463 GLU B C   1 
ATOM   692  O O   . GLU B 1 38 ? 4.647   -13.777 4.350   1.00 48.79 ? 463 GLU B O   1 
ATOM   693  C CB  . GLU B 1 38 ? 1.887   -15.552 4.488   1.00 55.11 ? 463 GLU B CB  1 
ATOM   694  C CG  . GLU B 1 38 ? 1.070   -15.367 5.758   1.00 68.68 ? 463 GLU B CG  1 
ATOM   695  C CD  . GLU B 1 38 ? 1.860   -14.698 6.869   1.00 69.21 ? 463 GLU B CD  1 
ATOM   696  O OE1 . GLU B 1 38 ? 1.305   -13.801 7.538   1.00 66.94 ? 463 GLU B OE1 1 
ATOM   697  O OE2 . GLU B 1 38 ? 3.035   -15.072 7.074   1.00 70.32 ? 463 GLU B OE2 1 
ATOM   698  N N   . ALA B 1 39 ? 4.214   -14.929 2.465   1.00 41.37 ? 464 ALA B N   1 
ATOM   699  C CA  . ALA B 1 39 ? 5.613   -15.030 2.071   1.00 46.11 ? 464 ALA B CA  1 
ATOM   700  C C   . ALA B 1 39 ? 6.205   -13.647 1.817   1.00 45.36 ? 464 ALA B C   1 
ATOM   701  O O   . ALA B 1 39 ? 7.347   -13.374 2.184   1.00 37.82 ? 464 ALA B O   1 
ATOM   702  C CB  . ALA B 1 39 ? 5.752   -15.902 0.834   1.00 41.64 ? 464 ALA B CB  1 
ATOM   703  N N   . ALA B 1 40 ? 5.420   -12.777 1.190   1.00 37.62 ? 465 ALA B N   1 
ATOM   704  C CA  . ALA B 1 40 ? 5.868   -11.422 0.892   1.00 36.24 ? 465 ALA B CA  1 
ATOM   705  C C   . ALA B 1 40 ? 6.080   -10.631 2.178   1.00 41.47 ? 465 ALA B C   1 
ATOM   706  O O   . ALA B 1 40 ? 7.050   -9.885  2.305   1.00 40.86 ? 465 ALA B O   1 
ATOM   707  C CB  . ALA B 1 40 ? 4.865   -10.715 -0.005  1.00 37.71 ? 465 ALA B CB  1 
ATOM   708  N N   . LYS B 1 41 ? 5.166   -10.803 3.127   1.00 36.84 ? 466 LYS B N   1 
ATOM   709  C CA  . LYS B 1 41 ? 5.228   -10.088 4.395   1.00 39.29 ? 466 LYS B CA  1 
ATOM   710  C C   . LYS B 1 41 ? 6.472   -10.477 5.189   1.00 48.19 ? 466 LYS B C   1 
ATOM   711  O O   . LYS B 1 41 ? 7.137   -9.623  5.776   1.00 42.37 ? 466 LYS B O   1 
ATOM   712  C CB  . LYS B 1 41 ? 3.966   -10.361 5.218   1.00 49.07 ? 466 LYS B CB  1 
ATOM   713  C CG  . LYS B 1 41 ? 4.040   -9.883  6.660   1.00 55.98 ? 466 LYS B CG  1 
ATOM   714  N N   . GLN B 1 42 ? 6.790   -11.767 5.197   1.00 44.11 ? 467 GLN B N   1 
ATOM   715  C CA  . GLN B 1 42 ? 7.930   -12.262 5.957   1.00 47.07 ? 467 GLN B CA  1 
ATOM   716  C C   . GLN B 1 42 ? 9.242   -11.864 5.299   1.00 44.38 ? 467 GLN B C   1 
ATOM   717  O O   . GLN B 1 42 ? 10.207  -11.526 5.981   1.00 45.20 ? 467 GLN B O   1 
ATOM   718  C CB  . GLN B 1 42 ? 7.857   -13.780 6.108   1.00 53.02 ? 467 GLN B CB  1 
ATOM   719  C CG  . GLN B 1 42 ? 6.784   -14.245 7.076   1.00 58.41 ? 467 GLN B CG  1 
ATOM   720  C CD  . GLN B 1 42 ? 6.766   -15.750 7.246   1.00 72.10 ? 467 GLN B CD  1 
ATOM   721  O OE1 . GLN B 1 42 ? 7.780   -16.421 7.052   1.00 70.15 ? 467 GLN B OE1 1 
ATOM   722  N NE2 . GLN B 1 42 ? 5.609   -16.291 7.605   1.00 72.60 ? 467 GLN B NE2 1 
ATOM   723  N N   . ALA B 1 43 ? 9.274   -11.904 3.970   1.00 37.68 ? 468 ALA B N   1 
ATOM   724  C CA  . ALA B 1 43 ? 10.465  -11.519 3.228   1.00 39.78 ? 468 ALA B CA  1 
ATOM   725  C C   . ALA B 1 43 ? 10.767  -10.039 3.427   1.00 44.20 ? 468 ALA B C   1 
ATOM   726  O O   . ALA B 1 43 ? 11.927  -9.633  3.458   1.00 38.74 ? 468 ALA B O   1 
ATOM   727  C CB  . ALA B 1 43 ? 10.296  -11.832 1.751   1.00 40.33 ? 468 ALA B CB  1 
ATOM   728  N N   . LYS B 1 44 ? 9.720   -9.233  3.569   1.00 38.33 ? 469 LYS B N   1 
ATOM   729  C CA  . LYS B 1 44 ? 9.891   -7.793  3.718   1.00 39.36 ? 469 LYS B CA  1 
ATOM   730  C C   . LYS B 1 44 ? 10.490  -7.459  5.083   1.00 37.95 ? 469 LYS B C   1 
ATOM   731  O O   . LYS B 1 44 ? 11.332  -6.569  5.196   1.00 34.72 ? 469 LYS B O   1 
ATOM   732  C CB  . LYS B 1 44 ? 8.557   -7.065  3.524   1.00 43.00 ? 469 LYS B CB  1 
ATOM   733  C CG  . LYS B 1 44 ? 8.700   -5.724  2.821   1.00 47.84 ? 469 LYS B CG  1 
ATOM   734  C CD  . LYS B 1 44 ? 7.357   -5.153  2.379   1.00 44.29 ? 469 LYS B CD  1 
ATOM   735  C CE  . LYS B 1 44 ? 6.704   -4.326  3.471   1.00 44.83 ? 469 LYS B CE  1 
ATOM   736  N NZ  . LYS B 1 44 ? 5.610   -3.469  2.926   1.00 45.41 ? 469 LYS B NZ  1 
ATOM   737  N N   . VAL B 1 45 ? 10.051  -8.177  6.112   1.00 42.37 ? 470 VAL B N   1 
ATOM   738  C CA  . VAL B 1 45 ? 10.589  -8.010  7.459   1.00 45.43 ? 470 VAL B CA  1 
ATOM   739  C C   . VAL B 1 45 ? 12.085  -8.297  7.459   1.00 42.34 ? 470 VAL B C   1 
ATOM   740  O O   . VAL B 1 45 ? 12.868  -7.537  8.029   1.00 41.48 ? 470 VAL B O   1 
ATOM   741  C CB  . VAL B 1 45 ? 9.865   -8.931  8.471   1.00 44.77 ? 470 VAL B CB  1 
ATOM   742  C CG1 . VAL B 1 45 ? 10.598  -8.964  9.828   1.00 53.59 ? 470 VAL B CG1 1 
ATOM   743  C CG2 . VAL B 1 45 ? 8.410   -8.495  8.625   1.00 52.32 ? 470 VAL B CG2 1 
ATOM   744  N N   . LYS B 1 46 ? 12.478  -9.383  6.801   1.00 40.87 ? 471 LYS B N   1 
ATOM   745  C CA  . LYS B 1 46 ? 13.886  -9.744  6.712   1.00 42.67 ? 471 LYS B CA  1 
ATOM   746  C C   . LYS B 1 46 ? 14.693  -8.648  6.020   1.00 45.41 ? 471 LYS B C   1 
ATOM   747  O O   . LYS B 1 46 ? 15.769  -8.275  6.485   1.00 38.39 ? 471 LYS B O   1 
ATOM   748  C CB  . LYS B 1 46 ? 14.064  -11.071 5.970   1.00 46.23 ? 471 LYS B CB  1 
ATOM   749  C CG  . LYS B 1 46 ? 13.573  -12.284 6.745   1.00 56.67 ? 471 LYS B CG  1 
ATOM   750  C CD  . LYS B 1 46 ? 14.007  -13.584 6.084   1.00 53.76 ? 471 LYS B CD  1 
ATOM   751  C CE  . LYS B 1 46 ? 13.412  -14.792 6.791   1.00 69.02 ? 471 LYS B CE  1 
ATOM   752  N N   . LEU B 1 47 ? 14.165  -8.126  4.917   1.00 39.01 ? 472 LEU B N   1 
ATOM   753  C CA  . LEU B 1 47 ? 14.866  -7.095  4.157   1.00 34.51 ? 472 LEU B CA  1 
ATOM   754  C C   . LEU B 1 47 ? 15.013  -5.821  4.973   1.00 37.57 ? 472 LEU B C   1 
ATOM   755  O O   . LEU B 1 47 ? 16.065  -5.186  4.959   1.00 35.62 ? 472 LEU B O   1 
ATOM   756  C CB  . LEU B 1 47 ? 14.131  -6.789  2.849   1.00 37.70 ? 472 LEU B CB  1 
ATOM   757  C CG  . LEU B 1 47 ? 14.198  -7.865  1.763   1.00 41.55 ? 472 LEU B CG  1 
ATOM   758  C CD1 . LEU B 1 47 ? 13.315  -7.483  0.597   1.00 40.30 ? 472 LEU B CD1 1 
ATOM   759  C CD2 . LEU B 1 47 ? 15.622  -8.094  1.285   1.00 46.07 ? 472 LEU B CD2 1 
ATOM   760  N N   . GLU B 1 48 ? 13.956  -5.454  5.688   1.00 35.68 ? 473 GLU B N   1 
ATOM   761  C CA  . GLU B 1 48 ? 13.962  -4.227  6.475   1.00 36.85 ? 473 GLU B CA  1 
ATOM   762  C C   . GLU B 1 48 ? 14.941  -4.337  7.641   1.00 40.93 ? 473 GLU B C   1 
ATOM   763  O O   . GLU B 1 48 ? 15.608  -3.365  7.989   1.00 37.89 ? 473 GLU B O   1 
ATOM   764  C CB  . GLU B 1 48 ? 12.550  -3.908  6.974   1.00 44.04 ? 473 GLU B CB  1 
ATOM   765  C CG  . GLU B 1 48 ? 11.697  -3.193  5.926   1.00 44.59 ? 473 GLU B CG  1 
ATOM   766  C CD  . GLU B 1 48 ? 10.204  -3.263  6.209   0.68 49.08 ? 473 GLU B CD  1 
ATOM   767  O OE1 . GLU B 1 48 ? 9.794   -4.019  7.115   0.54 51.87 ? 473 GLU B OE1 1 
ATOM   768  O OE2 . GLU B 1 48 ? 9.437   -2.560  5.515   1.00 50.12 ? 473 GLU B OE2 1 
ATOM   769  N N   . ASN B 1 49 ? 15.038  -5.522  8.233   1.00 39.18 ? 474 ASN B N   1 
ATOM   770  C CA  . ASN B 1 49 ? 16.035  -5.755  9.270   1.00 44.99 ? 474 ASN B CA  1 
ATOM   771  C C   . ASN B 1 49 ? 17.441  -5.648  8.692   1.00 41.68 ? 474 ASN B C   1 
ATOM   772  O O   . ASN B 1 49 ? 18.336  -5.094  9.325   1.00 44.94 ? 474 ASN B O   1 
ATOM   773  C CB  . ASN B 1 49 ? 15.835  -7.123  9.927   1.00 46.61 ? 474 ASN B CB  1 
ATOM   774  C CG  . ASN B 1 49 ? 14.703  -7.127  10.945  1.00 48.99 ? 474 ASN B CG  1 
ATOM   775  O OD1 . ASN B 1 49 ? 14.239  -6.074  11.381  1.00 52.87 ? 474 ASN B OD1 1 
ATOM   776  N ND2 . ASN B 1 49 ? 14.267  -8.317  11.340  1.00 60.69 ? 474 ASN B ND2 1 
ATOM   777  N N   . ARG B 1 50 ? 17.629  -6.167  7.482   1.00 38.66 ? 475 ARG B N   1 
ATOM   778  C CA  . ARG B 1 50 ? 18.929  -6.107  6.823   1.00 38.92 ? 475 ARG B CA  1 
ATOM   779  C C   . ARG B 1 50 ? 19.318  -4.675  6.473   1.00 37.93 ? 475 ARG B C   1 
ATOM   780  O O   . ARG B 1 50 ? 20.495  -4.316  6.514   1.00 33.51 ? 475 ARG B O   1 
ATOM   781  C CB  . ARG B 1 50 ? 18.931  -6.972  5.563   1.00 34.43 ? 475 ARG B CB  1 
ATOM   782  C CG  . ARG B 1 50 ? 19.140  -8.448  5.844   1.00 43.00 ? 475 ARG B CG  1 
ATOM   783  C CD  . ARG B 1 50 ? 20.590  -8.735  6.221   1.00 49.79 ? 475 ARG B CD  1 
ATOM   784  N NE  . ARG B 1 50 ? 21.492  -8.435  5.112   1.00 57.31 ? 475 ARG B NE  1 
ATOM   785  C CZ  . ARG B 1 50 ? 22.719  -7.932  5.234   1.00 39.30 ? 475 ARG B CZ  1 
ATOM   786  N NH1 . ARG B 1 50 ? 23.233  -7.649  6.425   1.00 43.71 ? 475 ARG B NH1 1 
ATOM   787  N NH2 . ARG B 1 50 ? 23.433  -7.706  4.141   1.00 42.10 ? 475 ARG B NH2 1 
ATOM   788  N N   . ILE B 1 51 ? 18.329  -3.858  6.129   1.00 33.59 ? 476 ILE B N   1 
ATOM   789  C CA  . ILE B 1 51 ? 18.583  -2.461  5.800   1.00 37.36 ? 476 ILE B CA  1 
ATOM   790  C C   . ILE B 1 51 ? 19.072  -1.717  7.041   1.00 32.56 ? 476 ILE B C   1 
ATOM   791  O O   . ILE B 1 51 ? 19.951  -0.861  6.950   1.00 33.42 ? 476 ILE B O   1 
ATOM   792  C CB  . ILE B 1 51 ? 17.322  -1.783  5.224   1.00 33.38 ? 476 ILE B CB  1 
ATOM   793  C CG1 . ILE B 1 51 ? 17.058  -2.313  3.812   1.00 34.56 ? 476 ILE B CG1 1 
ATOM   794  C CG2 . ILE B 1 51 ? 17.485  -0.268  5.191   1.00 36.13 ? 476 ILE B CG2 1 
ATOM   795  C CD1 . ILE B 1 51 ? 15.695  -1.958  3.253   1.00 34.64 ? 476 ILE B CD1 1 
ATOM   796  N N   . LYS B 1 52 ? 18.511  -2.056  8.197   1.00 36.93 ? 477 LYS B N   1 
ATOM   797  C CA  . LYS B 1 52 ? 18.933  -1.455  9.459   1.00 41.17 ? 477 LYS B CA  1 
ATOM   798  C C   . LYS B 1 52 ? 20.363  -1.865  9.802   1.00 39.29 ? 477 LYS B C   1 
ATOM   799  O O   . LYS B 1 52 ? 21.140  -1.058  10.311  1.00 43.10 ? 477 LYS B O   1 
ATOM   800  C CB  . LYS B 1 52 ? 17.980  -1.850  10.591  1.00 41.50 ? 477 LYS B CB  1 
ATOM   801  C CG  . LYS B 1 52 ? 16.654  -1.100  10.573  1.00 48.93 ? 477 LYS B CG  1 
ATOM   802  C CD  . LYS B 1 52 ? 15.678  -1.661  11.598  1.00 51.05 ? 477 LYS B CD  1 
ATOM   803  N N   . GLU B 1 53 ? 20.707  -3.118  9.516   1.00 36.57 ? 478 GLU B N   1 
ATOM   804  C CA  . GLU B 1 53 ? 22.073  -3.597  9.705   1.00 38.11 ? 478 GLU B CA  1 
ATOM   805  C C   . GLU B 1 53 ? 23.049  -2.801  8.848   1.00 39.91 ? 478 GLU B C   1 
ATOM   806  O O   . GLU B 1 53 ? 24.118  -2.412  9.310   1.00 35.55 ? 478 GLU B O   1 
ATOM   807  C CB  . GLU B 1 53 ? 22.183  -5.085  9.366   1.00 42.08 ? 478 GLU B CB  1 
ATOM   808  C CG  . GLU B 1 53 ? 21.787  -6.014  10.497  1.00 52.42 ? 478 GLU B CG  1 
ATOM   809  C CD  . GLU B 1 53 ? 22.018  -7.477  10.161  1.00 66.82 ? 478 GLU B CD  1 
ATOM   810  O OE1 . GLU B 1 53 ? 21.227  -8.324  10.629  1.00 73.81 ? 478 GLU B OE1 1 
ATOM   811  O OE2 . GLU B 1 53 ? 22.994  -7.780  9.440   1.00 57.24 ? 478 GLU B OE2 1 
ATOM   812  N N   . LEU B 1 54 ? 22.677  -2.559  7.597   1.00 33.01 ? 479 LEU B N   1 
ATOM   813  C CA  . LEU B 1 54 ? 23.550  -1.834  6.684   1.00 34.55 ? 479 LEU B CA  1 
ATOM   814  C C   . LEU B 1 54 ? 23.698  -0.375  7.096   1.00 36.98 ? 479 LEU B C   1 
ATOM   815  O O   . LEU B 1 54 ? 24.760  0.219   6.920   1.00 31.70 ? 479 LEU B O   1 
ATOM   816  C CB  . LEU B 1 54 ? 23.023  -1.934  5.256   1.00 34.98 ? 479 LEU B CB  1 
ATOM   817  C CG  . LEU B 1 54 ? 23.435  -3.241  4.581   1.00 38.64 ? 479 LEU B CG  1 
ATOM   818  C CD1 . LEU B 1 54 ? 22.329  -3.743  3.691   1.00 46.94 ? 479 LEU B CD1 1 
ATOM   819  C CD2 . LEU B 1 54 ? 24.720  -3.049  3.793   1.00 35.26 ? 479 LEU B CD2 1 
ATOM   820  N N   . GLU B 1 55 ? 22.634  0.199   7.647   1.00 34.01 ? 480 GLU B N   1 
ATOM   821  C CA  . GLU B 1 55 ? 22.687  1.571   8.138   1.00 36.55 ? 480 GLU B CA  1 
ATOM   822  C C   . GLU B 1 55 ? 23.638  1.669   9.331   1.00 37.28 ? 480 GLU B C   1 
ATOM   823  O O   . GLU B 1 55 ? 24.354  2.657   9.477   1.00 44.54 ? 480 GLU B O   1 
ATOM   824  C CB  . GLU B 1 55 ? 21.286  2.064   8.512   1.00 43.58 ? 480 GLU B CB  1 
ATOM   825  C CG  . GLU B 1 55 ? 20.419  2.404   7.300   1.00 44.21 ? 480 GLU B CG  1 
ATOM   826  C CD  . GLU B 1 55 ? 18.953  2.615   7.646   1.00 42.93 ? 480 GLU B CD  1 
ATOM   827  O OE1 . GLU B 1 55 ? 18.533  2.237   8.761   0.67 46.84 ? 480 GLU B OE1 1 
ATOM   828  O OE2 . GLU B 1 55 ? 18.217  3.159   6.795   0.77 41.93 ? 480 GLU B OE2 1 
ATOM   829  N N   . GLU B 1 56 ? 23.652  0.639   10.173  1.00 41.21 ? 481 GLU B N   1 
ATOM   830  C CA  . GLU B 1 56 ? 24.605  0.564   11.278  1.00 43.44 ? 481 GLU B CA  1 
ATOM   831  C C   . GLU B 1 56 ? 26.036  0.446   10.759  1.00 48.07 ? 481 GLU B C   1 
ATOM   832  O O   . GLU B 1 56 ? 26.947  1.090   11.276  1.00 50.84 ? 481 GLU B O   1 
ATOM   833  C CB  . GLU B 1 56 ? 24.286  -0.621  12.192  1.00 45.01 ? 481 GLU B CB  1 
ATOM   834  C CG  . GLU B 1 56 ? 23.054  -0.427  13.059  1.00 54.24 ? 481 GLU B CG  1 
ATOM   835  N N   . GLU B 1 57 ? 26.228  -0.381  9.737   1.00 37.13 ? 482 GLU B N   1 
ATOM   836  C CA  . GLU B 1 57 ? 27.553  -0.601  9.169   1.00 42.65 ? 482 GLU B CA  1 
ATOM   837  C C   . GLU B 1 57 ? 28.083  0.649   8.478   1.00 45.90 ? 482 GLU B C   1 
ATOM   838  O O   . GLU B 1 57 ? 29.288  0.902   8.483   1.00 44.79 ? 482 GLU B O   1 
ATOM   839  C CB  . GLU B 1 57 ? 27.521  -1.767  8.185   1.00 39.01 ? 482 GLU B CB  1 
ATOM   840  C CG  . GLU B 1 57 ? 27.290  -3.113  8.844   1.00 35.19 ? 482 GLU B CG  1 
ATOM   841  C CD  . GLU B 1 57 ? 27.034  -4.212  7.838   1.00 39.72 ? 482 GLU B CD  1 
ATOM   842  O OE1 . GLU B 1 57 ? 27.060  -3.924  6.623   1.00 41.32 ? 482 GLU B OE1 1 
ATOM   843  O OE2 . GLU B 1 57 ? 26.804  -5.363  8.260   1.00 40.74 ? 482 GLU B OE2 1 
ATOM   844  N N   . LEU B 1 58 ? 27.186  1.424   7.878   1.00 39.29 ? 483 LEU B N   1 
ATOM   845  C CA  . LEU B 1 58 ? 27.573  2.682   7.254   1.00 44.58 ? 483 LEU B CA  1 
ATOM   846  C C   . LEU B 1 58 ? 28.062  3.675   8.307   1.00 50.09 ? 483 LEU B C   1 
ATOM   847  O O   . LEU B 1 58 ? 28.992  4.442   8.059   1.00 51.25 ? 483 LEU B O   1 
ATOM   848  C CB  . LEU B 1 58 ? 26.404  3.273   6.463   1.00 45.45 ? 483 LEU B CB  1 
ATOM   849  C CG  . LEU B 1 58 ? 26.188  2.665   5.073   1.00 43.72 ? 483 LEU B CG  1 
ATOM   850  C CD1 . LEU B 1 58 ? 24.783  2.947   4.565   1.00 42.89 ? 483 LEU B CD1 1 
ATOM   851  C CD2 . LEU B 1 58 ? 27.224  3.194   4.092   1.00 40.31 ? 483 LEU B CD2 1 
ATOM   852  N N   . LYS B 1 59 ? 27.434  3.650   9.480   1.00 49.96 ? 484 LYS B N   1 
ATOM   853  C CA  . LYS B 1 59 ? 27.803  4.545   10.575  1.00 57.74 ? 484 LYS B CA  1 
ATOM   854  C C   . LYS B 1 59 ? 29.212  4.251   11.066  1.00 54.02 ? 484 LYS B C   1 
ATOM   855  O O   . LYS B 1 59 ? 29.953  5.158   11.443  1.00 74.20 ? 484 LYS B O   1 
ATOM   856  C CB  . LYS B 1 59 ? 26.817  4.418   11.739  1.00 53.17 ? 484 LYS B CB  1 
ATOM   857  C CG  . LYS B 1 59 ? 25.542  5.225   11.574  1.00 58.99 ? 484 LYS B CG  1 
ATOM   858  C CD  . LYS B 1 59 ? 24.532  4.869   12.652  1.00 64.13 ? 484 LYS B CD  1 
ATOM   859  C CE  . LYS B 1 59 ? 23.171  5.479   12.369  1.00 64.96 ? 484 LYS B CE  1 
ATOM   860  N NZ  . LYS B 1 59 ? 22.069  4.591   12.834  1.00 80.52 ? 484 LYS B NZ  1 
ATOM   861  N N   . ARG B 1 60 ? 29.577  2.974   11.054  1.00 66.22 ? 485 ARG B N   1 
ATOM   862  C CA  . ARG B 1 60 ? 30.902  2.545   11.483  1.00 59.70 ? 485 ARG B CA  1 
ATOM   863  C C   . ARG B 1 60 ? 31.936  2.721   10.372  1.00 65.28 ? 485 ARG B C   1 
ATOM   864  O O   . ARG B 1 60 ? 32.971  2.055   10.373  1.00 70.62 ? 485 ARG B O   1 
ATOM   865  C CB  . ARG B 1 60 ? 30.863  1.084   11.940  1.00 60.37 ? 485 ARG B CB  1 
ATOM   866  C CG  . ARG B 1 60 ? 29.966  0.833   13.146  1.00 60.94 ? 485 ARG B CG  1 
ATOM   867  C CD  . ARG B 1 60 ? 29.988  -0.636  13.556  1.00 55.76 ? 485 ARG B CD  1 
ATOM   868  N N   . VAL B 1 61 ? 31.648  3.614   9.428   1.00 68.28 ? 486 VAL B N   1 
ATOM   869  C CA  . VAL B 1 61 ? 32.576  3.938   8.352   1.00 67.79 ? 486 VAL B CA  1 
ATOM   870  C C   . VAL B 1 61 ? 32.750  2.760   7.404   1.00 72.78 ? 486 VAL B C   1 
ATOM   871  O O   . VAL B 1 61 ? 32.351  2.825   6.241   1.00 75.57 ? 486 VAL B O   1 
ATOM   872  C CB  . VAL B 1 61 ? 33.956  4.353   8.900   1.00 69.83 ? 486 VAL B CB  1 
ATOM   873  N N   . GLY C 1 1  ? -1.913  -13.533 -8.994  1.00 48.16 ? 426 GLY C N   1 
ATOM   874  C CA  . GLY C 1 1  ? -0.699  -13.641 -8.207  1.00 49.13 ? 426 GLY C CA  1 
ATOM   875  C C   . GLY C 1 1  ? 0.512   -13.937 -9.068  1.00 48.76 ? 426 GLY C C   1 
ATOM   876  O O   . GLY C 1 1  ? 0.532   -13.617 -10.257 1.00 48.12 ? 426 GLY C O   1 
ATOM   877  N N   . ALA C 1 2  ? 1.517   -14.565 -8.465  1.00 48.04 ? 427 ALA C N   1 
ATOM   878  C CA  . ALA C 1 2  ? 2.794   -14.815 -9.130  1.00 51.22 ? 427 ALA C CA  1 
ATOM   879  C C   . ALA C 1 2  ? 2.635   -15.655 -10.397 1.00 56.34 ? 427 ALA C C   1 
ATOM   880  O O   . ALA C 1 2  ? 3.456   -15.567 -11.311 1.00 56.30 ? 427 ALA C O   1 
ATOM   881  C CB  . ALA C 1 2  ? 3.756   -15.497 -8.166  1.00 56.24 ? 427 ALA C CB  1 
ATOM   882  N N   . MET C 1 3  ? 1.581   -16.464 -10.449 1.00 55.35 ? 428 MET C N   1 
ATOM   883  C CA  . MET C 1 3  ? 1.315   -17.309 -11.610 1.00 59.88 ? 428 MET C CA  1 
ATOM   884  C C   . MET C 1 3  ? 0.990   -16.472 -12.848 1.00 66.10 ? 428 MET C C   1 
ATOM   885  O O   . MET C 1 3  ? 1.139   -16.936 -13.980 1.00 66.81 ? 428 MET C O   1 
ATOM   886  C CB  . MET C 1 3  ? 0.160   -18.274 -11.316 1.00 65.03 ? 428 MET C CB  1 
ATOM   887  C CG  . MET C 1 3  ? 0.465   -19.317 -10.240 1.00 73.82 ? 428 MET C CG  1 
ATOM   888  S SD  . MET C 1 3  ? -0.997  -20.238 -9.708  1.00 87.87 ? 428 MET C SD  1 
ATOM   889  C CE  . MET C 1 3  ? -0.255  -21.505 -8.676  1.00 73.76 ? 428 MET C CE  1 
ATOM   890  N N   . ASP C 1 4  ? 0.547   -15.238 -12.623 1.00 59.81 ? 429 ASP C N   1 
ATOM   891  C CA  . ASP C 1 4  ? 0.174   -14.335 -13.706 1.00 54.85 ? 429 ASP C CA  1 
ATOM   892  C C   . ASP C 1 4  ? 1.428   -13.696 -14.313 1.00 57.54 ? 429 ASP C C   1 
ATOM   893  O O   . ASP C 1 4  ? 2.244   -13.123 -13.591 1.00 58.35 ? 429 ASP C O   1 
ATOM   894  C CB  . ASP C 1 4  ? -0.785  -13.257 -13.186 1.00 51.80 ? 429 ASP C CB  1 
ATOM   895  C CG  . ASP C 1 4  ? -1.439  -12.454 -14.304 1.00 59.32 ? 429 ASP C CG  1 
ATOM   896  O OD1 . ASP C 1 4  ? -0.790  -12.205 -15.340 1.00 58.31 ? 429 ASP C OD1 1 
ATOM   897  O OD2 . ASP C 1 4  ? -2.613  -12.060 -14.135 1.00 67.85 ? 429 ASP C OD2 1 
ATOM   898  N N   . PRO C 1 5  ? 1.590   -13.793 -15.646 1.00 59.10 ? 430 PRO C N   1 
ATOM   899  C CA  . PRO C 1 5  ? 2.783   -13.204 -16.268 1.00 62.01 ? 430 PRO C CA  1 
ATOM   900  C C   . PRO C 1 5  ? 2.869   -11.683 -16.119 1.00 57.45 ? 430 PRO C C   1 
ATOM   901  O O   . PRO C 1 5  ? 3.971   -11.137 -16.096 1.00 59.86 ? 430 PRO C O   1 
ATOM   902  C CB  . PRO C 1 5  ? 2.636   -13.593 -17.747 1.00 65.30 ? 430 PRO C CB  1 
ATOM   903  C CG  . PRO C 1 5  ? 1.192   -13.910 -17.932 1.00 66.13 ? 430 PRO C CG  1 
ATOM   904  C CD  . PRO C 1 5  ? 0.753   -14.499 -16.632 1.00 64.81 ? 430 PRO C CD  1 
ATOM   905  N N   . GLU C 1 6  ? 1.720   -11.018 -16.017 1.00 55.50 ? 431 GLU C N   1 
ATOM   906  C CA  . GLU C 1 6  ? 1.678   -9.562  -15.898 1.00 50.71 ? 431 GLU C CA  1 
ATOM   907  C C   . GLU C 1 6  ? 1.764   -9.094  -14.447 1.00 46.44 ? 431 GLU C C   1 
ATOM   908  O O   . GLU C 1 6  ? 1.692   -7.897  -14.172 1.00 45.36 ? 431 GLU C O   1 
ATOM   909  C CB  . GLU C 1 6  ? 0.395   -9.023  -16.532 1.00 52.69 ? 431 GLU C CB  1 
ATOM   910  C CG  . GLU C 1 6  ? 0.346   -9.155  -18.044 1.00 67.97 ? 431 GLU C CG  1 
ATOM   911  C CD  . GLU C 1 6  ? 1.321   -8.226  -18.741 1.00 69.89 ? 431 GLU C CD  1 
ATOM   912  O OE1 . GLU C 1 6  ? 0.897   -7.136  -19.180 1.00 78.91 ? 431 GLU C OE1 1 
ATOM   913  O OE2 . GLU C 1 6  ? 2.514   -8.584  -18.847 1.00 75.50 ? 431 GLU C OE2 1 
ATOM   914  N N   . PHE C 1 7  ? 1.925   -10.039 -13.527 1.00 46.18 ? 432 PHE C N   1 
ATOM   915  C CA  . PHE C 1 7  ? 1.891   -9.734  -12.101 1.00 45.61 ? 432 PHE C CA  1 
ATOM   916  C C   . PHE C 1 7  ? 3.021   -8.799  -11.688 1.00 44.82 ? 432 PHE C C   1 
ATOM   917  O O   . PHE C 1 7  ? 2.793   -7.805  -10.999 1.00 38.11 ? 432 PHE C O   1 
ATOM   918  C CB  . PHE C 1 7  ? 1.955   -11.027 -11.289 1.00 40.76 ? 432 PHE C CB  1 
ATOM   919  C CG  . PHE C 1 7  ? 2.056   -10.814 -9.804  1.00 41.05 ? 432 PHE C CG  1 
ATOM   920  C CD1 . PHE C 1 7  ? 0.966   -10.364 -9.076  1.00 38.66 ? 432 PHE C CD1 1 
ATOM   921  C CD2 . PHE C 1 7  ? 3.238   -11.085 -9.134  1.00 42.15 ? 432 PHE C CD2 1 
ATOM   922  C CE1 . PHE C 1 7  ? 1.057   -10.173 -7.708  1.00 37.74 ? 432 PHE C CE1 1 
ATOM   923  C CE2 . PHE C 1 7  ? 3.335   -10.898 -7.767  1.00 48.23 ? 432 PHE C CE2 1 
ATOM   924  C CZ  . PHE C 1 7  ? 2.243   -10.442 -7.054  1.00 41.51 ? 432 PHE C CZ  1 
ATOM   925  N N   . THR C 1 8  ? 4.238   -9.113  -12.115 1.00 39.35 ? 433 THR C N   1 
ATOM   926  C CA  . THR C 1 8  ? 5.404   -8.336  -11.715 1.00 40.76 ? 433 THR C CA  1 
ATOM   927  C C   . THR C 1 8  ? 5.303   -6.908  -12.231 1.00 47.20 ? 433 THR C C   1 
ATOM   928  O O   . THR C 1 8  ? 5.542   -5.956  -11.489 1.00 39.86 ? 433 THR C O   1 
ATOM   929  C CB  . THR C 1 8  ? 6.709   -8.971  -12.222 1.00 45.15 ? 433 THR C CB  1 
ATOM   930  O OG1 . THR C 1 8  ? 6.808   -10.313 -11.730 1.00 52.49 ? 433 THR C OG1 1 
ATOM   931  C CG2 . THR C 1 8  ? 7.914   -8.169  -11.747 1.00 44.93 ? 433 THR C CG2 1 
ATOM   932  N N   . LYS C 1 9  ? 4.948   -6.765  -13.504 1.00 41.98 ? 434 LYS C N   1 
ATOM   933  C CA  . LYS C 1 9  ? 4.776   -5.451  -14.114 1.00 41.55 ? 434 LYS C CA  1 
ATOM   934  C C   . LYS C 1 9  ? 3.731   -4.630  -13.357 1.00 44.92 ? 434 LYS C C   1 
ATOM   935  O O   . LYS C 1 9  ? 3.964   -3.466  -13.032 1.00 40.43 ? 434 LYS C O   1 
ATOM   936  C CB  . LYS C 1 9  ? 4.372   -5.598  -15.583 1.00 52.28 ? 434 LYS C CB  1 
ATOM   937  C CG  . LYS C 1 9  ? 4.148   -4.285  -16.317 1.00 51.55 ? 434 LYS C CG  1 
ATOM   938  C CD  . LYS C 1 9  ? 3.656   -4.534  -17.733 1.00 53.15 ? 434 LYS C CD  1 
ATOM   939  C CE  . LYS C 1 9  ? 3.338   -3.234  -18.448 1.00 67.32 ? 434 LYS C CE  1 
ATOM   940  N NZ  . LYS C 1 9  ? 2.799   -3.465  -19.817 1.00 75.07 ? 434 LYS C NZ  1 
ATOM   941  N N   . ASN C 1 10 ? 2.584   -5.242  -13.077 1.00 37.07 ? 435 ASN C N   1 
ATOM   942  C CA  . ASN C 1 10 ? 1.512   -4.562  -12.361 1.00 41.93 ? 435 ASN C CA  1 
ATOM   943  C C   . ASN C 1 10 ? 1.948   -4.133  -10.965 1.00 41.43 ? 435 ASN C C   1 
ATOM   944  O O   . ASN C 1 10 ? 1.633   -3.032  -10.519 1.00 34.85 ? 435 ASN C O   1 
ATOM   945  C CB  . ASN C 1 10 ? 0.278   -5.463  -12.269 1.00 44.01 ? 435 ASN C CB  1 
ATOM   946  C CG  . ASN C 1 10 ? -0.367  -5.712  -13.623 1.00 60.13 ? 435 ASN C CG  1 
ATOM   947  O OD1 . ASN C 1 10 ? -0.103  -4.999  -14.591 1.00 59.47 ? 435 ASN C OD1 1 
ATOM   948  N ND2 . ASN C 1 10 ? -1.224  -6.726  -13.692 1.00 58.64 ? 435 ASN C ND2 1 
ATOM   949  N N   . ALA C 1 11 ? 2.680   -5.007  -10.284 1.00 34.36 ? 436 ALA C N   1 
ATOM   950  C CA  . ALA C 1 11 ? 3.160   -4.730  -8.935  1.00 31.84 ? 436 ALA C CA  1 
ATOM   951  C C   . ALA C 1 11 ? 4.093   -3.521  -8.915  1.00 34.81 ? 436 ALA C C   1 
ATOM   952  O O   . ALA C 1 11 ? 3.959   -2.641  -8.066  1.00 32.45 ? 436 ALA C O   1 
ATOM   953  C CB  . ALA C 1 11 ? 3.864   -5.949  -8.370  1.00 33.92 ? 436 ALA C CB  1 
ATOM   954  N N   . LEU C 1 12 ? 5.035   -3.487  -9.853  1.00 31.83 ? 437 LEU C N   1 
ATOM   955  C CA  . LEU C 1 12 ? 5.992   -2.389  -9.940  1.00 33.45 ? 437 LEU C CA  1 
ATOM   956  C C   . LEU C 1 12 ? 5.290   -1.068  -10.240 1.00 34.09 ? 437 LEU C C   1 
ATOM   957  O O   . LEU C 1 12 ? 5.651   -0.028  -9.695  1.00 33.35 ? 437 LEU C O   1 
ATOM   958  C CB  . LEU C 1 12 ? 7.043   -2.678  -11.014 1.00 32.62 ? 437 LEU C CB  1 
ATOM   959  C CG  . LEU C 1 12 ? 7.977   -3.860  -10.744 1.00 37.71 ? 437 LEU C CG  1 
ATOM   960  C CD1 . LEU C 1 12 ? 8.796   -4.173  -11.982 1.00 40.55 ? 437 LEU C CD1 1 
ATOM   961  C CD2 . LEU C 1 12 ? 8.892   -3.581  -9.563  1.00 38.35 ? 437 LEU C CD2 1 
ATOM   962  N N   . ASN C 1 13 ? 4.286   -1.112  -11.110 1.00 33.54 ? 438 ASN C N   1 
ATOM   963  C CA  . ASN C 1 13 ? 3.520   0.086   -11.431 1.00 34.52 ? 438 ASN C CA  1 
ATOM   964  C C   . ASN C 1 13 ? 2.705   0.574   -10.238 1.00 34.71 ? 438 ASN C C   1 
ATOM   965  O O   . ASN C 1 13 ? 2.628   1.777   -9.987  1.00 35.06 ? 438 ASN C O   1 
ATOM   966  C CB  . ASN C 1 13 ? 2.596   -0.169  -12.626 1.00 39.91 ? 438 ASN C CB  1 
ATOM   967  C CG  . ASN C 1 13 ? 3.265   0.134   -13.956 1.00 43.71 ? 438 ASN C CG  1 
ATOM   968  O OD1 . ASN C 1 13 ? 3.874   1.191   -14.131 1.00 45.73 ? 438 ASN C OD1 1 
ATOM   969  N ND2 . ASN C 1 13 ? 3.156   -0.794  -14.899 1.00 48.41 ? 438 ASN C ND2 1 
ATOM   970  N N   . VAL C 1 14 ? 2.103   -0.359  -9.507  1.00 31.43 ? 439 VAL C N   1 
ATOM   971  C CA  . VAL C 1 14 ? 1.295   -0.014  -8.342  1.00 31.84 ? 439 VAL C CA  1 
ATOM   972  C C   . VAL C 1 14 ? 2.137   0.715   -7.294  1.00 33.94 ? 439 VAL C C   1 
ATOM   973  O O   . VAL C 1 14 ? 1.737   1.775   -6.812  1.00 29.44 ? 439 VAL C O   1 
ATOM   974  C CB  . VAL C 1 14 ? 0.634   -1.273  -7.732  1.00 37.76 ? 439 VAL C CB  1 
ATOM   975  C CG1 . VAL C 1 14 ? 0.077   -0.996  -6.321  1.00 40.85 ? 439 VAL C CG1 1 
ATOM   976  C CG2 . VAL C 1 14 ? -0.456  -1.792  -8.670  1.00 40.45 ? 439 VAL C CG2 1 
ATOM   977  N N   . VAL C 1 15 ? 3.305   0.177   -6.958  1.00 30.72 ? 440 VAL C N   1 
ATOM   978  C CA  . VAL C 1 15 ? 4.127   0.810   -5.933  1.00 29.32 ? 440 VAL C CA  1 
ATOM   979  C C   . VAL C 1 15 ? 4.702   2.134   -6.444  1.00 30.93 ? 440 VAL C C   1 
ATOM   980  O O   . VAL C 1 15 ? 4.805   3.094   -5.686  1.00 28.66 ? 440 VAL C O   1 
ATOM   981  C CB  . VAL C 1 15 ? 5.277   -0.115  -5.446  1.00 30.67 ? 440 VAL C CB  1 
ATOM   982  C CG1 . VAL C 1 15 ? 6.237   -0.461  -6.579  1.00 29.31 ? 440 VAL C CG1 1 
ATOM   983  C CG2 . VAL C 1 15 ? 6.019   0.538   -4.290  1.00 34.28 ? 440 VAL C CG2 1 
ATOM   984  N N   . LYS C 1 16 ? 5.056   2.196   -7.724  1.00 30.68 ? 441 LYS C N   1 
ATOM   985  C CA  . LYS C 1 16 ? 5.598   3.430   -8.288  1.00 33.90 ? 441 LYS C CA  1 
ATOM   986  C C   . LYS C 1 16 ? 4.598   4.572   -8.143  1.00 35.14 ? 441 LYS C C   1 
ATOM   987  O O   . LYS C 1 16 ? 4.965   5.684   -7.762  1.00 33.97 ? 441 LYS C O   1 
ATOM   988  C CB  . LYS C 1 16 ? 5.969   3.245   -9.759  1.00 34.25 ? 441 LYS C CB  1 
ATOM   989  C CG  . LYS C 1 16 ? 6.555   4.502   -10.393 1.00 38.10 ? 441 LYS C CG  1 
ATOM   990  C CD  . LYS C 1 16 ? 7.022   4.273   -11.828 1.00 48.57 ? 441 LYS C CD  1 
ATOM   991  C CE  . LYS C 1 16 ? 5.877   3.892   -12.757 1.00 47.83 ? 441 LYS C CE  1 
ATOM   992  N NZ  . LYS C 1 16 ? 4.765   4.881   -12.740 1.00 52.19 ? 441 LYS C NZ  1 
ATOM   993  N N   . ASN C 1 17 ? 3.333   4.291   -8.438  1.00 33.49 ? 442 ASN C N   1 
ATOM   994  C CA  . ASN C 1 17 ? 2.291   5.301   -8.324  1.00 34.44 ? 442 ASN C CA  1 
ATOM   995  C C   . ASN C 1 17 ? 2.024   5.663   -6.866  1.00 31.87 ? 442 ASN C C   1 
ATOM   996  O O   . ASN C 1 17 ? 1.614   6.784   -6.570  1.00 30.47 ? 442 ASN C O   1 
ATOM   997  C CB  . ASN C 1 17 ? 1.005   4.819   -8.998  1.00 36.49 ? 442 ASN C CB  1 
ATOM   998  C CG  . ASN C 1 17 ? 1.138   4.724   -10.508 1.00 43.94 ? 442 ASN C CG  1 
ATOM   999  O OD1 . ASN C 1 17 ? 1.849   5.514   -11.131 1.00 43.83 ? 442 ASN C OD1 1 
ATOM   1000 N ND2 . ASN C 1 17 ? 0.459   3.751   -11.101 1.00 46.48 ? 442 ASN C ND2 1 
ATOM   1001 N N   . ASP C 1 18 ? 2.269   4.723   -5.956  1.00 34.41 ? 443 ASP C N   1 
ATOM   1002 C CA  . ASP C 1 18 ? 2.155   5.013   -4.530  1.00 31.91 ? 443 ASP C CA  1 
ATOM   1003 C C   . ASP C 1 18 ? 3.215   6.017   -4.111  1.00 28.69 ? 443 ASP C C   1 
ATOM   1004 O O   . ASP C 1 18 ? 2.927   6.965   -3.385  1.00 31.80 ? 443 ASP C O   1 
ATOM   1005 C CB  . ASP C 1 18 ? 2.300   3.748   -3.682  1.00 38.87 ? 443 ASP C CB  1 
ATOM   1006 C CG  . ASP C 1 18 ? 1.151   2.783   -3.861  1.00 48.60 ? 443 ASP C CG  1 
ATOM   1007 O OD1 . ASP C 1 18 ? 0.033   3.234   -4.188  1.00 46.37 ? 443 ASP C OD1 1 
ATOM   1008 O OD2 . ASP C 1 18 ? 1.370   1.570   -3.662  1.00 43.13 ? 443 ASP C OD2 1 
ATOM   1009 N N   . LEU C 1 19 ? 4.447   5.800   -4.562  1.00 27.78 ? 444 LEU C N   1 
ATOM   1010 C CA  . LEU C 1 19 ? 5.549   6.678   -4.189  1.00 28.95 ? 444 LEU C CA  1 
ATOM   1011 C C   . LEU C 1 19 ? 5.369   8.061   -4.816  1.00 28.47 ? 444 LEU C C   1 
ATOM   1012 O O   . LEU C 1 19 ? 5.685   9.073   -4.190  1.00 29.33 ? 444 LEU C O   1 
ATOM   1013 C CB  . LEU C 1 19 ? 6.894   6.074   -4.599  1.00 28.86 ? 444 LEU C CB  1 
ATOM   1014 C CG  . LEU C 1 19 ? 7.216   4.684   -4.028  1.00 32.40 ? 444 LEU C CG  1 
ATOM   1015 C CD1 . LEU C 1 19 ? 8.656   4.287   -4.321  1.00 33.74 ? 444 LEU C CD1 1 
ATOM   1016 C CD2 . LEU C 1 19 ? 6.937   4.604   -2.532  1.00 33.46 ? 444 LEU C CD2 1 
ATOM   1017 N N   . ILE C 1 20 ? 4.853   8.108   -6.041  1.00 29.89 ? 445 ILE C N   1 
ATOM   1018 C CA  . ILE C 1 20 ? 4.583   9.387   -6.690  1.00 29.59 ? 445 ILE C CA  1 
ATOM   1019 C C   . ILE C 1 20 ? 3.556   10.163  -5.874  1.00 27.57 ? 445 ILE C C   1 
ATOM   1020 O O   . ILE C 1 20 ? 3.641   11.385  -5.755  1.00 34.32 ? 445 ILE C O   1 
ATOM   1021 C CB  . ILE C 1 20 ? 4.083   9.206   -8.136  1.00 29.74 ? 445 ILE C CB  1 
ATOM   1022 C CG1 . ILE C 1 20 ? 5.228   8.702   -9.011  1.00 32.56 ? 445 ILE C CG1 1 
ATOM   1023 C CG2 . ILE C 1 20 ? 3.552   10.524  -8.694  1.00 31.72 ? 445 ILE C CG2 1 
ATOM   1024 C CD1 . ILE C 1 20 ? 4.800   8.205   -10.372 1.00 34.30 ? 445 ILE C CD1 1 
ATOM   1025 N N   . ALA C 1 21 ? 2.599   9.447   -5.295  1.00 28.16 ? 446 ALA C N   1 
ATOM   1026 C CA  . ALA C 1 21 ? 1.604   10.071  -4.434  1.00 28.69 ? 446 ALA C CA  1 
ATOM   1027 C C   . ALA C 1 21 ? 2.240   10.584  -3.144  1.00 30.54 ? 446 ALA C C   1 
ATOM   1028 O O   . ALA C 1 21 ? 1.826   11.612  -2.610  1.00 29.16 ? 446 ALA C O   1 
ATOM   1029 C CB  . ALA C 1 21 ? 0.486   9.095   -4.120  1.00 32.62 ? 446 ALA C CB  1 
ATOM   1030 N N   . LYS C 1 22 ? 3.245   9.873   -2.643  1.00 27.99 ? 447 LYS C N   1 
ATOM   1031 C CA  . LYS C 1 22 ? 3.956   10.328  -1.455  1.00 28.89 ? 447 LYS C CA  1 
ATOM   1032 C C   . LYS C 1 22 ? 4.750   11.589  -1.775  1.00 29.79 ? 447 LYS C C   1 
ATOM   1033 O O   . LYS C 1 22 ? 4.807   12.520  -0.972  1.00 28.46 ? 447 LYS C O   1 
ATOM   1034 C CB  . LYS C 1 22 ? 4.880   9.234   -0.920  1.00 30.42 ? 447 LYS C CB  1 
ATOM   1035 C CG  . LYS C 1 22 ? 4.141   8.072   -0.280  1.00 30.99 ? 447 LYS C CG  1 
ATOM   1036 C CD  . LYS C 1 22 ? 5.100   6.964   0.117   1.00 40.12 ? 447 LYS C CD  1 
ATOM   1037 C CE  . LYS C 1 22 ? 4.362   5.762   0.680   1.00 45.88 ? 447 LYS C CE  1 
ATOM   1038 N NZ  . LYS C 1 22 ? 3.715   6.058   1.987   1.00 57.07 ? 447 LYS C NZ  1 
ATOM   1039 N N   . VAL C 1 23 ? 5.357   11.614  -2.957  1.00 26.53 ? 448 VAL C N   1 
ATOM   1040 C CA  . VAL C 1 23 ? 6.064   12.797  -3.433  1.00 27.61 ? 448 VAL C CA  1 
ATOM   1041 C C   . VAL C 1 23 ? 5.104   13.976  -3.530  1.00 33.51 ? 448 VAL C C   1 
ATOM   1042 O O   . VAL C 1 23 ? 5.423   15.083  -3.100  1.00 30.97 ? 448 VAL C O   1 
ATOM   1043 C CB  . VAL C 1 23 ? 6.724   12.547  -4.805  1.00 29.14 ? 448 VAL C CB  1 
ATOM   1044 C CG1 . VAL C 1 23 ? 7.222   13.852  -5.426  1.00 33.42 ? 448 VAL C CG1 1 
ATOM   1045 C CG2 . VAL C 1 23 ? 7.854   11.552  -4.664  1.00 31.40 ? 448 VAL C CG2 1 
ATOM   1046 N N   . ASP C 1 24 ? 3.921   13.727  -4.085  1.00 31.67 ? 449 ASP C N   1 
ATOM   1047 C CA  . ASP C 1 24 ? 2.928   14.780  -4.253  1.00 27.76 ? 449 ASP C CA  1 
ATOM   1048 C C   . ASP C 1 24 ? 2.471   15.321  -2.901  1.00 31.41 ? 449 ASP C C   1 
ATOM   1049 O O   . ASP C 1 24 ? 2.341   16.531  -2.730  1.00 28.72 ? 449 ASP C O   1 
ATOM   1050 C CB  . ASP C 1 24 ? 1.725   14.269  -5.055  1.00 29.54 ? 449 ASP C CB  1 
ATOM   1051 C CG  . ASP C 1 24 ? 2.034   14.097  -6.536  1.00 31.92 ? 449 ASP C CG  1 
ATOM   1052 O OD1 . ASP C 1 24 ? 3.026   14.684  -7.018  1.00 34.96 ? 449 ASP C OD1 1 
ATOM   1053 O OD2 . ASP C 1 24 ? 1.277   13.379  -7.225  1.00 31.32 ? 449 ASP C OD2 1 
ATOM   1054 N N   . GLN C 1 25 ? 2.237   14.431  -1.942  1.00 31.27 ? 450 GLN C N   1 
ATOM   1055 C CA  . GLN C 1 25 ? 1.829   14.850  -0.607  1.00 29.11 ? 450 GLN C CA  1 
ATOM   1056 C C   . GLN C 1 25 ? 2.879   15.771  0.008   1.00 34.15 ? 450 GLN C C   1 
ATOM   1057 O O   . GLN C 1 25 ? 2.547   16.798  0.600   1.00 29.34 ? 450 GLN C O   1 
ATOM   1058 C CB  . GLN C 1 25 ? 1.598   13.635  0.295   1.00 33.36 ? 450 GLN C CB  1 
ATOM   1059 C CG  . GLN C 1 25 ? 1.209   13.995  1.722   1.00 39.44 ? 450 GLN C CG  1 
ATOM   1060 C CD  . GLN C 1 25 ? 0.874   12.781  2.565   1.00 39.85 ? 450 GLN C CD  1 
ATOM   1061 O OE1 . GLN C 1 25 ? 0.582   11.706  2.041   1.00 47.28 ? 450 GLN C OE1 1 
ATOM   1062 N NE2 . GLN C 1 25 ? 0.915   12.946  3.883   1.00 48.94 ? 450 GLN C NE2 1 
ATOM   1063 N N   . LEU C 1 26 ? 4.148   15.407  -0.148  1.00 30.89 ? 451 LEU C N   1 
ATOM   1064 C CA  . LEU C 1 26 ? 5.243   16.210  0.384   1.00 34.80 ? 451 LEU C CA  1 
ATOM   1065 C C   . LEU C 1 26 ? 5.313   17.571  -0.306  1.00 34.17 ? 451 LEU C C   1 
ATOM   1066 O O   . LEU C 1 26 ? 5.632   18.574  0.330   1.00 31.68 ? 451 LEU C O   1 
ATOM   1067 C CB  . LEU C 1 26 ? 6.575   15.467  0.239   1.00 31.94 ? 451 LEU C CB  1 
ATOM   1068 C CG  . LEU C 1 26 ? 6.785   14.303  1.217   1.00 35.64 ? 451 LEU C CG  1 
ATOM   1069 C CD1 . LEU C 1 26 ? 7.937   13.397  0.768   1.00 33.92 ? 451 LEU C CD1 1 
ATOM   1070 C CD2 . LEU C 1 26 ? 7.000   14.823  2.637   1.00 36.49 ? 451 LEU C CD2 1 
ATOM   1071 N N   . SER C 1 27 ? 5.013   17.607  -1.601  1.00 31.15 ? 452 SER C N   1 
ATOM   1072 C CA  . SER C 1 27 ? 4.958   18.874  -2.322  1.00 35.51 ? 452 SER C CA  1 
ATOM   1073 C C   . SER C 1 27 ? 3.850   19.747  -1.744  1.00 28.54 ? 452 SER C C   1 
ATOM   1074 O O   . SER C 1 27 ? 4.007   20.959  -1.616  1.00 31.95 ? 452 SER C O   1 
ATOM   1075 C CB  . SER C 1 27 ? 4.734   18.646  -3.817  1.00 34.22 ? 452 SER C CB  1 
ATOM   1076 O OG  . SER C 1 27 ? 5.846   17.992  -4.398  1.00 36.29 ? 452 SER C OG  1 
ATOM   1077 N N   . GLY C 1 28 ? 2.733   19.122  -1.388  1.00 30.56 ? 453 GLY C N   1 
ATOM   1078 C CA  . GLY C 1 28 ? 1.647   19.832  -0.738  1.00 32.49 ? 453 GLY C CA  1 
ATOM   1079 C C   . GLY C 1 28 ? 2.087   20.367  0.610   1.00 31.05 ? 453 GLY C C   1 
ATOM   1080 O O   . GLY C 1 28 ? 1.777   21.503  0.972   1.00 32.04 ? 453 GLY C O   1 
ATOM   1081 N N   . GLU C 1 29 ? 2.820   19.547  1.357   1.00 29.19 ? 454 GLU C N   1 
ATOM   1082 C CA  . GLU C 1 29 ? 3.313   19.950  2.666   1.00 29.47 ? 454 GLU C CA  1 
ATOM   1083 C C   . GLU C 1 29 ? 4.273   21.127  2.534   1.00 27.62 ? 454 GLU C C   1 
ATOM   1084 O O   . GLU C 1 29 ? 4.219   22.070  3.321   1.00 30.92 ? 454 GLU C O   1 
ATOM   1085 C CB  . GLU C 1 29 ? 3.996   18.775  3.372   1.00 31.81 ? 454 GLU C CB  1 
ATOM   1086 C CG  . GLU C 1 29 ? 3.029   17.687  3.813   1.00 33.78 ? 454 GLU C CG  1 
ATOM   1087 C CD  . GLU C 1 29 ? 3.724   16.504  4.463   1.00 43.71 ? 454 GLU C CD  1 
ATOM   1088 O OE1 . GLU C 1 29 ? 4.897   16.643  4.867   1.00 42.69 ? 454 GLU C OE1 1 
ATOM   1089 O OE2 . GLU C 1 29 ? 3.092   15.434  4.569   1.00 48.43 ? 454 GLU C OE2 1 
ATOM   1090 N N   . GLN C 1 30 ? 5.142   21.073  1.529   1.00 28.77 ? 455 GLN C N   1 
ATOM   1091 C CA  . GLN C 1 30 ? 6.086   22.157  1.280   1.00 31.04 ? 455 GLN C CA  1 
ATOM   1092 C C   . GLN C 1 30 ? 5.356   23.466  1.014   1.00 34.84 ? 455 GLN C C   1 
ATOM   1093 O O   . GLN C 1 30 ? 5.749   24.516  1.517   1.00 32.80 ? 455 GLN C O   1 
ATOM   1094 C CB  . GLN C 1 30 ? 6.993   21.824  0.096   1.00 31.86 ? 455 GLN C CB  1 
ATOM   1095 C CG  . GLN C 1 30 ? 8.053   20.783  0.393   1.00 32.46 ? 455 GLN C CG  1 
ATOM   1096 C CD  . GLN C 1 30 ? 8.831   20.388  -0.844  0.99 34.50 ? 455 GLN C CD  1 
ATOM   1097 O OE1 . GLN C 1 30 ? 8.251   20.082  -1.887  0.88 35.23 ? 455 GLN C OE1 1 
ATOM   1098 N NE2 . GLN C 1 30 ? 10.153  20.402  -0.740  0.89 37.09 ? 455 GLN C NE2 1 
ATOM   1099 N N   . GLU C 1 31 ? 4.292   23.395  0.220   1.00 33.37 ? 456 GLU C N   1 
ATOM   1100 C CA  . GLU C 1 31 ? 3.535   24.584  -0.142  1.00 34.36 ? 456 GLU C CA  1 
ATOM   1101 C C   . GLU C 1 31 ? 2.857   25.200  1.080   1.00 32.25 ? 456 GLU C C   1 
ATOM   1102 O O   . GLU C 1 31 ? 2.883   26.416  1.262   1.00 32.44 ? 456 GLU C O   1 
ATOM   1103 C CB  . GLU C 1 31 ? 2.502   24.246  -1.217  1.00 37.36 ? 456 GLU C CB  1 
ATOM   1104 C CG  . GLU C 1 31 ? 1.691   25.439  -1.688  1.00 39.31 ? 456 GLU C CG  1 
ATOM   1105 C CD  . GLU C 1 31 ? 0.911   25.157  -2.962  0.18 46.52 ? 456 GLU C CD  1 
ATOM   1106 O OE1 . GLU C 1 31 ? 1.239   24.178  -3.665  0.78 41.62 ? 456 GLU C OE1 1 
ATOM   1107 O OE2 . GLU C 1 31 ? -0.032  25.917  -3.264  0.81 42.37 ? 456 GLU C OE2 1 
ATOM   1108 N N   . VAL C 1 32 ? 2.258   24.359  1.919   1.00 32.10 ? 457 VAL C N   1 
ATOM   1109 C CA  . VAL C 1 32 ? 1.621   24.833  3.143   1.00 34.22 ? 457 VAL C CA  1 
ATOM   1110 C C   . VAL C 1 32 ? 2.662   25.450  4.073   1.00 37.21 ? 457 VAL C C   1 
ATOM   1111 O O   . VAL C 1 32 ? 2.451   26.533  4.618   1.00 32.60 ? 457 VAL C O   1 
ATOM   1112 C CB  . VAL C 1 32 ? 0.877   23.693  3.877   1.00 33.42 ? 457 VAL C CB  1 
ATOM   1113 C CG1 . VAL C 1 32 ? 0.381   24.151  5.246   1.00 37.76 ? 457 VAL C CG1 1 
ATOM   1114 C CG2 . VAL C 1 32 ? -0.280  23.198  3.033   1.00 36.93 ? 457 VAL C CG2 1 
ATOM   1115 N N   . LEU C 1 33 ? 3.789   24.763  4.240   1.00 32.24 ? 458 LEU C N   1 
ATOM   1116 C CA  . LEU C 1 33 ? 4.854   25.232  5.122   1.00 32.53 ? 458 LEU C CA  1 
ATOM   1117 C C   . LEU C 1 33 ? 5.436   26.559  4.645   1.00 38.09 ? 458 LEU C C   1 
ATOM   1118 O O   . LEU C 1 33 ? 5.732   27.437  5.454   1.00 31.57 ? 458 LEU C O   1 
ATOM   1119 C CB  . LEU C 1 33 ? 5.969   24.188  5.222   1.00 33.19 ? 458 LEU C CB  1 
ATOM   1120 C CG  . LEU C 1 33 ? 5.643   22.902  5.985   1.00 37.03 ? 458 LEU C CG  1 
ATOM   1121 C CD1 . LEU C 1 33 ? 6.750   21.880  5.781   1.00 41.29 ? 458 LEU C CD1 1 
ATOM   1122 C CD2 . LEU C 1 33 ? 5.443   23.183  7.465   1.00 39.24 ? 458 LEU C CD2 1 
ATOM   1123 N N   . ARG C 1 34 ? 5.602   26.698  3.334   1.00 34.37 ? 459 ARG C N   1 
ATOM   1124 C CA  . ARG C 1 34 ? 6.159   27.922  2.773   1.00 32.48 ? 459 ARG C CA  1 
ATOM   1125 C C   . ARG C 1 34 ? 5.219   29.097  3.005   1.00 32.61 ? 459 ARG C C   1 
ATOM   1126 O O   . ARG C 1 34 ? 5.667   30.223  3.206   1.00 32.87 ? 459 ARG C O   1 
ATOM   1127 C CB  . ARG C 1 34 ? 6.436   27.762  1.278   1.00 39.41 ? 459 ARG C CB  1 
ATOM   1128 C CG  . ARG C 1 34 ? 7.717   27.008  0.965   1.00 43.29 ? 459 ARG C CG  1 
ATOM   1129 C CD  . ARG C 1 34 ? 8.028   27.036  -0.524  1.00 46.19 ? 459 ARG C CD  1 
ATOM   1130 N NE  . ARG C 1 34 ? 8.967   25.984  -0.900  0.78 52.04 ? 459 ARG C NE  1 
ATOM   1131 C CZ  . ARG C 1 34 ? 8.686   24.946  -1.684  0.61 48.19 ? 459 ARG C CZ  1 
ATOM   1132 N NH1 . ARG C 1 34 ? 9.634   24.056  -1.943  0.92 58.07 ? 459 ARG C NH1 1 
ATOM   1133 N NH2 . ARG C 1 34 ? 7.478   24.790  -2.216  0.83 51.34 ? 459 ARG C NH2 1 
ATOM   1134 N N   . GLY C 1 35 ? 3.919   28.827  2.971   1.00 36.19 ? 460 GLY C N   1 
ATOM   1135 C CA  . GLY C 1 35 ? 2.920   29.851  3.219   1.00 38.91 ? 460 GLY C CA  1 
ATOM   1136 C C   . GLY C 1 35 ? 2.963   30.306  4.665   1.00 40.39 ? 460 GLY C C   1 
ATOM   1137 O O   . GLY C 1 35 ? 2.869   31.499  4.956   1.00 34.96 ? 460 GLY C O   1 
ATOM   1138 N N   . GLU C 1 36 ? 3.107   29.349  5.576   1.00 34.84 ? 461 GLU C N   1 
ATOM   1139 C CA  . GLU C 1 36 ? 3.194   29.659  6.997   1.00 34.95 ? 461 GLU C CA  1 
ATOM   1140 C C   . GLU C 1 36 ? 4.465   30.454  7.281   1.00 36.85 ? 461 GLU C C   1 
ATOM   1141 O O   . GLU C 1 36 ? 4.481   31.346  8.130   1.00 37.19 ? 461 GLU C O   1 
ATOM   1142 C CB  . GLU C 1 36 ? 3.162   28.375  7.829   1.00 34.22 ? 461 GLU C CB  1 
ATOM   1143 C CG  . GLU C 1 36 ? 1.832   27.639  7.761   1.00 42.05 ? 461 GLU C CG  1 
ATOM   1144 C CD  . GLU C 1 36 ? 1.813   26.373  8.598   1.00 45.54 ? 461 GLU C CD  1 
ATOM   1145 O OE1 . GLU C 1 36 ? 2.880   25.974  9.102   1.00 54.76 ? 461 GLU C OE1 1 
ATOM   1146 O OE2 . GLU C 1 36 ? 0.726   25.775  8.752   1.00 55.60 ? 461 GLU C OE2 1 
ATOM   1147 N N   . LEU C 1 37 ? 5.522   30.131  6.547   1.00 36.40 ? 462 LEU C N   1 
ATOM   1148 C CA  . LEU C 1 37 ? 6.809   30.790  6.706   1.00 34.66 ? 462 LEU C CA  1 
ATOM   1149 C C   . LEU C 1 37 ? 6.719   32.249  6.258   1.00 38.52 ? 462 LEU C C   1 
ATOM   1150 O O   . LEU C 1 37 ? 7.259   33.144  6.909   1.00 37.92 ? 462 LEU C O   1 
ATOM   1151 C CB  . LEU C 1 37 ? 7.879   30.034  5.910   1.00 37.10 ? 462 LEU C CB  1 
ATOM   1152 C CG  . LEU C 1 37 ? 9.339   30.043  6.370   1.00 49.91 ? 462 LEU C CG  1 
ATOM   1153 C CD1 . LEU C 1 37 ? 9.489   29.942  7.882   1.00 42.09 ? 462 LEU C CD1 1 
ATOM   1154 C CD2 . LEU C 1 37 ? 10.066  28.888  5.701   1.00 47.51 ? 462 LEU C CD2 1 
ATOM   1155 N N   . GLU C 1 38 ? 6.025   32.483  5.147   1.00 35.39 ? 463 GLU C N   1 
ATOM   1156 C CA  . GLU C 1 38 ? 5.841   33.834  4.625   1.00 40.86 ? 463 GLU C CA  1 
ATOM   1157 C C   . GLU C 1 38 ? 4.969   34.668  5.560   1.00 35.66 ? 463 GLU C C   1 
ATOM   1158 O O   . GLU C 1 38 ? 5.231   35.851  5.774   1.00 38.29 ? 463 GLU C O   1 
ATOM   1159 C CB  . GLU C 1 38 ? 5.219   33.789  3.225   1.00 41.45 ? 463 GLU C CB  1 
ATOM   1160 C CG  . GLU C 1 38 ? 4.918   35.159  2.623   1.00 48.67 ? 463 GLU C CG  1 
ATOM   1161 C CD  . GLU C 1 38 ? 6.157   36.020  2.461   0.67 43.78 ? 463 GLU C CD  1 
ATOM   1162 O OE1 . GLU C 1 38 ? 7.275   35.465  2.411   0.83 53.65 ? 463 GLU C OE1 1 
ATOM   1163 O OE2 . GLU C 1 38 ? 6.009   37.259  2.387   0.59 51.89 ? 463 GLU C OE2 1 
ATOM   1164 N N   . ALA C 1 39 ? 3.932   34.047  6.110   1.00 33.80 ? 464 ALA C N   1 
ATOM   1165 C CA  . ALA C 1 39 ? 3.044   34.722  7.047   1.00 37.48 ? 464 ALA C CA  1 
ATOM   1166 C C   . ALA C 1 39 ? 3.807   35.165  8.294   1.00 38.27 ? 464 ALA C C   1 
ATOM   1167 O O   . ALA C 1 39 ? 3.630   36.286  8.770   1.00 35.85 ? 464 ALA C O   1 
ATOM   1168 C CB  . ALA C 1 39 ? 1.886   33.815  7.426   1.00 36.89 ? 464 ALA C CB  1 
ATOM   1169 N N   . ALA C 1 40 ? 4.654   34.283  8.819   1.00 32.27 ? 465 ALA C N   1 
ATOM   1170 C CA  . ALA C 1 40 ? 5.454   34.601  9.998   1.00 31.76 ? 465 ALA C CA  1 
ATOM   1171 C C   . ALA C 1 40 ? 6.392   35.767  9.708   1.00 32.25 ? 465 ALA C C   1 
ATOM   1172 O O   . ALA C 1 40 ? 6.580   36.650  10.543  1.00 34.74 ? 465 ALA C O   1 
ATOM   1173 C CB  . ALA C 1 40 ? 6.247   33.382  10.448  1.00 31.26 ? 465 ALA C CB  1 
ATOM   1174 N N   . LYS C 1 41 ? 6.971   35.759  8.512   1.00 31.79 ? 466 LYS C N   1 
ATOM   1175 C CA  . LYS C 1 41 ? 7.880   36.810  8.072   1.00 35.66 ? 466 LYS C CA  1 
ATOM   1176 C C   . LYS C 1 41 ? 7.175   38.167  8.019   1.00 36.00 ? 466 LYS C C   1 
ATOM   1177 O O   . LYS C 1 41 ? 7.728   39.181  8.444   1.00 37.06 ? 466 LYS C O   1 
ATOM   1178 C CB  . LYS C 1 41 ? 8.464   36.449  6.702   1.00 43.90 ? 466 LYS C CB  1 
ATOM   1179 C CG  . LYS C 1 41 ? 9.414   37.479  6.107   1.00 48.19 ? 466 LYS C CG  1 
ATOM   1180 C CD  . LYS C 1 41 ? 10.213  36.895  4.942   1.00 56.49 ? 466 LYS C CD  1 
ATOM   1181 C CE  . LYS C 1 41 ? 11.019  37.965  4.223   1.00 59.31 ? 466 LYS C CE  1 
ATOM   1182 N N   . GLN C 1 42 ? 5.946   38.178  7.512   1.00 32.78 ? 467 GLN C N   1 
ATOM   1183 C CA  . GLN C 1 42 ? 5.178   39.414  7.392   1.00 37.82 ? 467 GLN C CA  1 
ATOM   1184 C C   . GLN C 1 42 ? 4.667   39.881  8.753   1.00 32.06 ? 467 GLN C C   1 
ATOM   1185 O O   . GLN C 1 42 ? 4.620   41.078  9.027   1.00 35.52 ? 467 GLN C O   1 
ATOM   1186 C CB  . GLN C 1 42 ? 4.009   39.224  6.421   1.00 39.16 ? 467 GLN C CB  1 
ATOM   1187 C CG  . GLN C 1 42 ? 4.438   39.119  4.963   1.00 46.04 ? 467 GLN C CG  1 
ATOM   1188 C CD  . GLN C 1 42 ? 3.268   38.927  4.012   1.00 56.96 ? 467 GLN C CD  1 
ATOM   1189 O OE1 . GLN C 1 42 ? 2.121   39.221  4.352   1.00 61.47 ? 467 GLN C OE1 1 
ATOM   1190 N NE2 . GLN C 1 42 ? 3.555   38.430  2.814   1.00 56.32 ? 467 GLN C NE2 1 
ATOM   1191 N N   . ALA C 1 43 ? 4.293   38.932  9.606   1.00 30.97 ? 468 ALA C N   1 
ATOM   1192 C CA  . ALA C 1 43 ? 3.852   39.258  10.957  1.00 31.27 ? 468 ALA C CA  1 
ATOM   1193 C C   . ALA C 1 43 ? 4.988   39.895  11.752  1.00 34.18 ? 468 ALA C C   1 
ATOM   1194 O O   . ALA C 1 43 ? 4.760   40.796  12.560  1.00 32.89 ? 468 ALA C O   1 
ATOM   1195 C CB  . ALA C 1 43 ? 3.341   38.015  11.665  1.00 34.38 ? 468 ALA C CB  1 
ATOM   1196 N N   . LYS C 1 44 ? 6.212   39.432  11.514  1.00 31.73 ? 469 LYS C N   1 
ATOM   1197 C CA  . LYS C 1 44 ? 7.376   39.957  12.222  1.00 32.13 ? 469 LYS C CA  1 
ATOM   1198 C C   . LYS C 1 44 ? 7.667   41.402  11.825  1.00 33.60 ? 469 LYS C C   1 
ATOM   1199 O O   . LYS C 1 44 ? 8.038   42.214  12.668  1.00 32.80 ? 469 LYS C O   1 
ATOM   1200 C CB  . LYS C 1 44 ? 8.607   39.086  11.963  1.00 35.65 ? 469 LYS C CB  1 
ATOM   1201 C CG  . LYS C 1 44 ? 8.736   37.918  12.929  1.00 40.87 ? 469 LYS C CG  1 
ATOM   1202 C CD  . LYS C 1 44 ? 9.896   36.996  12.572  1.00 39.79 ? 469 LYS C CD  1 
ATOM   1203 C CE  . LYS C 1 44 ? 11.248  37.644  12.822  1.00 35.99 ? 469 LYS C CE  1 
ATOM   1204 N NZ  . LYS C 1 44 ? 12.357  36.656  12.672  1.00 38.69 ? 469 LYS C NZ  1 
ATOM   1205 N N   . VAL C 1 45 ? 7.503   41.717  10.544  1.00 31.91 ? 470 VAL C N   1 
ATOM   1206 C CA  . VAL C 1 45 ? 7.707   43.081  10.066  1.00 35.75 ? 470 VAL C CA  1 
ATOM   1207 C C   . VAL C 1 45 ? 6.755   44.043  10.777  1.00 34.12 ? 470 VAL C C   1 
ATOM   1208 O O   . VAL C 1 45 ? 7.159   45.119  11.217  1.00 36.00 ? 470 VAL C O   1 
ATOM   1209 C CB  . VAL C 1 45 ? 7.505   43.181  8.537   1.00 39.03 ? 470 VAL C CB  1 
ATOM   1210 C CG1 . VAL C 1 45 ? 7.507   44.630  8.079   1.00 41.71 ? 470 VAL C CG1 1 
ATOM   1211 C CG2 . VAL C 1 45 ? 8.586   42.402  7.812   1.00 38.64 ? 470 VAL C CG2 1 
ATOM   1212 N N   . LYS C 1 46 ? 5.492   43.644  10.895  1.00 32.63 ? 471 LYS C N   1 
ATOM   1213 C CA  . LYS C 1 46 ? 4.486   44.468  11.554  1.00 31.37 ? 471 LYS C CA  1 
ATOM   1214 C C   . LYS C 1 46 ? 4.806   44.676  13.036  1.00 34.62 ? 471 LYS C C   1 
ATOM   1215 O O   . LYS C 1 46 ? 4.651   45.777  13.564  1.00 31.92 ? 471 LYS C O   1 
ATOM   1216 C CB  . LYS C 1 46 ? 3.103   43.835  11.398  1.00 33.52 ? 471 LYS C CB  1 
ATOM   1217 C CG  . LYS C 1 46 ? 2.600   43.815  9.965   1.00 38.16 ? 471 LYS C CG  1 
ATOM   1218 C CD  . LYS C 1 46 ? 1.188   43.265  9.881   1.00 43.56 ? 471 LYS C CD  1 
ATOM   1219 C CE  . LYS C 1 46 ? 0.712   43.165  8.438   1.00 53.87 ? 471 LYS C CE  1 
ATOM   1220 N NZ  . LYS C 1 46 ? -0.632  42.526  8.323   1.00 60.39 ? 471 LYS C NZ  1 
ATOM   1221 N N   . LEU C 1 47 ? 5.250   43.619  13.705  1.00 29.79 ? 472 LEU C N   1 
ATOM   1222 C CA  . LEU C 1 47 ? 5.626   43.713  15.111  1.00 30.08 ? 472 LEU C CA  1 
ATOM   1223 C C   . LEU C 1 47 ? 6.829   44.635  15.307  1.00 32.65 ? 472 LEU C C   1 
ATOM   1224 O O   . LEU C 1 47 ? 6.870   45.416  16.255  1.00 30.85 ? 472 LEU C O   1 
ATOM   1225 C CB  . LEU C 1 47 ? 5.929   42.323  15.673  1.00 27.40 ? 472 LEU C CB  1 
ATOM   1226 C CG  . LEU C 1 47 ? 4.700   41.483  16.023  1.00 29.12 ? 472 LEU C CG  1 
ATOM   1227 C CD1 . LEU C 1 47 ? 5.056   40.012  16.107  1.00 31.59 ? 472 LEU C CD1 1 
ATOM   1228 C CD2 . LEU C 1 47 ? 4.102   41.956  17.335  1.00 30.32 ? 472 LEU C CD2 1 
ATOM   1229 N N   . GLU C 1 48 ? 7.800   44.545  14.402  1.00 31.27 ? 473 GLU C N   1 
ATOM   1230 C CA  . GLU C 1 48 ? 9.005   45.366  14.487  1.00 32.96 ? 473 GLU C CA  1 
ATOM   1231 C C   . GLU C 1 48 ? 8.686   46.847  14.282  1.00 35.90 ? 473 GLU C C   1 
ATOM   1232 O O   . GLU C 1 48 ? 9.330   47.713  14.874  1.00 38.40 ? 473 GLU C O   1 
ATOM   1233 C CB  . GLU C 1 48 ? 10.041  44.904  13.458  1.00 36.81 ? 473 GLU C CB  1 
ATOM   1234 C CG  . GLU C 1 48 ? 10.704  43.562  13.774  1.00 40.80 ? 473 GLU C CG  1 
ATOM   1235 C CD  . GLU C 1 48 ? 11.645  43.626  14.966  0.50 41.43 ? 473 GLU C CD  1 
ATOM   1236 O OE1 . GLU C 1 48 ? 11.860  44.729  15.510  0.69 44.19 ? 473 GLU C OE1 1 
ATOM   1237 O OE2 . GLU C 1 48 ? 12.176  42.564  15.356  0.75 43.94 ? 473 GLU C OE2 1 
ATOM   1238 N N   . ASN C 1 49 ? 7.699   47.138  13.441  1.00 35.92 ? 474 ASN C N   1 
ATOM   1239 C CA  . ASN C 1 49 ? 7.259   48.516  13.249  1.00 36.93 ? 474 ASN C CA  1 
ATOM   1240 C C   . ASN C 1 49 ? 6.632   49.056  14.527  1.00 36.74 ? 474 ASN C C   1 
ATOM   1241 O O   . ASN C 1 49 ? 6.866   50.201  14.905  1.00 35.41 ? 474 ASN C O   1 
ATOM   1242 C CB  . ASN C 1 49 ? 6.269   48.620  12.088  1.00 39.74 ? 474 ASN C CB  1 
ATOM   1243 C CG  . ASN C 1 49 ? 6.928   48.414  10.736  1.00 41.96 ? 474 ASN C CG  1 
ATOM   1244 O OD1 . ASN C 1 49 ? 8.135   48.611  10.585  1.00 46.17 ? 474 ASN C OD1 1 
ATOM   1245 N ND2 . ASN C 1 49 ? 6.137   48.024  9.744   1.00 47.31 ? 474 ASN C ND2 1 
ATOM   1246 N N   . ARG C 1 50 ? 5.840   48.222  15.194  1.00 30.10 ? 475 ARG C N   1 
ATOM   1247 C CA  . ARG C 1 50 ? 5.226   48.606  16.459  1.00 34.72 ? 475 ARG C CA  1 
ATOM   1248 C C   . ARG C 1 50 ? 6.278   48.780  17.551  1.00 36.05 ? 475 ARG C C   1 
ATOM   1249 O O   . ARG C 1 50 ? 6.160   49.666  18.398  1.00 34.27 ? 475 ARG C O   1 
ATOM   1250 C CB  . ARG C 1 50 ? 4.183   47.572  16.876  1.00 29.06 ? 475 ARG C CB  1 
ATOM   1251 C CG  . ARG C 1 50 ? 2.930   47.617  16.015  1.00 28.74 ? 475 ARG C CG  1 
ATOM   1252 C CD  . ARG C 1 50 ? 2.141   46.330  16.091  1.00 29.11 ? 475 ARG C CD  1 
ATOM   1253 N NE  . ARG C 1 50 ? 1.634   46.064  17.432  1.00 30.57 ? 475 ARG C NE  1 
ATOM   1254 C CZ  . ARG C 1 50 ? 1.080   44.915  17.804  1.00 32.03 ? 475 ARG C CZ  1 
ATOM   1255 N NH1 . ARG C 1 50 ? 0.963   43.920  16.934  1.00 31.97 ? 475 ARG C NH1 1 
ATOM   1256 N NH2 . ARG C 1 50 ? 0.646   44.758  19.047  1.00 32.79 ? 475 ARG C NH2 1 
ATOM   1257 N N   . ILE C 1 51 ? 7.308   47.940  17.524  1.00 32.32 ? 476 ILE C N   1 
ATOM   1258 C CA  . ILE C 1 51 ? 8.393   48.025  18.495  1.00 32.85 ? 476 ILE C CA  1 
ATOM   1259 C C   . ILE C 1 51 ? 9.197   49.303  18.280  1.00 36.58 ? 476 ILE C C   1 
ATOM   1260 O O   . ILE C 1 51 ? 9.538   49.996  19.239  1.00 34.03 ? 476 ILE C O   1 
ATOM   1261 C CB  . ILE C 1 51 ? 9.317   46.797  18.412  1.00 31.94 ? 476 ILE C CB  1 
ATOM   1262 C CG1 . ILE C 1 51 ? 8.589   45.567  18.952  1.00 31.05 ? 476 ILE C CG1 1 
ATOM   1263 C CG2 . ILE C 1 51 ? 10.593  47.016  19.208  1.00 35.44 ? 476 ILE C CG2 1 
ATOM   1264 C CD1 . ILE C 1 51 ? 9.239   44.254  18.581  1.00 33.87 ? 476 ILE C CD1 1 
ATOM   1265 N N   . LYS C 1 52 ? 9.484   49.618  17.019  1.00 36.42 ? 477 LYS C N   1 
ATOM   1266 C CA  . LYS C 1 52 ? 10.204  50.842  16.675  1.00 40.86 ? 477 LYS C CA  1 
ATOM   1267 C C   . LYS C 1 52 ? 9.459   52.075  17.177  1.00 43.28 ? 477 LYS C C   1 
ATOM   1268 O O   . LYS C 1 52 ? 10.068  53.001  17.710  1.00 40.23 ? 477 LYS C O   1 
ATOM   1269 C CB  . LYS C 1 52 ? 10.415  50.945  15.162  1.00 40.06 ? 477 LYS C CB  1 
ATOM   1270 C CG  . LYS C 1 52 ? 11.432  49.961  14.606  1.00 48.91 ? 477 LYS C CG  1 
ATOM   1271 N N   . GLU C 1 53 ? 8.140   52.080  17.005  1.00 36.90 ? 478 GLU C N   1 
ATOM   1272 C CA  . GLU C 1 53 ? 7.313   53.194  17.452  1.00 35.32 ? 478 GLU C CA  1 
ATOM   1273 C C   . GLU C 1 53 ? 7.359   53.339  18.969  1.00 38.96 ? 478 GLU C C   1 
ATOM   1274 O O   . GLU C 1 53 ? 7.468   54.446  19.490  1.00 39.52 ? 478 GLU C O   1 
ATOM   1275 C CB  . GLU C 1 53 ? 5.868   53.006  16.985  1.00 36.05 ? 478 GLU C CB  1 
ATOM   1276 C CG  . GLU C 1 53 ? 4.902   54.053  17.520  1.00 45.10 ? 478 GLU C CG  1 
ATOM   1277 C CD  . GLU C 1 53 ? 5.347   55.473  17.221  1.00 50.03 ? 478 GLU C CD  1 
ATOM   1278 O OE1 . GLU C 1 53 ? 6.045   55.685  16.207  0.80 43.36 ? 478 GLU C OE1 1 
ATOM   1279 O OE2 . GLU C 1 53 ? 4.999   56.380  18.006  0.72 48.58 ? 478 GLU C OE2 1 
ATOM   1280 N N   . LEU C 1 54 ? 7.276   52.216  19.674  1.00 37.04 ? 479 LEU C N   1 
ATOM   1281 C CA  . LEU C 1 54 ? 7.343   52.224  21.131  1.00 37.84 ? 479 LEU C CA  1 
ATOM   1282 C C   . LEU C 1 54 ? 8.681   52.772  21.609  1.00 44.12 ? 479 LEU C C   1 
ATOM   1283 O O   . LEU C 1 54 ? 8.751   53.480  22.614  1.00 38.48 ? 479 LEU C O   1 
ATOM   1284 C CB  . LEU C 1 54 ? 7.121   50.817  21.684  1.00 36.01 ? 479 LEU C CB  1 
ATOM   1285 C CG  . LEU C 1 54 ? 5.657   50.382  21.743  1.00 34.56 ? 479 LEU C CG  1 
ATOM   1286 C CD1 . LEU C 1 54 ? 5.545   48.876  21.803  1.00 34.54 ? 479 LEU C CD1 1 
ATOM   1287 C CD2 . LEU C 1 54 ? 4.971   51.011  22.944  1.00 34.31 ? 479 LEU C CD2 1 
ATOM   1288 N N   . GLU C 1 55 ? 9.744   52.445  20.882  1.00 39.46 ? 480 GLU C N   1 
ATOM   1289 C CA  . GLU C 1 55 ? 11.070  52.934  21.223  1.00 40.90 ? 480 GLU C CA  1 
ATOM   1290 C C   . GLU C 1 55 ? 11.133  54.447  21.061  1.00 47.00 ? 480 GLU C C   1 
ATOM   1291 O O   . GLU C 1 55 ? 11.786  55.134  21.846  1.00 45.51 ? 480 GLU C O   1 
ATOM   1292 C CB  . GLU C 1 55 ? 12.132  52.254  20.358  1.00 45.72 ? 480 GLU C CB  1 
ATOM   1293 C CG  . GLU C 1 55 ? 12.380  50.806  20.750  1.00 44.09 ? 480 GLU C CG  1 
ATOM   1294 C CD  . GLU C 1 55 ? 13.287  50.068  19.782  1.00 46.13 ? 480 GLU C CD  1 
ATOM   1295 O OE1 . GLU C 1 55 ? 13.514  50.571  18.661  1.00 53.66 ? 480 GLU C OE1 1 
ATOM   1296 O OE2 . GLU C 1 55 ? 13.772  48.976  20.148  1.00 48.44 ? 480 GLU C OE2 1 
ATOM   1297 N N   . GLU C 1 56 ? 10.440  54.965  20.052  1.00 45.30 ? 481 GLU C N   1 
ATOM   1298 C CA  . GLU C 1 56 ? 10.376  56.406  19.843  1.00 45.29 ? 481 GLU C CA  1 
ATOM   1299 C C   . GLU C 1 56 ? 9.602   57.074  20.971  1.00 47.69 ? 481 GLU C C   1 
ATOM   1300 O O   . GLU C 1 56 ? 10.036  58.089  21.513  1.00 50.86 ? 481 GLU C O   1 
ATOM   1301 C CB  . GLU C 1 56 ? 9.732   56.737  18.494  1.00 47.95 ? 481 GLU C CB  1 
ATOM   1302 C CG  . GLU C 1 56 ? 10.678  56.597  17.311  1.00 57.63 ? 481 GLU C CG  1 
ATOM   1303 C CD  . GLU C 1 56 ? 11.873  57.527  17.411  0.21 59.43 ? 481 GLU C CD  1 
ATOM   1304 O OE1 . GLU C 1 56 ? 11.669  58.739  17.636  1.00 64.21 ? 481 GLU C OE1 1 
ATOM   1305 O OE2 . GLU C 1 56 ? 13.018  57.042  17.280  0.89 70.08 ? 481 GLU C OE2 1 
ATOM   1306 N N   . GLU C 1 57 ? 8.457   56.500  21.320  1.00 44.53 ? 482 GLU C N   1 
ATOM   1307 C CA  . GLU C 1 57 ? 7.626   57.039  22.392  1.00 45.94 ? 482 GLU C CA  1 
ATOM   1308 C C   . GLU C 1 57 ? 8.375   57.036  23.721  1.00 44.34 ? 482 GLU C C   1 
ATOM   1309 O O   . GLU C 1 57 ? 8.208   57.938  24.540  1.00 48.00 ? 482 GLU C O   1 
ATOM   1310 C CB  . GLU C 1 57 ? 6.329   56.238  22.512  1.00 39.78 ? 482 GLU C CB  1 
ATOM   1311 C CG  . GLU C 1 57 ? 5.402   56.398  21.316  1.00 41.47 ? 482 GLU C CG  1 
ATOM   1312 C CD  . GLU C 1 57 ? 4.277   55.376  21.293  1.00 50.18 ? 482 GLU C CD  1 
ATOM   1313 O OE1 . GLU C 1 57 ? 4.473   54.251  21.799  1.00 46.92 ? 482 GLU C OE1 1 
ATOM   1314 O OE2 . GLU C 1 57 ? 3.193   55.699  20.759  1.00 50.37 ? 482 GLU C OE2 1 
ATOM   1315 N N   . LEU C 1 58 ? 9.208   56.022  23.926  1.00 40.87 ? 483 LEU C N   1 
ATOM   1316 C CA  . LEU C 1 58 ? 9.988   55.912  25.154  1.00 45.70 ? 483 LEU C CA  1 
ATOM   1317 C C   . LEU C 1 58 ? 11.059  56.999  25.245  1.00 54.64 ? 483 LEU C C   1 
ATOM   1318 O O   . LEU C 1 58 ? 11.484  57.366  26.338  1.00 49.53 ? 483 LEU C O   1 
ATOM   1319 C CB  . LEU C 1 58 ? 10.631  54.530  25.249  1.00 46.65 ? 483 LEU C CB  1 
ATOM   1320 C CG  . LEU C 1 58 ? 9.732   53.434  25.828  1.00 44.06 ? 483 LEU C CG  1 
ATOM   1321 C CD1 . LEU C 1 58 ? 10.324  52.072  25.550  1.00 40.66 ? 483 LEU C CD1 1 
ATOM   1322 C CD2 . LEU C 1 58 ? 9.541   53.632  27.323  1.00 40.71 ? 483 LEU C CD2 1 
ATOM   1323 N N   . LYS C 1 59 ? 11.492  57.508  24.094  1.00 54.81 ? 484 LYS C N   1 
ATOM   1324 C CA  . LYS C 1 59 ? 12.452  58.607  24.056  1.00 58.81 ? 484 LYS C CA  1 
ATOM   1325 C C   . LYS C 1 59 ? 11.793  59.934  24.419  1.00 58.59 ? 484 LYS C C   1 
ATOM   1326 O O   . LYS C 1 59 ? 12.429  60.807  25.009  1.00 63.18 ? 484 LYS C O   1 
ATOM   1327 C CB  . LYS C 1 59 ? 13.091  58.723  22.671  1.00 57.03 ? 484 LYS C CB  1 
ATOM   1328 C CG  . LYS C 1 59 ? 14.039  57.597  22.307  1.00 52.99 ? 484 LYS C CG  1 
ATOM   1329 C CD  . LYS C 1 59 ? 14.495  57.729  20.861  1.00 58.56 ? 484 LYS C CD  1 
ATOM   1330 C CE  . LYS C 1 59 ? 15.443  56.610  20.462  1.00 68.06 ? 484 LYS C CE  1 
ATOM   1331 N NZ  . LYS C 1 59 ? 15.899  56.739  19.050  1.00 69.91 ? 484 LYS C NZ  1 
ATOM   1332 N N   . ARG C 1 60 ? 10.519  60.079  24.060  1.00 59.34 ? 485 ARG C N   1 
ATOM   1333 C CA  . ARG C 1 60 ? 9.800   61.339  24.240  1.00 60.82 ? 485 ARG C CA  1 
ATOM   1334 C C   . ARG C 1 60 ? 9.069   61.417  25.581  1.00 64.27 ? 485 ARG C C   1 
ATOM   1335 O O   . ARG C 1 60 ? 8.185   62.259  25.750  1.00 66.78 ? 485 ARG C O   1 
ATOM   1336 C CB  . ARG C 1 60 ? 8.798   61.539  23.097  1.00 57.31 ? 485 ARG C CB  1 
ATOM   1337 C CG  . ARG C 1 60 ? 9.440   61.627  21.722  1.00 65.10 ? 485 ARG C CG  1 
ATOM   1338 C CD  . ARG C 1 60 ? 8.444   62.057  20.649  0.25 65.04 ? 485 ARG C CD  1 
ATOM   1339 N NE  . ARG C 1 60 ? 7.454   61.023  20.352  0.74 69.29 ? 485 ARG C NE  1 
ATOM   1340 C CZ  . ARG C 1 60 ? 6.258   60.924  20.924  0.06 68.11 ? 485 ARG C CZ  1 
ATOM   1341 N NH1 . ARG C 1 60 ? 5.870   61.796  21.846  1.00 81.66 ? 485 ARG C NH1 1 
ATOM   1342 N NH2 . ARG C 1 60 ? 5.441   59.941  20.570  1.00 72.55 ? 485 ARG C NH2 1 
ATOM   1343 N N   . VAL C 1 61 ? 9.456   60.533  26.506  1.00 61.74 ? 486 VAL C N   1 
ATOM   1344 C CA  . VAL C 1 61 ? 8.918   60.426  27.874  1.00 66.71 ? 486 VAL C CA  1 
ATOM   1345 C C   . VAL C 1 61 ? 8.174   59.106  28.036  1.00 68.79 ? 486 VAL C C   1 
ATOM   1346 O O   . VAL C 1 61 ? 8.483   58.314  28.926  1.00 73.68 ? 486 VAL C O   1 
ATOM   1347 C CB  . VAL C 1 61 ? 7.964   61.575  28.262  1.00 69.31 ? 486 VAL C CB  1 
HETATM 1348 S S   . SO4 D 2 .  ? -21.968 -17.018 -13.841 1.00 71.96 ? 501 SO4 A S   1 
HETATM 1349 O O1  . SO4 D 2 .  ? -22.515 -18.358 -14.034 1.00 69.15 ? 501 SO4 A O1  1 
HETATM 1350 O O2  . SO4 D 2 .  ? -23.063 -16.056 -13.741 1.00 76.47 ? 501 SO4 A O2  1 
HETATM 1351 O O3  . SO4 D 2 .  ? -21.169 -16.989 -12.616 1.00 64.74 ? 501 SO4 A O3  1 
HETATM 1352 O O4  . SO4 D 2 .  ? -21.120 -16.667 -14.978 1.00 89.72 ? 501 SO4 A O4  1 
HETATM 1353 C C1  . EDO E 3 .  ? 16.359  2.187   -4.295  1.00 42.19 ? 502 EDO A C1  1 
HETATM 1354 O O1  . EDO E 3 .  ? 17.291  1.726   -5.280  1.00 49.95 ? 502 EDO A O1  1 
HETATM 1355 C C2  . EDO E 3 .  ? 16.997  3.318   -3.498  1.00 46.21 ? 502 EDO A C2  1 
HETATM 1356 O O2  . EDO E 3 .  ? 17.481  4.313   -4.408  1.00 52.49 ? 502 EDO A O2  1 
HETATM 1357 C C1  . EDO F 3 .  ? -2.162  -8.399  6.086   1.00 58.28 ? 503 EDO A C1  1 
HETATM 1358 O O1  . EDO F 3 .  ? -1.260  -9.078  5.205   1.00 58.93 ? 503 EDO A O1  1 
HETATM 1359 C C2  . EDO F 3 .  ? -3.571  -8.471  5.513   1.00 64.47 ? 503 EDO A C2  1 
HETATM 1360 O O2  . EDO F 3 .  ? -4.142  -9.748  5.823   1.00 72.75 ? 503 EDO A O2  1 
HETATM 1361 C C1  . EDO G 3 .  ? 2.518   -5.612  5.899   1.00 59.47 ? 504 EDO A C1  1 
HETATM 1362 O O1  . EDO G 3 .  ? 3.880   -5.566  5.457   1.00 61.68 ? 504 EDO A O1  1 
HETATM 1363 C C2  . EDO G 3 .  ? 1.854   -4.264  5.645   1.00 65.17 ? 504 EDO A C2  1 
HETATM 1364 O O2  . EDO G 3 .  ? 1.905   -3.957  4.247   1.00 63.22 ? 504 EDO A O2  1 
HETATM 1365 C C   . GAI H 4 .  ? -23.859 -21.701 -14.481 1.00 59.32 ? 501 GAI B C   1 
HETATM 1366 N N1  . GAI H 4 .  ? -24.075 -22.772 -15.219 1.00 63.38 ? 501 GAI B N1  1 
HETATM 1367 N N2  . GAI H 4 .  ? -22.903 -21.808 -13.461 1.00 60.27 ? 501 GAI B N2  1 
HETATM 1368 N N3  . GAI H 4 .  ? -24.483 -20.455 -14.603 1.00 52.75 ? 501 GAI B N3  1 
HETATM 1369 C C   . GAI I 4 .  ? 31.283  -3.089  11.729  1.00 60.70 ? 502 GAI B C   1 
HETATM 1370 N N1  . GAI I 4 .  ? 30.752  -2.280  10.832  1.00 54.77 ? 502 GAI B N1  1 
HETATM 1371 N N2  . GAI I 4 .  ? 32.686  -3.094  11.853  1.00 52.80 ? 502 GAI B N2  1 
HETATM 1372 N N3  . GAI I 4 .  ? 30.601  -3.954  12.588  1.00 57.46 ? 502 GAI B N3  1 
HETATM 1373 C C1  . EDO J 3 .  ? -13.271 -17.172 3.619   1.00 60.98 ? 503 EDO B C1  1 
HETATM 1374 O O1  . EDO J 3 .  ? -12.013 -17.635 3.117   1.00 66.26 ? 503 EDO B O1  1 
HETATM 1375 C C2  . EDO J 3 .  ? -13.584 -15.799 3.038   1.00 61.86 ? 503 EDO B C2  1 
HETATM 1376 O O2  . EDO J 3 .  ? -13.710 -15.887 1.613   1.00 49.82 ? 503 EDO B O2  1 
HETATM 1377 S S   . SO4 K 2 .  ? -1.033  41.282  18.912  1.00 52.60 ? 501 SO4 C S   1 
HETATM 1378 O O1  . SO4 K 2 .  ? -2.422  41.712  18.769  1.00 64.00 ? 501 SO4 C O1  1 
HETATM 1379 O O2  . SO4 K 2 .  ? -0.374  42.101  19.926  1.00 55.10 ? 501 SO4 C O2  1 
HETATM 1380 O O3  . SO4 K 2 .  ? -0.992  39.880  19.324  1.00 62.43 ? 501 SO4 C O3  1 
HETATM 1381 O O4  . SO4 K 2 .  ? -0.338  41.428  17.634  1.00 48.12 ? 501 SO4 C O4  1 
HETATM 1382 O O   . HOH L 5 .  ? 12.631  1.463   -5.631  1.00 35.55 ? 601 HOH A O   1 
HETATM 1383 O O   . HOH L 5 .  ? 7.930   0.025   0.106   1.00 37.34 ? 602 HOH A O   1 
HETATM 1384 O O   . HOH L 5 .  ? 11.914  -1.146  -6.714  1.00 40.30 ? 603 HOH A O   1 
HETATM 1385 O O   . HOH L 5 .  ? 21.905  -0.915  -5.783  1.00 36.11 ? 604 HOH A O   1 
HETATM 1386 O O   . HOH L 5 .  ? -25.574 -12.870 -5.588  1.00 40.79 ? 605 HOH A O   1 
HETATM 1387 O O   . HOH L 5 .  ? -19.425 -14.167 -8.040  1.00 33.97 ? 606 HOH A O   1 
HETATM 1388 O O   . HOH L 5 .  ? -15.140 -9.638  -7.169  1.00 38.81 ? 607 HOH A O   1 
HETATM 1389 O O   . HOH L 5 .  ? 21.461  -6.212  -2.097  1.00 48.91 ? 608 HOH A O   1 
HETATM 1390 O O   . HOH L 5 .  ? -34.229 -12.759 -2.393  1.00 45.43 ? 609 HOH A O   1 
HETATM 1391 O O   . HOH L 5 .  ? -24.403 -20.510 0.181   1.00 47.85 ? 610 HOH A O   1 
HETATM 1392 O O   . HOH L 5 .  ? -22.153 -14.425 -8.605  1.00 39.11 ? 611 HOH A O   1 
HETATM 1393 O O   . HOH L 5 .  ? -1.885  -11.036 -11.005 1.00 47.55 ? 612 HOH A O   1 
HETATM 1394 O O   . HOH L 5 .  ? -18.577 -11.579 -8.980  1.00 43.45 ? 613 HOH A O   1 
HETATM 1395 O O   . HOH L 5 .  ? -9.235  -12.229 -7.575  1.00 40.16 ? 614 HOH A O   1 
HETATM 1396 O O   . HOH L 5 .  ? -4.998  -6.349  -7.314  1.00 41.96 ? 615 HOH A O   1 
HETATM 1397 O O   . HOH L 5 .  ? -12.066 -13.028 -8.213  1.00 51.92 ? 616 HOH A O   1 
HETATM 1398 O O   . HOH L 5 .  ? -1.148  -2.941  0.364   1.00 61.05 ? 617 HOH A O   1 
HETATM 1399 O O   . HOH L 5 .  ? -25.812 -16.131 -15.194 1.00 49.29 ? 618 HOH A O   1 
HETATM 1400 O O   . HOH L 5 .  ? 13.412  -5.386  -7.042  1.00 46.36 ? 619 HOH A O   1 
HETATM 1401 O O   . HOH L 5 .  ? -7.666  -7.062  -8.274  1.00 50.84 ? 620 HOH A O   1 
HETATM 1402 O O   . HOH L 5 .  ? -4.865  -3.465  -2.390  1.00 46.14 ? 621 HOH A O   1 
HETATM 1403 O O   . HOH L 5 .  ? -10.148 -5.795  -5.162  1.00 42.12 ? 622 HOH A O   1 
HETATM 1404 O O   . HOH L 5 .  ? 32.919  0.800   -3.764  1.00 59.68 ? 623 HOH A O   1 
HETATM 1405 O O   . HOH L 5 .  ? 24.095  3.045   -4.690  1.00 50.05 ? 624 HOH A O   1 
HETATM 1406 O O   . HOH L 5 .  ? -25.641 -22.123 1.549   1.00 56.48 ? 625 HOH A O   1 
HETATM 1407 O O   . HOH L 5 .  ? 0.057   -0.246  -0.508  1.00 60.17 ? 626 HOH A O   1 
HETATM 1408 O O   . HOH L 5 .  ? 1.785   -2.622  0.212   1.00 46.49 ? 627 HOH A O   1 
HETATM 1409 O O   . HOH L 5 .  ? -3.289  -2.656  0.084   1.00 51.52 ? 628 HOH A O   1 
HETATM 1410 O O   . HOH L 5 .  ? -19.906 -9.229  -2.777  1.00 50.60 ? 629 HOH A O   1 
HETATM 1411 O O   . HOH L 5 .  ? 23.000  1.591   -6.214  1.00 47.88 ? 630 HOH A O   1 
HETATM 1412 O O   . HOH L 5 .  ? 19.407  -0.707  -6.479  1.00 43.46 ? 631 HOH A O   1 
HETATM 1413 O O   . HOH L 5 .  ? 26.771  3.365   -3.792  1.00 48.03 ? 632 HOH A O   1 
HETATM 1414 O O   . HOH L 5 .  ? -17.755 -9.833  -7.400  1.00 43.22 ? 633 HOH A O   1 
HETATM 1415 O O   . HOH L 5 .  ? -24.884 -11.008 -3.071  1.00 51.05 ? 634 HOH A O   1 
HETATM 1416 O O   . HOH L 5 .  ? -18.842 -8.596  -0.456  1.00 50.88 ? 635 HOH A O   1 
HETATM 1417 O O   . HOH L 5 .  ? 11.538  0.640   0.148   1.00 44.86 ? 636 HOH A O   1 
HETATM 1418 O O   . HOH L 5 .  ? 18.872  -2.842  -7.620  1.00 48.57 ? 637 HOH A O   1 
HETATM 1419 O O   . HOH L 5 .  ? -22.464 -23.200 0.026   1.00 54.86 ? 638 HOH A O   1 
HETATM 1420 O O   . HOH L 5 .  ? -7.349  -8.112  0.959   1.00 53.50 ? 639 HOH A O   1 
HETATM 1421 O O   . HOH L 5 .  ? -35.315 -18.596 -3.705  1.00 58.71 ? 640 HOH A O   1 
HETATM 1422 O O   . HOH L 5 .  ? -7.290  -4.305  -1.350  1.00 55.45 ? 641 HOH A O   1 
HETATM 1423 O O   . HOH L 5 .  ? -30.437 -27.983 -1.133  1.00 54.12 ? 642 HOH A O   1 
HETATM 1424 O O   . HOH L 5 .  ? -18.054 -15.737 -9.993  1.00 51.87 ? 643 HOH A O   1 
HETATM 1425 O O   . HOH L 5 .  ? -26.715 -16.525 -17.284 1.00 49.71 ? 644 HOH A O   1 
HETATM 1426 O O   . HOH L 5 .  ? -32.496 -27.233 -0.079  1.00 55.16 ? 645 HOH A O   1 
HETATM 1427 O O   . HOH L 5 .  ? -23.115 -14.727 1.257   1.00 52.72 ? 646 HOH A O   1 
HETATM 1428 O O   . HOH L 5 .  ? -4.098  -3.372  -7.318  1.00 53.64 ? 647 HOH A O   1 
HETATM 1429 O O   . HOH L 5 .  ? 22.781  6.194   -1.630  1.00 53.30 ? 648 HOH A O   1 
HETATM 1430 O O   . HOH L 5 .  ? -24.185 -24.936 0.671   1.00 64.34 ? 649 HOH A O   1 
HETATM 1431 O O   . HOH L 5 .  ? 12.606  2.713   2.102   1.00 51.23 ? 650 HOH A O   1 
HETATM 1432 O O   . HOH L 5 .  ? 15.877  -5.764  -7.304  1.00 64.30 ? 651 HOH A O   1 
HETATM 1433 O O   . HOH L 5 .  ? -9.754  -3.899  -3.124  1.00 58.15 ? 652 HOH A O   1 
HETATM 1434 O O   . HOH L 5 .  ? -5.819  -9.451  2.818   1.00 57.51 ? 653 HOH A O   1 
HETATM 1435 O O   . HOH L 5 .  ? 10.865  -10.390 -9.688  1.00 62.28 ? 654 HOH A O   1 
HETATM 1436 O O   . HOH L 5 .  ? -20.365 -23.373 -1.136  1.00 57.68 ? 655 HOH A O   1 
HETATM 1437 O O   . HOH L 5 .  ? 30.034  1.765   -5.882  1.00 63.84 ? 656 HOH A O   1 
HETATM 1438 O O   . HOH L 5 .  ? -4.693  -7.967  -10.529 1.00 57.17 ? 657 HOH A O   1 
HETATM 1439 O O   . HOH L 5 .  ? -9.603  -9.367  1.466   1.00 56.49 ? 658 HOH A O   1 
HETATM 1440 O O   . HOH L 5 .  ? 30.954  -0.558  -5.075  1.00 59.87 ? 659 HOH A O   1 
HETATM 1441 O O   . HOH L 5 .  ? -16.432 -12.072 -10.584 1.00 58.17 ? 660 HOH A O   1 
HETATM 1442 O O   . HOH L 5 .  ? -22.701 -9.003  -2.138  1.00 55.34 ? 661 HOH A O   1 
HETATM 1443 O O   . HOH L 5 .  ? -24.499 -12.323 -8.668  1.00 46.44 ? 662 HOH A O   1 
HETATM 1444 O O   . HOH L 5 .  ? 20.617  -9.063  -5.332  1.00 58.71 ? 663 HOH A O   1 
HETATM 1445 O O   . HOH L 5 .  ? 11.593  -8.581  -4.070  1.00 55.33 ? 664 HOH A O   1 
HETATM 1446 O O   . HOH L 5 .  ? 4.380   -12.438 -4.535  1.00 53.41 ? 665 HOH A O   1 
HETATM 1447 O O   . HOH L 5 .  ? -18.775 -24.995 -0.566  1.00 54.65 ? 666 HOH A O   1 
HETATM 1448 O O   . HOH L 5 .  ? 26.097  5.838   -2.868  1.00 60.11 ? 667 HOH A O   1 
HETATM 1449 O O   . HOH L 5 .  ? 27.928  6.162   -1.446  1.00 56.35 ? 668 HOH A O   1 
HETATM 1450 O O   . HOH L 5 .  ? -8.750  -10.107 -9.464  1.00 55.35 ? 669 HOH A O   1 
HETATM 1451 O O   . HOH L 5 .  ? 3.068   -2.437  2.233   1.00 58.02 ? 670 HOH A O   1 
HETATM 1452 O O   . HOH M 5 .  ? 22.149  -8.855  2.155   1.00 46.34 ? 601 HOH B O   1 
HETATM 1453 O O   . HOH M 5 .  ? -14.804 -23.488 -0.697  1.00 39.31 ? 602 HOH B O   1 
HETATM 1454 O O   . HOH M 5 .  ? -16.259 -14.716 0.859   1.00 46.43 ? 603 HOH B O   1 
HETATM 1455 O O   . HOH M 5 .  ? 8.982   -15.235 2.549   1.00 43.94 ? 604 HOH B O   1 
HETATM 1456 O O   . HOH M 5 .  ? -14.741 -19.514 -9.868  1.00 42.03 ? 605 HOH B O   1 
HETATM 1457 O O   . HOH M 5 .  ? 5.070   -13.906 -2.251  1.00 37.48 ? 606 HOH B O   1 
HETATM 1458 O O   . HOH M 5 .  ? 17.106  -10.025 8.198   1.00 44.89 ? 607 HOH B O   1 
HETATM 1459 O O   . HOH M 5 .  ? 0.907   -19.667 -2.241  1.00 40.59 ? 608 HOH B O   1 
HETATM 1460 O O   . HOH M 5 .  ? 10.395  -12.689 8.339   1.00 46.09 ? 609 HOH B O   1 
HETATM 1461 O O   . HOH M 5 .  ? 28.031  -5.784  10.908  1.00 41.99 ? 610 HOH B O   1 
HETATM 1462 O O   . HOH M 5 .  ? 7.617   -4.877  6.711   1.00 59.24 ? 611 HOH B O   1 
HETATM 1463 O O   . HOH M 5 .  ? -2.893  -20.239 2.566   1.00 48.81 ? 612 HOH B O   1 
HETATM 1464 O O   . HOH M 5 .  ? 14.551  -0.730  7.697   1.00 47.02 ? 613 HOH B O   1 
HETATM 1465 O O   . HOH M 5 .  ? 13.762  -11.370 2.181   1.00 46.83 ? 614 HOH B O   1 
HETATM 1466 O O   . HOH M 5 .  ? 15.155  -10.545 10.168  1.00 56.20 ? 615 HOH B O   1 
HETATM 1467 O O   . HOH M 5 .  ? 7.582   -12.932 -1.635  1.00 48.98 ? 616 HOH B O   1 
HETATM 1468 O O   . HOH M 5 .  ? 15.745  1.613   8.287   1.00 52.51 ? 617 HOH B O   1 
HETATM 1469 O O   . HOH M 5 .  ? -5.447  -20.088 3.624   1.00 53.68 ? 618 HOH B O   1 
HETATM 1470 O O   . HOH M 5 .  ? 20.116  0.840   12.091  1.00 51.42 ? 619 HOH B O   1 
HETATM 1471 O O   . HOH M 5 .  ? 24.102  5.024   8.246   1.00 44.14 ? 620 HOH B O   1 
HETATM 1472 O O   . HOH M 5 .  ? 3.483   -18.541 2.587   1.00 49.46 ? 621 HOH B O   1 
HETATM 1473 O O   . HOH M 5 .  ? 11.352  -14.765 3.712   1.00 54.57 ? 622 HOH B O   1 
HETATM 1474 O O   . HOH M 5 .  ? 26.965  7.078   5.632   1.00 52.84 ? 623 HOH B O   1 
HETATM 1475 O O   . HOH M 5 .  ? -16.355 -17.544 -10.520 1.00 48.54 ? 624 HOH B O   1 
HETATM 1476 O O   . HOH M 5 .  ? -12.461 -18.375 -10.585 1.00 52.89 ? 625 HOH B O   1 
HETATM 1477 O O   . HOH M 5 .  ? -18.337 -16.352 0.985   1.00 53.21 ? 626 HOH B O   1 
HETATM 1478 O O   . HOH M 5 .  ? 6.219   -7.008  6.610   1.00 55.21 ? 627 HOH B O   1 
HETATM 1479 O O   . HOH M 5 .  ? 5.470   -16.668 -2.789  1.00 49.40 ? 628 HOH B O   1 
HETATM 1480 O O   . HOH M 5 .  ? -2.036  -14.122 4.303   1.00 49.99 ? 629 HOH B O   1 
HETATM 1481 O O   . HOH M 5 .  ? 3.852   -18.719 -1.848  1.00 51.85 ? 630 HOH B O   1 
HETATM 1482 O O   . HOH M 5 .  ? -1.394  -18.559 4.138   1.00 58.21 ? 631 HOH B O   1 
HETATM 1483 O O   . HOH M 5 .  ? -0.409  -17.026 -8.253  1.00 54.76 ? 632 HOH B O   1 
HETATM 1484 O O   . HOH M 5 .  ? -29.318 -33.107 -10.538 1.00 56.53 ? 633 HOH B O   1 
HETATM 1485 O O   . HOH M 5 .  ? 4.793   -2.775  5.366   1.00 63.17 ? 634 HOH B O   1 
HETATM 1486 O O   . HOH M 5 .  ? 9.696   -4.729  9.634   1.00 59.78 ? 635 HOH B O   1 
HETATM 1487 O O   . HOH M 5 .  ? -16.418 -22.490 1.072   1.00 58.13 ? 636 HOH B O   1 
HETATM 1488 O O   . HOH M 5 .  ? 25.561  -6.518  11.670  1.00 57.63 ? 637 HOH B O   1 
HETATM 1489 O O   . HOH M 5 .  ? -20.687 -15.799 2.161   1.00 52.14 ? 638 HOH B O   1 
HETATM 1490 O O   . HOH M 5 .  ? 5.192   -7.059  9.117   1.00 67.55 ? 639 HOH B O   1 
HETATM 1491 O O   . HOH M 5 .  ? 13.096  -14.114 1.969   1.00 60.93 ? 640 HOH B O   1 
HETATM 1492 O O   . HOH M 5 .  ? -17.057 -13.386 3.319   1.00 54.30 ? 641 HOH B O   1 
HETATM 1493 O O   . HOH M 5 .  ? -4.066  -20.068 -8.578  1.00 65.89 ? 642 HOH B O   1 
HETATM 1494 O O   . HOH M 5 .  ? -4.464  -17.653 -7.466  1.00 55.90 ? 643 HOH B O   1 
HETATM 1495 O O   . HOH M 5 .  ? 5.547   -17.764 4.596   1.00 61.71 ? 644 HOH B O   1 
HETATM 1496 O O   . HOH M 5 .  ? -7.874  -14.927 -8.190  1.00 51.21 ? 645 HOH B O   1 
HETATM 1497 O O   . HOH M 5 .  ? 7.898   -17.553 3.565   1.00 56.09 ? 646 HOH B O   1 
HETATM 1498 O O   . HOH M 5 .  ? -24.513 -31.881 -10.635 1.00 45.14 ? 647 HOH B O   1 
HETATM 1499 O O   . HOH M 5 .  ? -23.626 -29.559 -11.757 1.00 42.11 ? 648 HOH B O   1 
HETATM 1500 O O   . HOH M 5 .  ? -9.070  -12.779 3.418   1.00 63.66 ? 649 HOH B O   1 
HETATM 1501 O O   . HOH M 5 .  ? -11.644 -19.899 2.093   1.00 56.14 ? 650 HOH B O   1 
HETATM 1502 O O   . HOH M 5 .  ? 27.928  -3.298  12.498  1.00 54.67 ? 651 HOH B O   1 
HETATM 1503 O O   . HOH M 5 .  ? -3.926  -24.129 1.254   1.00 57.10 ? 652 HOH B O   1 
HETATM 1504 O O   . HOH M 5 .  ? -9.925  -20.966 1.164   1.00 57.84 ? 653 HOH B O   1 
HETATM 1505 O O   . HOH M 5 .  ? -0.253  -12.313 5.650   1.00 63.02 ? 654 HOH B O   1 
HETATM 1506 O O   . HOH N 5 .  ? 0.397   8.835   -7.932  1.00 29.82 ? 601 HOH C O   1 
HETATM 1507 O O   . HOH N 5 .  ? -0.264  11.270  -6.796  1.00 30.08 ? 602 HOH C O   1 
HETATM 1508 O O   . HOH N 5 .  ? 2.226   41.022  13.552  1.00 37.11 ? 603 HOH C O   1 
HETATM 1509 O O   . HOH N 5 .  ? 4.967   16.726  -6.656  1.00 38.44 ? 604 HOH C O   1 
HETATM 1510 O O   . HOH N 5 .  ? 11.664  19.677  -3.012  1.00 41.32 ? 605 HOH C O   1 
HETATM 1511 O O   . HOH N 5 .  ? 10.465  39.465  8.959   1.00 39.76 ? 606 HOH C O   1 
HETATM 1512 O O   . HOH N 5 .  ? 5.125   -8.897  -15.475 1.00 47.59 ? 607 HOH C O   1 
HETATM 1513 O O   . HOH N 5 .  ? 0.181   27.882  4.388   1.00 34.51 ? 608 HOH C O   1 
HETATM 1514 O O   . HOH N 5 .  ? 2.796   31.435  10.195  1.00 37.56 ? 609 HOH C O   1 
HETATM 1515 O O   . HOH N 5 .  ? 3.048   28.448  -0.464  1.00 44.79 ? 610 HOH C O   1 
HETATM 1516 O O   . HOH N 5 .  ? 4.824   -11.821 -13.352 1.00 50.97 ? 611 HOH C O   1 
HETATM 1517 O O   . HOH N 5 .  ? 2.521   47.277  12.511  1.00 45.84 ? 612 HOH C O   1 
HETATM 1518 O O   . HOH N 5 .  ? 1.107   37.267  8.517   1.00 38.02 ? 613 HOH C O   1 
HETATM 1519 O O   . HOH N 5 .  ? 1.454   33.239  3.511   1.00 38.49 ? 614 HOH C O   1 
HETATM 1520 O O   . HOH N 5 .  ? 0.306   8.074   -10.623 1.00 38.77 ? 615 HOH C O   1 
HETATM 1521 O O   . HOH N 5 .  ? 1.527   35.844  4.032   1.00 46.71 ? 616 HOH C O   1 
HETATM 1522 O O   . HOH N 5 .  ? 0.805   39.925  9.109   1.00 38.12 ? 617 HOH C O   1 
HETATM 1523 O O   . HOH N 5 .  ? 0.293   40.123  11.578  1.00 42.46 ? 618 HOH C O   1 
HETATM 1524 O O   . HOH N 5 .  ? 5.390   22.456  -3.336  1.00 41.73 ? 619 HOH C O   1 
HETATM 1525 O O   . HOH N 5 .  ? 0.158   10.386  -0.298  1.00 52.33 ? 620 HOH C O   1 
HETATM 1526 O O   . HOH N 5 .  ? 5.549   -13.735 -11.300 1.00 55.93 ? 621 HOH C O   1 
HETATM 1527 O O   . HOH N 5 .  ? 5.362   13.792  -8.789  1.00 40.94 ? 622 HOH C O   1 
HETATM 1528 O O   . HOH N 5 .  ? 8.166   54.829  14.388  1.00 62.84 ? 623 HOH C O   1 
HETATM 1529 O O   . HOH N 5 .  ? 7.876   31.028  2.333   1.00 46.44 ? 624 HOH C O   1 
HETATM 1530 O O   . HOH N 5 .  ? 7.383   52.202  13.178  1.00 46.33 ? 625 HOH C O   1 
HETATM 1531 O O   . HOH N 5 .  ? 4.233   42.767  6.826   1.00 40.89 ? 626 HOH C O   1 
HETATM 1532 O O   . HOH N 5 .  ? 2.599   33.977  11.514  1.00 42.83 ? 627 HOH C O   1 
HETATM 1533 O O   . HOH N 5 .  ? -1.714  2.164   -9.612  1.00 47.13 ? 628 HOH C O   1 
HETATM 1534 O O   . HOH N 5 .  ? 4.301   30.880  -0.018  1.00 51.06 ? 629 HOH C O   1 
HETATM 1535 O O   . HOH N 5 .  ? 13.765  51.595  24.290  1.00 46.45 ? 630 HOH C O   1 
HETATM 1536 O O   . HOH N 5 .  ? 4.437   12.624  4.324   1.00 62.23 ? 631 HOH C O   1 
HETATM 1537 O O   . HOH N 5 .  ? 0.064   45.667  12.974  1.00 38.41 ? 632 HOH C O   1 
HETATM 1538 O O   . HOH N 5 .  ? 11.949  47.147  15.578  1.00 52.39 ? 633 HOH C O   1 
HETATM 1539 O O   . HOH N 5 .  ? 4.822   11.458  1.911   1.00 46.47 ? 634 HOH C O   1 
HETATM 1540 O O   . HOH N 5 .  ? 13.829  54.057  23.365  1.00 50.22 ? 635 HOH C O   1 
HETATM 1541 O O   . HOH N 5 .  ? 12.442  40.878  13.162  1.00 53.45 ? 636 HOH C O   1 
HETATM 1542 O O   . HOH N 5 .  ? 0.416   26.259  -6.084  1.00 52.72 ? 637 HOH C O   1 
HETATM 1543 O O   . HOH N 5 .  ? 3.459   47.700  9.750   1.00 48.94 ? 638 HOH C O   1 
HETATM 1544 O O   . HOH N 5 .  ? 11.174  41.353  10.772  1.00 46.78 ? 639 HOH C O   1 
HETATM 1545 O O   . HOH N 5 .  ? 0.486   -2.573  -14.966 1.00 52.79 ? 640 HOH C O   1 
HETATM 1546 O O   . HOH N 5 .  ? 0.120   36.794  6.013   1.00 47.33 ? 641 HOH C O   1 
HETATM 1547 O O   . HOH N 5 .  ? 1.725   14.756  6.895   1.00 55.35 ? 642 HOH C O   1 
HETATM 1548 O O   . HOH N 5 .  ? 5.520   2.534   -16.475 1.00 59.50 ? 643 HOH C O   1 
HETATM 1549 O O   . HOH N 5 .  ? 6.404   10.009  2.821   1.00 52.13 ? 644 HOH C O   1 
HETATM 1550 O O   . HOH N 5 .  ? 11.456  43.935  10.304  1.00 48.01 ? 645 HOH C O   1 
HETATM 1551 O O   . HOH N 5 .  ? 0.809   6.409   -1.305  1.00 51.24 ? 646 HOH C O   1 
HETATM 1552 O O   . HOH N 5 .  ? 14.736  55.837  25.698  1.00 59.49 ? 647 HOH C O   1 
HETATM 1553 O O   . HOH N 5 .  ? 6.202   -12.156 -15.464 1.00 64.66 ? 648 HOH C O   1 
HETATM 1554 O O   . HOH N 5 .  ? 6.197   -13.207 -9.043  1.00 62.42 ? 649 HOH C O   1 
HETATM 1555 O O   . HOH N 5 .  ? 1.097   3.725   -0.352  1.00 63.60 ? 650 HOH C O   1 
HETATM 1556 O O   . HOH N 5 .  ? 9.886   46.498  10.212  1.00 51.16 ? 651 HOH C O   1 
HETATM 1557 O O   . HOH N 5 .  ? 9.481   33.321  3.377   1.00 58.18 ? 652 HOH C O   1 
HETATM 1558 O O   . HOH N 5 .  ? 1.162   43.553  14.146  1.00 38.22 ? 653 HOH C O   1 
HETATM 1559 O O   . HOH N 5 .  ? 7.733   40.463  4.782   1.00 52.17 ? 654 HOH C O   1 
HETATM 1560 O O   . HOH N 5 .  ? 3.640   29.584  11.984  1.00 44.26 ? 655 HOH C O   1 
HETATM 1561 O O   . HOH N 5 .  ? 13.812  48.310  16.851  1.00 61.76 ? 656 HOH C O   1 
HETATM 1562 O O   . HOH N 5 .  ? 7.152   47.948  6.886   1.00 54.21 ? 657 HOH C O   1 
HETATM 1563 O O   . HOH N 5 .  ? 2.109   32.459  13.815  1.00 51.22 ? 658 HOH C O   1 
HETATM 1564 O O   . HOH N 5 .  ? 0.303   35.550  10.553  1.00 53.96 ? 659 HOH C O   1 
HETATM 1565 O O   . HOH N 5 .  ? 5.191   13.101  -11.283 1.00 50.25 ? 660 HOH C O   1 
HETATM 1566 O O   . HOH N 5 .  ? 6.057   42.293  4.955   1.00 55.56 ? 661 HOH C O   1 
HETATM 1567 O O   . HOH N 5 .  ? -3.112  44.281  20.062  1.00 48.45 ? 662 HOH C O   1 
HETATM 1568 O O   . HOH N 5 .  ? 12.706  53.822  17.170  1.00 59.02 ? 663 HOH C O   1 
HETATM 1569 O O   . HOH N 5 .  ? -1.775  42.134  15.179  1.00 62.75 ? 664 HOH C O   1 
HETATM 1570 O O   . HOH N 5 .  ? 10.439  41.445  4.692   1.00 58.82 ? 665 HOH C O   1 
HETATM 1571 O O   . HOH N 5 .  ? 3.968   45.662  6.981   1.00 51.17 ? 666 HOH C O   1 
HETATM 1572 O O   . HOH N 5 .  ? 0.274   30.837  9.341   1.00 52.85 ? 667 HOH C O   1 
HETATM 1573 O O   . HOH N 5 .  ? 4.700   0.130   -17.526 1.00 56.54 ? 668 HOH C O   1 
HETATM 1574 O O   . HOH N 5 .  ? 3.191   23.725  -4.656  1.00 56.17 ? 669 HOH C O   1 
HETATM 1575 O O   . HOH N 5 .  ? -1.396  33.630  9.433   1.00 52.36 ? 670 HOH C O   1 
HETATM 1576 O O   . HOH N 5 .  ? 13.695  45.088  11.799  1.00 60.78 ? 671 HOH C O   1 
HETATM 1577 O O   . HOH N 5 .  ? -0.794  -1.794  -12.521 1.00 56.45 ? 672 HOH C O   1 
HETATM 1578 O O   . HOH N 5 .  ? 5.746   58.861  17.877  1.00 60.65 ? 673 HOH C O   1 
HETATM 1579 O O   . HOH N 5 .  ? 1.301   39.505  15.695  1.00 52.06 ? 674 HOH C O   1 
HETATM 1580 O O   . HOH N 5 .  ? 11.639  22.305  0.877   1.00 48.94 ? 675 HOH C O   1 
HETATM 1581 O O   . HOH N 5 .  ? -1.591  -8.679  -11.778 1.00 50.82 ? 676 HOH C O   1 
HETATM 1582 O O   . HOH N 5 .  ? 4.964   27.393  -3.060  1.00 59.31 ? 677 HOH C O   1 
HETATM 1583 O O   . HOH N 5 .  ? 13.539  24.607  0.136   1.00 65.99 ? 678 HOH C O   1 
HETATM 1584 O O   . HOH N 5 .  ? 10.490  22.628  -4.464  1.00 62.16 ? 679 HOH C O   1 
HETATM 1585 O O   . HOH N 5 .  ? 12.896  42.395  18.061  1.00 51.79 ? 680 HOH C O   1 
HETATM 1586 O O   . HOH N 5 .  ? 14.055  47.946  22.439  1.00 62.76 ? 681 HOH C O   1 
HETATM 1587 O O   . HOH N 5 .  ? -0.426  43.153  22.843  1.00 55.96 ? 682 HOH C O   1 
HETATM 1588 O O   . HOH N 5 .  ? -1.422  26.672  1.178   1.00 56.47 ? 683 HOH C O   1 
# 
